data_8T0E
#
_entry.id   8T0E
#
_cell.length_a   1.00
_cell.length_b   1.00
_cell.length_c   1.00
_cell.angle_alpha   90.00
_cell.angle_beta   90.00
_cell.angle_gamma   90.00
#
_symmetry.space_group_name_H-M   'P 1'
#
loop_
_entity.id
_entity.type
_entity.pdbx_description
1 polymer 'Transient receptor potential cation channel subfamily V member 1'
2 non-polymer '(2R)-3-{[(R)-hydroxy{[(1S,2R,3R,4S,5S,6R)-2,3,4,5,6-pentahydroxycyclohexyl]oxy}phosphoryl]oxy}propane-1,2-diyl dioctadecanoate'
3 non-polymer 'SODIUM ION'
4 water water
#
_entity_poly.entity_id   1
_entity_poly.type   'polypeptide(L)'
_entity_poly.pdbx_seq_one_letter_code
;MEQRASLDSEESESPPQENSCLDPPDRDPNCKPPPVKPHIFTTRSRTRLFGKGDSEEASPLDCPYEEGGLASCPIITVSS
VLTIQRPGDGPASVRPSSQDSVSAGEKPPRLYDRRSIFDAVAQSNCQELESLLPFLQRSKKRLTDSEFKDPETGKTCLLK
AMLNLHNGQNDTIALLLDVARKTDSLKQFVNASYTDSYYKGQTALHIAIERRNMTLVTLLVENGADVQAAANGDFFKKTK
GRPGFYFGELPLSLAACTNQLAIVKFLLQNSWQPADISARDSVGNTVLHALVEVADNTVDNTKFVTSMYNEILILGAKLH
PTLKLEEITNRKGLTPLALAASSGKIGVLAYILQREIHEPECRHLSRKFTEWAYGPVHSSLYDLSCIDTCEKNSVLEVIA
YSSSETPNRHDMLLVEPLNRLLQDKWDRFVKRIFYFNFFVYCLYMIIFTAAAYYRPVEGLPPYKLKNTVGDYFRVTGEIL
SVSGGVYFFFRGIQYFLQRRPSLKSLFVDSYSEILFFVQSLFMLVSVVLYFSQRKEYVASMVFSLAMGWTNMLYYTRGFQ
QMGIYAVMIEKMILRDLCRFMFVYLVFLFGFSTAVVTLIEDGKYNSLYSTCLELFKFTIGMGDLEFTENYDFKAVFIILL
LAYVILTYILLLNMLIALMGETVNKIAQESKNIWKLQRAITILDTEKSFLKCMRKAFRSGKLLQVGFTPDGKDDYRWCFR
VDEVNWTTWNTNVGIINEDPGNCEGVKRTLSFSLRSGRVSGRNWKNFALVPLLRDASTRDRHATQQEEVQLKHYTGSLKP
EDAEVFKDSMVPGEK
;
_entity_poly.pdbx_strand_id   A,D,B,C
#
# COMPACT_ATOMS: atom_id res chain seq x y z
N TYR A 199 -50.59 5.69 14.41
CA TYR A 199 -51.22 4.41 13.97
C TYR A 199 -52.73 4.57 13.86
N LYS A 200 -53.30 4.01 12.79
CA LYS A 200 -54.75 4.13 12.49
C LYS A 200 -55.40 2.80 12.09
N GLY A 201 -54.66 1.76 11.69
CA GLY A 201 -55.26 0.54 11.19
C GLY A 201 -54.70 -0.72 11.81
N GLN A 202 -54.37 -0.67 13.10
CA GLN A 202 -53.82 -1.83 13.81
C GLN A 202 -54.93 -2.82 14.14
N THR A 203 -55.59 -3.31 13.09
CA THR A 203 -56.71 -4.23 13.26
C THR A 203 -56.22 -5.55 13.83
N ALA A 204 -57.19 -6.38 14.25
CA ALA A 204 -56.87 -7.64 14.90
C ALA A 204 -55.96 -8.50 14.02
N LEU A 205 -56.32 -8.66 12.76
CA LEU A 205 -55.50 -9.45 11.86
C LEU A 205 -54.14 -8.82 11.64
N HIS A 206 -54.13 -7.49 11.63
CA HIS A 206 -52.87 -6.76 11.46
C HIS A 206 -51.98 -7.24 12.60
N ILE A 207 -52.41 -7.08 13.85
CA ILE A 207 -51.61 -7.43 15.03
C ILE A 207 -51.21 -8.90 14.96
N ALA A 208 -52.14 -9.78 14.58
CA ALA A 208 -51.83 -11.20 14.52
C ALA A 208 -50.68 -11.47 13.55
N ILE A 209 -50.72 -10.84 12.37
CA ILE A 209 -49.65 -11.01 11.40
C ILE A 209 -48.35 -10.46 11.97
N GLU A 210 -48.41 -9.27 12.57
CA GLU A 210 -47.22 -8.70 13.19
C GLU A 210 -46.69 -9.60 14.29
N ARG A 211 -47.58 -10.35 14.95
CA ARG A 211 -47.15 -11.26 16.01
C ARG A 211 -46.62 -12.58 15.46
N ARG A 212 -46.87 -12.85 14.19
CA ARG A 212 -46.33 -14.04 13.48
C ARG A 212 -46.78 -15.33 14.17
N ASN A 213 -48.09 -15.58 14.26
CA ASN A 213 -48.66 -16.82 14.78
C ASN A 213 -49.60 -17.41 13.74
N MET A 214 -49.52 -18.73 13.54
CA MET A 214 -50.30 -19.40 12.52
C MET A 214 -51.72 -19.71 12.98
N THR A 215 -52.02 -19.59 14.27
CA THR A 215 -53.32 -19.95 14.81
C THR A 215 -54.29 -18.77 14.86
N LEU A 216 -53.84 -17.63 15.40
CA LEU A 216 -54.70 -16.45 15.45
C LEU A 216 -55.08 -16.00 14.05
N VAL A 217 -54.14 -16.10 13.10
CA VAL A 217 -54.43 -15.70 11.73
C VAL A 217 -55.56 -16.54 11.17
N THR A 218 -55.50 -17.86 11.37
CA THR A 218 -56.58 -18.72 10.88
C THR A 218 -57.88 -18.43 11.60
N LEU A 219 -57.82 -18.23 12.92
CA LEU A 219 -59.04 -17.95 13.67
C LEU A 219 -59.70 -16.66 13.21
N LEU A 220 -58.91 -15.70 12.75
CA LEU A 220 -59.50 -14.51 12.14
C LEU A 220 -59.97 -14.79 10.72
N VAL A 221 -59.27 -15.68 10.01
CA VAL A 221 -59.65 -16.00 8.63
C VAL A 221 -61.05 -16.58 8.60
N GLU A 222 -61.33 -17.52 9.50
CA GLU A 222 -62.70 -18.00 9.61
C GLU A 222 -63.62 -16.83 9.96
N ASN A 223 -64.92 -17.05 9.77
CA ASN A 223 -65.96 -16.03 9.95
C ASN A 223 -65.66 -14.75 9.17
N GLY A 224 -64.83 -14.84 8.13
CA GLY A 224 -64.64 -13.75 7.20
C GLY A 224 -64.14 -12.42 7.74
N ALA A 225 -62.95 -12.41 8.34
CA ALA A 225 -62.33 -11.16 8.72
C ALA A 225 -62.02 -10.29 7.50
N ASP A 226 -62.27 -8.98 7.63
CA ASP A 226 -62.01 -8.07 6.53
C ASP A 226 -60.52 -8.06 6.19
N VAL A 227 -60.21 -8.00 4.90
CA VAL A 227 -58.82 -8.09 4.45
C VAL A 227 -58.48 -6.95 3.49
N GLN A 228 -59.16 -5.82 3.57
CA GLN A 228 -58.85 -4.66 2.69
C GLN A 228 -58.86 -3.39 3.53
N ALA A 229 -58.23 -3.43 4.70
CA ALA A 229 -58.12 -2.29 5.60
C ALA A 229 -56.76 -1.63 5.41
N ALA A 230 -56.76 -0.30 5.27
CA ALA A 230 -55.55 0.47 5.04
C ALA A 230 -55.21 1.27 6.29
N ALA A 231 -54.00 1.06 6.81
CA ALA A 231 -53.54 1.73 8.03
C ALA A 231 -52.82 3.02 7.64
N ASN A 232 -53.57 4.10 7.46
CA ASN A 232 -52.95 5.38 7.06
C ASN A 232 -52.54 6.15 8.32
N GLY A 233 -52.35 5.48 9.46
CA GLY A 233 -51.86 6.17 10.65
C GLY A 233 -50.49 6.77 10.41
N ASP A 234 -50.25 7.94 11.02
CA ASP A 234 -48.98 8.62 10.85
C ASP A 234 -47.81 7.72 11.21
N PHE A 235 -48.01 6.81 12.17
CA PHE A 235 -46.97 5.84 12.49
C PHE A 235 -46.78 4.81 11.38
N PHE A 236 -47.73 4.71 10.45
CA PHE A 236 -47.67 3.72 9.39
C PHE A 236 -47.33 4.33 8.03
N LYS A 237 -46.99 5.62 7.99
CA LYS A 237 -46.59 6.27 6.75
C LYS A 237 -45.07 6.29 6.66
N LYS A 238 -44.58 6.90 5.58
CA LYS A 238 -43.12 6.99 5.33
C LYS A 238 -42.61 8.39 5.67
N THR A 239 -41.71 8.49 6.64
CA THR A 239 -41.05 9.77 6.98
C THR A 239 -40.18 9.48 8.20
N LYS A 240 -39.19 10.31 8.45
CA LYS A 240 -38.25 10.09 9.55
C LYS A 240 -38.95 10.28 10.90
N GLY A 241 -39.78 11.31 11.03
CA GLY A 241 -40.43 11.60 12.28
C GLY A 241 -41.21 10.42 12.82
N ARG A 242 -41.06 10.14 14.11
CA ARG A 242 -41.69 8.99 14.76
C ARG A 242 -41.39 7.72 13.93
N PRO A 243 -40.12 7.32 13.84
CA PRO A 243 -39.77 6.20 12.96
C PRO A 243 -40.64 4.97 13.18
N GLY A 244 -41.46 4.63 12.19
CA GLY A 244 -42.31 3.46 12.26
C GLY A 244 -41.81 2.36 11.34
N PHE A 245 -42.72 1.77 10.57
CA PHE A 245 -42.34 0.72 9.62
C PHE A 245 -43.35 0.72 8.48
N TYR A 246 -42.99 1.36 7.38
CA TYR A 246 -43.83 1.32 6.19
C TYR A 246 -43.74 -0.05 5.54
N PHE A 247 -44.89 -0.60 5.17
CA PHE A 247 -44.97 -1.94 4.62
C PHE A 247 -45.84 -2.07 3.40
N GLY A 248 -46.63 -1.05 3.06
CA GLY A 248 -47.52 -1.13 1.91
C GLY A 248 -48.95 -0.82 2.27
N GLU A 249 -49.18 -0.91 3.57
CA GLU A 249 -50.46 -0.50 4.20
C GLU A 249 -51.59 -1.51 4.09
N LEU A 250 -51.32 -2.64 3.50
CA LEU A 250 -52.32 -3.67 3.30
C LEU A 250 -51.91 -4.95 4.01
N PRO A 251 -52.87 -5.74 4.47
CA PRO A 251 -52.50 -6.97 5.20
C PRO A 251 -51.60 -7.89 4.39
N LEU A 252 -51.89 -8.05 3.10
CA LEU A 252 -51.02 -8.86 2.24
C LEU A 252 -49.63 -8.26 2.18
N SER A 253 -49.55 -6.94 1.98
CA SER A 253 -48.25 -6.29 1.95
C SER A 253 -47.53 -6.44 3.27
N LEU A 254 -48.24 -6.27 4.39
CA LEU A 254 -47.61 -6.44 5.69
C LEU A 254 -47.04 -7.83 5.84
N ALA A 255 -47.85 -8.85 5.54
CA ALA A 255 -47.35 -10.23 5.63
C ALA A 255 -46.12 -10.41 4.75
N ALA A 256 -46.10 -9.76 3.60
CA ALA A 256 -44.94 -9.88 2.71
C ALA A 256 -43.70 -9.27 3.34
N CYS A 257 -43.81 -8.03 3.82
CA CYS A 257 -42.66 -7.36 4.40
C CYS A 257 -42.09 -8.13 5.57
N THR A 258 -42.93 -8.90 6.27
CA THR A 258 -42.49 -9.68 7.43
C THR A 258 -41.87 -11.01 7.03
N ASN A 259 -41.81 -11.34 5.75
CA ASN A 259 -41.22 -12.60 5.28
C ASN A 259 -42.04 -13.80 5.76
N GLN A 260 -43.35 -13.64 5.74
CA GLN A 260 -44.25 -14.73 6.18
C GLN A 260 -44.75 -15.47 4.94
N LEU A 261 -43.90 -16.29 4.33
CA LEU A 261 -44.33 -17.12 3.21
C LEU A 261 -45.37 -18.13 3.66
N ALA A 262 -45.20 -18.72 4.84
CA ALA A 262 -46.14 -19.72 5.32
C ALA A 262 -47.56 -19.17 5.32
N ILE A 263 -47.74 -17.99 5.92
CA ILE A 263 -49.06 -17.35 5.88
C ILE A 263 -49.49 -17.15 4.43
N VAL A 264 -48.59 -16.58 3.62
CA VAL A 264 -48.89 -16.40 2.21
C VAL A 264 -49.22 -17.77 1.59
N LYS A 265 -49.94 -17.72 0.46
CA LYS A 265 -50.62 -18.83 -0.19
C LYS A 265 -51.96 -19.08 0.48
N PHE A 266 -52.28 -18.34 1.56
CA PHE A 266 -53.65 -18.32 2.05
C PHE A 266 -54.59 -17.70 1.02
N LEU A 267 -54.02 -17.00 0.03
CA LEU A 267 -54.84 -16.30 -0.95
C LEU A 267 -55.70 -17.27 -1.74
N LEU A 268 -56.79 -16.74 -2.29
CA LEU A 268 -57.72 -17.49 -3.12
C LEU A 268 -58.12 -18.81 -2.45
N GLN A 269 -58.79 -18.67 -1.31
CA GLN A 269 -59.33 -19.80 -0.56
C GLN A 269 -60.76 -19.45 -0.13
N ASN A 270 -61.38 -20.36 0.61
CA ASN A 270 -62.76 -20.23 1.03
C ASN A 270 -62.84 -19.70 2.46
N SER A 271 -64.06 -19.36 2.88
CA SER A 271 -64.27 -18.66 4.14
C SER A 271 -63.37 -17.44 4.21
N TRP A 272 -63.27 -16.78 3.04
CA TRP A 272 -62.26 -15.72 2.87
C TRP A 272 -62.80 -14.60 1.99
N GLN A 273 -62.08 -13.48 1.95
CA GLN A 273 -62.43 -12.31 1.16
C GLN A 273 -61.27 -11.93 0.26
N PRO A 274 -61.54 -11.25 -0.86
CA PRO A 274 -60.50 -11.04 -1.89
C PRO A 274 -59.20 -10.46 -1.34
N ALA A 275 -58.08 -10.94 -1.89
CA ALA A 275 -56.76 -10.38 -1.64
C ALA A 275 -56.08 -10.07 -2.97
N ASP A 276 -56.80 -9.35 -3.81
CA ASP A 276 -56.30 -8.93 -5.15
C ASP A 276 -54.83 -8.55 -5.13
N ILE A 277 -54.02 -9.22 -5.94
CA ILE A 277 -52.62 -8.82 -6.03
C ILE A 277 -52.51 -7.41 -6.57
N SER A 278 -53.52 -6.94 -7.30
CA SER A 278 -53.51 -5.60 -7.90
C SER A 278 -54.08 -4.55 -6.95
N ALA A 279 -54.01 -4.78 -5.64
CA ALA A 279 -54.49 -3.80 -4.69
C ALA A 279 -53.67 -2.52 -4.79
N ARG A 280 -54.08 -1.50 -4.05
CA ARG A 280 -53.41 -0.21 -4.07
C ARG A 280 -53.60 0.49 -2.75
N ASP A 281 -52.56 1.12 -2.23
CA ASP A 281 -52.65 1.85 -0.94
C ASP A 281 -52.88 3.32 -1.24
N SER A 282 -52.69 4.18 -0.25
CA SER A 282 -52.89 5.61 -0.42
C SER A 282 -51.91 6.20 -1.43
N VAL A 283 -50.78 5.54 -1.67
CA VAL A 283 -49.80 5.98 -2.64
C VAL A 283 -49.76 5.08 -3.86
N GLY A 284 -50.67 4.11 -3.95
CA GLY A 284 -50.78 3.25 -5.11
C GLY A 284 -49.81 2.10 -5.16
N ASN A 285 -48.95 1.94 -4.16
CA ASN A 285 -47.97 0.86 -4.18
C ASN A 285 -48.68 -0.48 -4.02
N THR A 286 -48.20 -1.47 -4.76
CA THR A 286 -48.70 -2.83 -4.69
C THR A 286 -47.83 -3.64 -3.74
N VAL A 287 -48.07 -4.95 -3.67
CA VAL A 287 -47.21 -5.82 -2.88
C VAL A 287 -45.79 -5.78 -3.42
N LEU A 288 -45.65 -5.81 -4.74
CA LEU A 288 -44.32 -5.78 -5.34
C LEU A 288 -43.61 -4.48 -5.01
N HIS A 289 -44.36 -3.37 -5.06
CA HIS A 289 -43.79 -2.08 -4.68
C HIS A 289 -43.30 -2.11 -3.24
N ALA A 290 -44.09 -2.70 -2.34
CA ALA A 290 -43.66 -2.81 -0.95
C ALA A 290 -42.38 -3.63 -0.84
N LEU A 291 -42.31 -4.74 -1.56
CA LEU A 291 -41.11 -5.57 -1.52
C LEU A 291 -39.89 -4.79 -1.95
N VAL A 292 -39.99 -4.05 -3.05
CA VAL A 292 -38.84 -3.28 -3.50
C VAL A 292 -38.49 -2.18 -2.50
N GLU A 293 -39.52 -1.60 -1.87
CA GLU A 293 -39.26 -0.53 -0.90
C GLU A 293 -38.49 -1.05 0.31
N VAL A 294 -38.92 -2.18 0.86
CA VAL A 294 -38.34 -2.65 2.12
C VAL A 294 -36.87 -3.00 1.95
N ALA A 295 -36.48 -3.51 0.79
CA ALA A 295 -35.10 -3.97 0.61
C ALA A 295 -34.12 -2.84 0.90
N ASP A 296 -33.01 -3.19 1.54
CA ASP A 296 -31.97 -2.24 1.92
C ASP A 296 -30.61 -2.63 1.36
N ASN A 297 -30.59 -3.45 0.31
CA ASN A 297 -29.37 -3.82 -0.39
C ASN A 297 -28.41 -4.62 0.48
N THR A 298 -28.89 -5.21 1.56
CA THR A 298 -28.05 -6.08 2.38
C THR A 298 -28.02 -7.47 1.73
N VAL A 299 -27.47 -8.46 2.42
CA VAL A 299 -27.30 -9.78 1.85
C VAL A 299 -28.56 -10.62 2.04
N ASP A 300 -28.93 -10.83 3.31
CA ASP A 300 -30.10 -11.66 3.66
C ASP A 300 -31.31 -10.96 3.11
N ASN A 301 -31.42 -9.66 3.35
CA ASN A 301 -32.58 -8.90 2.92
C ASN A 301 -32.79 -9.07 1.43
N THR A 302 -31.74 -8.85 0.68
CA THR A 302 -31.81 -9.12 -0.76
C THR A 302 -32.39 -10.50 -0.91
N LYS A 303 -31.70 -11.49 -0.38
CA LYS A 303 -32.01 -12.92 -0.63
C LYS A 303 -33.49 -13.18 -0.42
N PHE A 304 -34.00 -12.81 0.73
CA PHE A 304 -35.39 -13.11 1.10
C PHE A 304 -36.29 -12.37 0.15
N VAL A 305 -36.12 -11.08 0.05
CA VAL A 305 -37.00 -10.19 -0.72
C VAL A 305 -37.11 -10.70 -2.16
N THR A 306 -35.98 -11.06 -2.77
CA THR A 306 -36.05 -11.60 -4.12
C THR A 306 -36.85 -12.90 -4.14
N SER A 307 -36.62 -13.76 -3.14
CA SER A 307 -37.28 -15.06 -3.13
C SER A 307 -38.80 -14.91 -3.06
N MET A 308 -39.23 -14.05 -2.15
CA MET A 308 -40.67 -13.78 -2.01
C MET A 308 -41.12 -13.21 -3.32
N TYR A 309 -40.53 -12.10 -3.75
CA TYR A 309 -40.98 -11.45 -4.97
C TYR A 309 -41.26 -12.49 -6.04
N ASN A 310 -40.32 -13.41 -6.22
CA ASN A 310 -40.55 -14.56 -7.10
C ASN A 310 -41.84 -15.28 -6.74
N GLU A 311 -41.90 -15.80 -5.51
CA GLU A 311 -43.02 -16.65 -5.11
C GLU A 311 -44.36 -15.98 -5.39
N ILE A 312 -44.48 -14.70 -5.03
CA ILE A 312 -45.70 -13.96 -5.34
C ILE A 312 -45.92 -13.91 -6.83
N LEU A 313 -44.86 -13.71 -7.61
CA LEU A 313 -45.01 -13.68 -9.06
C LEU A 313 -45.61 -14.99 -9.57
N ILE A 314 -45.05 -16.11 -9.14
CA ILE A 314 -45.52 -17.41 -9.61
C ILE A 314 -46.97 -17.65 -9.18
N LEU A 315 -47.28 -17.37 -7.92
CA LEU A 315 -48.65 -17.61 -7.46
C LEU A 315 -49.65 -16.73 -8.19
N GLY A 316 -49.31 -15.46 -8.39
CA GLY A 316 -50.20 -14.59 -9.14
C GLY A 316 -50.41 -15.08 -10.56
N ALA A 317 -49.34 -15.53 -11.21
CA ALA A 317 -49.49 -16.09 -12.55
C ALA A 317 -50.41 -17.31 -12.52
N LYS A 318 -50.24 -18.17 -11.51
CA LYS A 318 -51.06 -19.38 -11.41
C LYS A 318 -52.54 -19.02 -11.28
N LEU A 319 -52.86 -18.10 -10.36
CA LEU A 319 -54.27 -17.84 -10.09
C LEU A 319 -54.92 -17.02 -11.20
N HIS A 320 -54.22 -16.01 -11.71
CA HIS A 320 -54.74 -15.14 -12.76
C HIS A 320 -53.69 -15.02 -13.86
N PRO A 321 -53.56 -16.04 -14.71
CA PRO A 321 -52.57 -15.97 -15.79
C PRO A 321 -52.84 -14.85 -16.79
N THR A 322 -54.06 -14.34 -16.84
CA THR A 322 -54.41 -13.27 -17.77
C THR A 322 -54.08 -11.88 -17.25
N LEU A 323 -53.55 -11.78 -16.02
CA LEU A 323 -53.18 -10.51 -15.43
C LEU A 323 -51.69 -10.26 -15.60
N LYS A 324 -51.32 -8.98 -15.72
CA LYS A 324 -49.94 -8.56 -15.95
C LYS A 324 -49.56 -7.62 -14.81
N LEU A 325 -48.79 -8.13 -13.86
CA LEU A 325 -48.49 -7.36 -12.64
C LEU A 325 -47.54 -6.21 -12.93
N GLU A 326 -46.34 -6.53 -13.38
CA GLU A 326 -45.23 -5.56 -13.46
C GLU A 326 -45.49 -4.31 -14.29
N GLU A 327 -46.55 -4.20 -15.07
CA GLU A 327 -46.88 -2.93 -15.71
C GLU A 327 -47.80 -2.07 -14.85
N ILE A 328 -48.23 -2.57 -13.68
CA ILE A 328 -48.94 -1.72 -12.74
C ILE A 328 -48.04 -0.57 -12.32
N THR A 329 -48.65 0.60 -12.08
CA THR A 329 -47.90 1.78 -11.71
C THR A 329 -48.60 2.46 -10.55
N ASN A 330 -47.81 3.17 -9.74
CA ASN A 330 -48.30 3.85 -8.56
C ASN A 330 -48.75 5.27 -8.93
N ARG A 331 -49.00 6.09 -7.92
CA ARG A 331 -49.38 7.50 -8.15
C ARG A 331 -48.24 8.15 -8.93
N LYS A 332 -47.00 7.90 -8.55
CA LYS A 332 -45.86 8.42 -9.30
C LYS A 332 -45.79 7.87 -10.70
N GLY A 333 -46.54 6.82 -11.02
CA GLY A 333 -46.49 6.23 -12.33
C GLY A 333 -45.25 5.41 -12.59
N LEU A 334 -44.62 4.89 -11.54
CA LEU A 334 -43.39 4.12 -11.66
C LEU A 334 -43.68 2.64 -11.44
N THR A 335 -43.25 1.81 -12.38
CA THR A 335 -43.37 0.37 -12.24
C THR A 335 -42.41 -0.10 -11.14
N PRO A 336 -42.69 -1.26 -10.53
CA PRO A 336 -41.80 -1.74 -9.47
C PRO A 336 -40.35 -1.83 -9.93
N LEU A 337 -40.11 -2.31 -11.15
CA LEU A 337 -38.76 -2.26 -11.69
C LEU A 337 -38.29 -0.83 -11.82
N ALA A 338 -39.15 0.07 -12.31
CA ALA A 338 -38.79 1.47 -12.41
C ALA A 338 -38.52 2.06 -11.03
N LEU A 339 -39.36 1.72 -10.04
CA LEU A 339 -39.15 2.23 -8.70
C LEU A 339 -37.80 1.79 -8.15
N ALA A 340 -37.47 0.51 -8.33
CA ALA A 340 -36.18 0.02 -7.86
C ALA A 340 -35.04 0.74 -8.57
N ALA A 341 -35.17 0.95 -9.87
CA ALA A 341 -34.12 1.63 -10.62
C ALA A 341 -33.93 3.05 -10.12
N SER A 342 -35.02 3.74 -9.82
CA SER A 342 -34.97 5.13 -9.39
C SER A 342 -34.72 5.27 -7.89
N SER A 343 -34.65 4.17 -7.15
CA SER A 343 -34.58 4.23 -5.70
C SER A 343 -33.28 3.70 -5.10
N GLY A 344 -32.41 3.08 -5.89
CA GLY A 344 -31.11 2.66 -5.40
C GLY A 344 -31.01 1.22 -4.95
N LYS A 345 -31.99 0.38 -5.27
CA LYS A 345 -31.99 -1.02 -4.81
C LYS A 345 -31.33 -1.87 -5.88
N ILE A 346 -30.01 -2.07 -5.74
CA ILE A 346 -29.26 -2.79 -6.75
C ILE A 346 -29.60 -4.27 -6.74
N GLY A 347 -29.79 -4.85 -5.56
CA GLY A 347 -30.03 -6.29 -5.49
C GLY A 347 -31.25 -6.73 -6.28
N VAL A 348 -32.36 -6.03 -6.08
CA VAL A 348 -33.57 -6.38 -6.81
C VAL A 348 -33.40 -6.11 -8.29
N LEU A 349 -32.71 -5.02 -8.64
CA LEU A 349 -32.46 -4.75 -10.06
C LEU A 349 -31.76 -5.94 -10.70
N ALA A 350 -30.69 -6.42 -10.06
CA ALA A 350 -29.99 -7.59 -10.58
C ALA A 350 -30.90 -8.80 -10.64
N TYR A 351 -31.75 -8.98 -9.62
CA TYR A 351 -32.62 -10.15 -9.60
C TYR A 351 -33.57 -10.13 -10.79
N ILE A 352 -34.42 -9.12 -10.85
CA ILE A 352 -35.41 -8.98 -11.95
C ILE A 352 -34.72 -9.07 -13.28
N LEU A 353 -33.66 -8.32 -13.50
CA LEU A 353 -33.04 -8.26 -14.82
C LEU A 353 -32.42 -9.59 -15.23
N GLN A 354 -32.25 -10.52 -14.28
CA GLN A 354 -31.73 -11.85 -14.58
C GLN A 354 -32.71 -12.93 -14.14
N ARG A 355 -33.99 -12.63 -14.13
CA ARG A 355 -35.01 -13.58 -13.62
C ARG A 355 -35.11 -14.79 -14.53
N GLU A 356 -35.10 -15.98 -13.96
CA GLU A 356 -35.36 -17.23 -14.67
C GLU A 356 -36.35 -18.06 -13.85
N ILE A 357 -37.39 -18.55 -14.51
CA ILE A 357 -38.39 -19.41 -13.91
C ILE A 357 -38.63 -20.55 -14.88
N HIS A 358 -37.99 -21.69 -14.64
CA HIS A 358 -38.17 -22.88 -15.48
C HIS A 358 -39.39 -23.65 -14.96
N GLU A 359 -40.55 -23.07 -15.21
CA GLU A 359 -41.82 -23.56 -14.68
C GLU A 359 -42.73 -23.90 -15.84
N PRO A 360 -43.18 -25.15 -16.01
CA PRO A 360 -43.70 -25.57 -17.32
C PRO A 360 -44.87 -24.76 -17.85
N GLU A 361 -45.79 -24.31 -17.00
CA GLU A 361 -47.06 -23.75 -17.47
C GLU A 361 -47.08 -22.22 -17.49
N CYS A 362 -46.30 -21.55 -16.65
CA CYS A 362 -46.28 -20.09 -16.64
C CYS A 362 -44.85 -19.57 -16.53
N ARG A 363 -43.92 -20.20 -17.24
CA ARG A 363 -42.55 -19.72 -17.28
C ARG A 363 -42.40 -18.42 -18.07
N HIS A 364 -43.45 -18.01 -18.80
CA HIS A 364 -43.34 -16.83 -19.65
C HIS A 364 -42.96 -15.57 -18.90
N LEU A 365 -43.19 -15.53 -17.59
CA LEU A 365 -42.85 -14.34 -16.82
C LEU A 365 -41.34 -14.13 -16.70
N SER A 366 -40.54 -15.16 -16.95
CA SER A 366 -39.11 -15.03 -16.82
C SER A 366 -38.59 -13.97 -17.78
N ARG A 367 -37.40 -13.44 -17.47
CA ARG A 367 -36.78 -12.39 -18.27
C ARG A 367 -35.52 -12.83 -19.00
N LYS A 368 -34.88 -13.91 -18.57
CA LYS A 368 -33.69 -14.43 -19.20
C LYS A 368 -33.99 -15.80 -19.83
N PHE A 369 -33.54 -15.99 -21.06
CA PHE A 369 -33.84 -17.20 -21.81
C PHE A 369 -32.56 -17.79 -22.37
N THR A 370 -32.59 -19.09 -22.62
CA THR A 370 -31.51 -19.82 -23.28
C THR A 370 -32.03 -20.34 -24.61
N GLU A 371 -31.34 -19.98 -25.70
CA GLU A 371 -31.81 -20.36 -27.04
C GLU A 371 -31.30 -21.74 -27.40
N TRP A 372 -29.99 -21.88 -27.59
CA TRP A 372 -29.43 -23.12 -28.08
C TRP A 372 -28.11 -23.40 -27.38
N ALA A 373 -27.84 -24.69 -27.14
CA ALA A 373 -26.61 -25.14 -26.51
C ALA A 373 -26.05 -26.27 -27.37
N TYR A 374 -25.24 -25.92 -28.36
CA TYR A 374 -24.60 -26.90 -29.24
C TYR A 374 -23.31 -27.37 -28.56
N GLY A 375 -23.47 -27.93 -27.36
CA GLY A 375 -22.34 -28.42 -26.60
C GLY A 375 -22.03 -27.54 -25.41
N PRO A 376 -20.76 -27.16 -25.24
CA PRO A 376 -20.38 -26.36 -24.06
C PRO A 376 -20.72 -24.88 -24.19
N VAL A 377 -20.91 -24.38 -25.40
CA VAL A 377 -21.22 -22.97 -25.62
C VAL A 377 -22.69 -22.85 -25.95
N HIS A 378 -23.38 -21.92 -25.27
CA HIS A 378 -24.79 -21.70 -25.49
C HIS A 378 -25.07 -20.20 -25.48
N SER A 379 -26.16 -19.82 -26.16
CA SER A 379 -26.53 -18.43 -26.34
C SER A 379 -27.81 -18.13 -25.56
N SER A 380 -27.83 -16.95 -24.92
CA SER A 380 -28.96 -16.53 -24.11
C SER A 380 -29.52 -15.22 -24.64
N LEU A 381 -30.74 -14.92 -24.22
CA LEU A 381 -31.44 -13.70 -24.62
C LEU A 381 -31.86 -12.92 -23.37
N TYR A 382 -31.70 -11.60 -23.44
CA TYR A 382 -32.13 -10.70 -22.38
C TYR A 382 -33.18 -9.76 -22.93
N ASP A 383 -34.29 -9.63 -22.21
CA ASP A 383 -35.36 -8.74 -22.65
C ASP A 383 -34.93 -7.29 -22.53
N LEU A 384 -35.27 -6.50 -23.56
CA LEU A 384 -34.95 -5.09 -23.58
C LEU A 384 -36.15 -4.19 -23.31
N SER A 385 -37.36 -4.73 -23.28
CA SER A 385 -38.54 -3.92 -23.07
C SER A 385 -38.44 -3.17 -21.74
N CYS A 386 -38.58 -1.84 -21.81
CA CYS A 386 -38.56 -0.98 -20.63
C CYS A 386 -37.16 -0.90 -20.02
N ILE A 387 -36.13 -0.82 -20.88
CA ILE A 387 -34.77 -0.54 -20.47
C ILE A 387 -34.18 0.63 -21.23
N ASP A 388 -34.23 0.52 -22.57
CA ASP A 388 -33.60 1.53 -23.47
C ASP A 388 -34.57 2.53 -24.09
N THR A 389 -35.81 2.14 -24.38
CA THR A 389 -36.77 3.00 -25.04
C THR A 389 -38.16 2.72 -24.46
N CYS A 390 -38.71 3.71 -23.77
CA CYS A 390 -40.09 3.65 -23.29
C CYS A 390 -40.88 4.92 -23.55
N GLU A 391 -40.22 6.07 -23.71
CA GLU A 391 -40.85 7.34 -24.02
C GLU A 391 -41.58 7.93 -22.81
N LYS A 392 -41.70 7.15 -21.73
CA LYS A 392 -42.18 7.66 -20.44
C LYS A 392 -41.18 7.44 -19.33
N ASN A 393 -40.64 6.22 -19.22
CA ASN A 393 -39.66 5.91 -18.18
C ASN A 393 -38.86 4.70 -18.63
N SER A 394 -37.54 4.85 -18.71
CA SER A 394 -36.65 3.77 -19.07
C SER A 394 -35.59 3.61 -17.99
N VAL A 395 -35.22 2.37 -17.71
CA VAL A 395 -34.23 2.11 -16.68
C VAL A 395 -32.95 2.88 -16.97
N LEU A 396 -32.49 2.84 -18.22
CA LEU A 396 -31.26 3.54 -18.57
C LEU A 396 -31.37 5.03 -18.32
N GLU A 397 -32.42 5.66 -18.86
CA GLU A 397 -32.54 7.10 -18.72
C GLU A 397 -32.73 7.48 -17.26
N VAL A 398 -33.51 6.70 -16.52
CA VAL A 398 -33.73 7.00 -15.12
C VAL A 398 -32.43 6.95 -14.35
N ILE A 399 -31.66 5.87 -14.53
CA ILE A 399 -30.40 5.73 -13.79
C ILE A 399 -29.44 6.84 -14.16
N ALA A 400 -29.31 7.12 -15.47
CA ALA A 400 -28.36 8.14 -15.90
C ALA A 400 -28.70 9.50 -15.28
N TYR A 401 -29.95 9.92 -15.40
CA TYR A 401 -30.37 11.23 -14.92
C TYR A 401 -30.85 11.20 -13.47
N SER A 402 -30.63 10.09 -12.77
CA SER A 402 -31.00 10.03 -11.36
C SER A 402 -30.23 11.07 -10.57
N SER A 403 -30.89 11.62 -9.56
CA SER A 403 -30.26 12.64 -8.73
C SER A 403 -28.99 12.09 -8.08
N SER A 404 -28.20 13.00 -7.52
CA SER A 404 -26.97 12.62 -6.85
C SER A 404 -27.21 11.91 -5.53
N GLU A 405 -28.42 11.97 -4.98
CA GLU A 405 -28.70 11.39 -3.67
C GLU A 405 -28.92 9.88 -3.74
N THR A 406 -28.98 9.29 -4.92
CA THR A 406 -29.23 7.87 -5.02
C THR A 406 -28.09 7.09 -4.38
N PRO A 407 -28.37 6.10 -3.52
CA PRO A 407 -27.27 5.42 -2.82
C PRO A 407 -26.26 4.74 -3.74
N ASN A 408 -26.70 4.14 -4.85
CA ASN A 408 -25.84 3.29 -5.67
C ASN A 408 -25.99 3.64 -7.14
N ARG A 409 -25.97 4.93 -7.47
CA ARG A 409 -26.13 5.32 -8.86
C ARG A 409 -24.99 4.78 -9.73
N HIS A 410 -23.76 4.84 -9.23
CA HIS A 410 -22.63 4.38 -10.03
C HIS A 410 -22.67 2.88 -10.25
N ASP A 411 -22.86 2.10 -9.18
CA ASP A 411 -22.74 0.66 -9.27
C ASP A 411 -23.90 0.02 -10.03
N MET A 412 -24.96 0.77 -10.34
CA MET A 412 -26.11 0.16 -11.00
C MET A 412 -25.75 -0.35 -12.39
N LEU A 413 -24.96 0.41 -13.14
CA LEU A 413 -24.69 0.04 -14.52
C LEU A 413 -23.84 -1.22 -14.64
N LEU A 414 -23.26 -1.70 -13.53
CA LEU A 414 -22.45 -2.92 -13.59
C LEU A 414 -23.27 -4.17 -13.86
N VAL A 415 -24.61 -4.09 -13.77
CA VAL A 415 -25.43 -5.24 -14.11
C VAL A 415 -25.20 -5.60 -15.58
N GLU A 416 -25.26 -6.91 -15.78
CA GLU A 416 -24.92 -7.51 -17.07
C GLU A 416 -25.56 -6.82 -18.24
N PRO A 417 -26.88 -6.86 -18.35
CA PRO A 417 -27.56 -6.48 -19.57
C PRO A 417 -27.19 -5.02 -19.83
N LEU A 418 -27.26 -4.16 -18.85
CA LEU A 418 -27.07 -2.72 -19.02
C LEU A 418 -25.69 -2.43 -19.60
N ASN A 419 -24.65 -3.05 -19.06
CA ASN A 419 -23.30 -2.81 -19.54
C ASN A 419 -23.16 -3.25 -20.99
N ARG A 420 -23.67 -4.44 -21.31
CA ARG A 420 -23.56 -4.92 -22.69
C ARG A 420 -24.31 -3.99 -23.64
N LEU A 421 -25.49 -3.54 -23.25
CA LEU A 421 -26.28 -2.66 -24.11
C LEU A 421 -25.54 -1.34 -24.35
N LEU A 422 -24.97 -0.76 -23.29
CA LEU A 422 -24.28 0.51 -23.45
C LEU A 422 -23.07 0.35 -24.36
N GLN A 423 -22.28 -0.70 -24.14
CA GLN A 423 -21.13 -0.94 -25.00
C GLN A 423 -21.56 -1.13 -26.45
N ASP A 424 -22.65 -1.86 -26.65
CA ASP A 424 -23.13 -2.12 -28.01
C ASP A 424 -23.52 -0.82 -28.70
N LYS A 425 -24.32 0.01 -28.03
CA LYS A 425 -24.71 1.28 -28.64
C LYS A 425 -23.49 2.12 -28.97
N TRP A 426 -22.54 2.17 -28.02
CA TRP A 426 -21.30 2.89 -28.26
C TRP A 426 -20.68 2.44 -29.57
N ASP A 427 -20.28 1.17 -29.64
CA ASP A 427 -19.57 0.66 -30.81
C ASP A 427 -20.38 0.82 -32.08
N ARG A 428 -21.72 0.76 -31.98
CA ARG A 428 -22.55 0.85 -33.17
C ARG A 428 -22.44 2.24 -33.79
N PHE A 429 -22.81 3.28 -33.03
CA PHE A 429 -22.80 4.63 -33.62
C PHE A 429 -22.25 5.73 -32.73
N VAL A 430 -22.22 5.56 -31.41
CA VAL A 430 -21.90 6.71 -30.58
C VAL A 430 -20.42 7.00 -30.67
N LYS A 431 -19.58 5.98 -30.88
CA LYS A 431 -18.15 6.23 -31.02
C LYS A 431 -17.89 7.22 -32.14
N ARG A 432 -18.45 6.95 -33.32
CA ARG A 432 -18.19 7.84 -34.46
C ARG A 432 -18.82 9.21 -34.24
N ILE A 433 -20.04 9.26 -33.70
CA ILE A 433 -20.64 10.58 -33.49
C ILE A 433 -19.80 11.39 -32.51
N PHE A 434 -19.35 10.76 -31.44
CA PHE A 434 -18.56 11.46 -30.44
C PHE A 434 -17.23 11.93 -31.01
N TYR A 435 -16.57 11.09 -31.82
CA TYR A 435 -15.32 11.52 -32.43
C TYR A 435 -15.55 12.72 -33.33
N PHE A 436 -16.63 12.72 -34.10
CA PHE A 436 -16.93 13.88 -34.94
C PHE A 436 -17.12 15.13 -34.10
N ASN A 437 -17.87 15.02 -33.01
CA ASN A 437 -18.08 16.18 -32.15
C ASN A 437 -16.76 16.67 -31.57
N PHE A 438 -15.89 15.73 -31.16
CA PHE A 438 -14.60 16.12 -30.62
C PHE A 438 -13.77 16.88 -31.65
N PHE A 439 -13.76 16.40 -32.90
CA PHE A 439 -13.02 17.09 -33.94
C PHE A 439 -13.58 18.48 -34.18
N VAL A 440 -14.91 18.62 -34.21
CA VAL A 440 -15.51 19.92 -34.42
C VAL A 440 -15.10 20.88 -33.31
N TYR A 441 -15.14 20.42 -32.06
CA TYR A 441 -14.76 21.29 -30.95
C TYR A 441 -13.30 21.69 -31.07
N CYS A 442 -12.43 20.75 -31.44
CA CYS A 442 -11.03 21.08 -31.59
C CYS A 442 -10.83 22.16 -32.66
N LEU A 443 -11.51 22.00 -33.79
CA LEU A 443 -11.39 22.99 -34.85
C LEU A 443 -11.88 24.36 -34.40
N TYR A 444 -13.01 24.38 -33.68
CA TYR A 444 -13.51 25.64 -33.16
C TYR A 444 -12.51 26.29 -32.23
N MET A 445 -11.90 25.50 -31.35
CA MET A 445 -10.91 26.05 -30.43
C MET A 445 -9.71 26.61 -31.17
N ILE A 446 -9.24 25.91 -32.20
CA ILE A 446 -8.11 26.40 -32.98
C ILE A 446 -8.44 27.73 -33.62
N ILE A 447 -9.63 27.83 -34.22
CA ILE A 447 -10.01 29.09 -34.86
C ILE A 447 -10.11 30.20 -33.84
N PHE A 448 -10.70 29.91 -32.68
CA PHE A 448 -10.82 30.94 -31.65
C PHE A 448 -9.44 31.43 -31.20
N THR A 449 -8.52 30.49 -30.97
CA THR A 449 -7.18 30.88 -30.56
C THR A 449 -6.51 31.73 -31.62
N ALA A 450 -6.61 31.32 -32.89
CA ALA A 450 -5.98 32.08 -33.95
C ALA A 450 -6.55 33.50 -34.03
N ALA A 451 -7.87 33.61 -33.94
CA ALA A 451 -8.49 34.93 -34.02
C ALA A 451 -8.05 35.81 -32.86
N ALA A 452 -8.03 35.25 -31.64
CA ALA A 452 -7.64 36.04 -30.49
C ALA A 452 -6.18 36.48 -30.60
N TYR A 453 -5.32 35.60 -31.12
CA TYR A 453 -3.89 35.88 -31.13
C TYR A 453 -3.59 37.16 -31.91
N TYR A 454 -4.21 37.33 -33.07
CA TYR A 454 -3.90 38.44 -33.97
C TYR A 454 -4.78 39.66 -33.72
N ARG A 455 -5.35 39.79 -32.53
CA ARG A 455 -6.24 40.91 -32.27
C ARG A 455 -5.48 42.22 -32.45
N PRO A 456 -6.05 43.21 -33.12
CA PRO A 456 -5.33 44.47 -33.34
C PRO A 456 -5.15 45.26 -32.05
N VAL A 457 -4.14 46.13 -32.06
CA VAL A 457 -3.81 46.97 -30.92
C VAL A 457 -3.83 48.42 -31.41
N GLU A 458 -4.98 49.05 -31.30
CA GLU A 458 -5.12 50.47 -31.60
C GLU A 458 -5.83 51.24 -30.50
N GLY A 459 -6.82 50.63 -29.85
CA GLY A 459 -7.51 51.24 -28.74
C GLY A 459 -8.95 51.58 -29.09
N LEU A 460 -9.80 51.57 -28.06
CA LEU A 460 -11.19 51.99 -28.19
C LEU A 460 -11.87 51.24 -29.33
N PRO A 461 -12.18 49.96 -29.15
CA PRO A 461 -12.91 49.22 -30.19
C PRO A 461 -14.32 49.77 -30.35
N PRO A 462 -15.07 49.31 -31.36
CA PRO A 462 -14.67 48.36 -32.39
C PRO A 462 -13.68 48.97 -33.38
N TYR A 463 -13.01 48.12 -34.15
CA TYR A 463 -11.95 48.55 -35.03
C TYR A 463 -12.39 48.42 -36.49
N LYS A 464 -12.03 49.41 -37.29
CA LYS A 464 -12.43 49.41 -38.69
C LYS A 464 -11.78 48.25 -39.43
N LEU A 465 -12.50 47.74 -40.42
CA LEU A 465 -12.09 46.55 -41.18
C LEU A 465 -11.38 46.99 -42.45
N LYS A 466 -10.07 46.84 -42.50
CA LYS A 466 -9.32 47.15 -43.70
C LYS A 466 -9.56 46.09 -44.76
N ASN A 467 -9.63 46.51 -46.02
CA ASN A 467 -9.86 45.57 -47.11
C ASN A 467 -8.60 44.76 -47.37
N THR A 468 -8.41 43.68 -46.62
CA THR A 468 -7.23 42.84 -46.74
C THR A 468 -7.61 41.40 -46.46
N VAL A 469 -6.83 40.48 -47.02
CA VAL A 469 -7.09 39.06 -46.82
C VAL A 469 -6.91 38.69 -45.35
N GLY A 470 -5.83 39.18 -44.73
CA GLY A 470 -5.58 38.85 -43.33
C GLY A 470 -6.65 39.39 -42.42
N ASP A 471 -7.05 40.65 -42.62
CA ASP A 471 -8.12 41.23 -41.81
C ASP A 471 -9.42 40.47 -42.05
N TYR A 472 -9.67 40.05 -43.29
CA TYR A 472 -10.88 39.28 -43.57
C TYR A 472 -10.89 37.97 -42.81
N PHE A 473 -9.75 37.25 -42.81
CA PHE A 473 -9.66 36.02 -42.03
C PHE A 473 -9.88 36.29 -40.55
N ARG A 474 -9.28 37.37 -40.03
CA ARG A 474 -9.44 37.66 -38.61
C ARG A 474 -10.91 37.90 -38.26
N VAL A 475 -11.59 38.70 -39.08
CA VAL A 475 -12.98 39.02 -38.77
C VAL A 475 -13.87 37.79 -38.88
N THR A 476 -13.67 36.98 -39.92
CA THR A 476 -14.50 35.79 -40.06
C THR A 476 -14.24 34.80 -38.93
N GLY A 477 -12.98 34.68 -38.49
CA GLY A 477 -12.70 33.86 -37.33
C GLY A 477 -13.39 34.38 -36.09
N GLU A 478 -13.43 35.68 -35.98
CA GLU A 478 -14.09 36.27 -34.84
C GLU A 478 -15.52 35.79 -34.92
N ILE A 479 -16.20 36.03 -36.03
CA ILE A 479 -17.61 35.70 -36.17
C ILE A 479 -17.85 34.24 -35.82
N LEU A 480 -16.98 33.35 -36.30
CA LEU A 480 -17.14 31.93 -35.99
C LEU A 480 -17.06 31.69 -34.48
N SER A 481 -16.09 32.33 -33.82
CA SER A 481 -15.93 32.13 -32.39
C SER A 481 -17.15 32.62 -31.62
N VAL A 482 -17.66 33.79 -31.99
CA VAL A 482 -18.84 34.31 -31.30
C VAL A 482 -20.04 33.41 -31.55
N SER A 483 -20.17 32.89 -32.76
CA SER A 483 -21.25 31.97 -33.05
C SER A 483 -21.16 30.72 -32.19
N GLY A 484 -19.95 30.18 -32.04
CA GLY A 484 -19.78 29.03 -31.17
C GLY A 484 -20.15 29.34 -29.73
N GLY A 485 -19.77 30.52 -29.26
CA GLY A 485 -20.17 30.93 -27.93
C GLY A 485 -21.67 30.98 -27.76
N VAL A 486 -22.36 31.55 -28.75
CA VAL A 486 -23.83 31.60 -28.70
C VAL A 486 -24.40 30.19 -28.68
N TYR A 487 -23.85 29.30 -29.50
CA TYR A 487 -24.34 27.93 -29.54
C TYR A 487 -24.21 27.27 -28.17
N PHE A 488 -23.04 27.41 -27.54
CA PHE A 488 -22.85 26.79 -26.23
C PHE A 488 -23.77 27.42 -25.19
N PHE A 489 -23.98 28.73 -25.27
CA PHE A 489 -24.89 29.39 -24.34
C PHE A 489 -26.29 28.80 -24.45
N PHE A 490 -26.80 28.70 -25.68
CA PHE A 490 -28.13 28.14 -25.87
C PHE A 490 -28.19 26.69 -25.42
N ARG A 491 -27.13 25.93 -25.67
CA ARG A 491 -27.11 24.54 -25.23
C ARG A 491 -27.20 24.44 -23.72
N GLY A 492 -26.46 25.30 -23.01
CA GLY A 492 -26.54 25.31 -21.56
C GLY A 492 -27.92 25.69 -21.06
N ILE A 493 -28.52 26.70 -21.69
CA ILE A 493 -29.88 27.08 -21.31
C ILE A 493 -30.84 25.92 -21.51
N GLN A 494 -30.72 25.23 -22.65
CA GLN A 494 -31.59 24.08 -22.91
C GLN A 494 -31.40 23.00 -21.87
N TYR A 495 -30.15 22.72 -21.49
CA TYR A 495 -29.91 21.71 -20.47
C TYR A 495 -30.57 22.12 -19.16
N PHE A 496 -30.38 23.38 -18.76
CA PHE A 496 -30.96 23.84 -17.49
C PHE A 496 -32.48 23.70 -17.49
N LEU A 497 -33.13 24.08 -18.60
CA LEU A 497 -34.58 24.02 -18.62
C LEU A 497 -35.10 22.60 -18.74
N GLN A 498 -34.44 21.76 -19.54
CA GLN A 498 -34.94 20.40 -19.74
C GLN A 498 -34.77 19.55 -18.49
N ARG A 499 -33.58 19.59 -17.88
CA ARG A 499 -33.34 18.74 -16.71
C ARG A 499 -34.00 19.32 -15.47
N ARG A 500 -34.01 20.64 -15.33
CA ARG A 500 -34.56 21.28 -14.16
C ARG A 500 -33.87 20.76 -12.90
N PRO A 501 -32.60 21.09 -12.69
CA PRO A 501 -31.93 20.68 -11.46
C PRO A 501 -32.60 21.30 -10.24
N SER A 502 -32.50 20.58 -9.12
CA SER A 502 -33.23 20.96 -7.91
C SER A 502 -32.54 22.06 -7.11
N LEU A 503 -31.64 22.83 -7.73
CA LEU A 503 -30.94 23.96 -7.13
C LEU A 503 -29.95 23.54 -6.05
N LYS A 504 -29.87 22.26 -5.71
CA LYS A 504 -28.84 21.74 -4.83
C LYS A 504 -27.79 20.95 -5.62
N SER A 505 -28.23 19.97 -6.41
CA SER A 505 -27.33 19.26 -7.29
C SER A 505 -26.80 20.15 -8.41
N LEU A 506 -27.43 21.30 -8.63
CA LEU A 506 -27.03 22.15 -9.75
C LEU A 506 -25.56 22.50 -9.66
N PHE A 507 -25.09 22.91 -8.49
CA PHE A 507 -23.69 23.22 -8.26
C PHE A 507 -22.91 22.05 -7.68
N VAL A 508 -23.51 20.87 -7.59
CA VAL A 508 -22.83 19.69 -7.08
C VAL A 508 -22.65 18.62 -8.13
N ASP A 509 -23.46 18.60 -9.18
CA ASP A 509 -23.32 17.65 -10.27
C ASP A 509 -23.29 18.42 -11.59
N SER A 510 -22.82 17.79 -12.62
CA SER A 510 -22.79 18.46 -13.92
C SER A 510 -21.84 19.61 -13.84
N TYR A 511 -20.58 19.32 -13.56
CA TYR A 511 -19.56 20.39 -13.57
C TYR A 511 -19.40 20.79 -15.04
N SER A 512 -19.35 19.85 -15.98
CA SER A 512 -19.05 20.18 -17.37
C SER A 512 -20.04 21.20 -17.92
N GLU A 513 -21.33 21.02 -17.63
CA GLU A 513 -22.31 21.96 -18.11
C GLU A 513 -22.04 23.36 -17.56
N ILE A 514 -21.72 23.44 -16.27
CA ILE A 514 -21.42 24.73 -15.67
C ILE A 514 -20.21 25.35 -16.35
N LEU A 515 -19.16 24.56 -16.58
CA LEU A 515 -17.95 25.11 -17.16
C LEU A 515 -18.19 25.63 -18.56
N PHE A 516 -18.91 24.86 -19.39
CA PHE A 516 -19.21 25.32 -20.74
C PHE A 516 -20.08 26.56 -20.71
N PHE A 517 -21.06 26.60 -19.81
CA PHE A 517 -21.92 27.77 -19.71
C PHE A 517 -21.12 29.00 -19.29
N VAL A 518 -20.16 28.82 -18.38
CA VAL A 518 -19.35 29.94 -17.94
C VAL A 518 -18.46 30.43 -19.08
N GLN A 519 -17.91 29.51 -19.87
CA GLN A 519 -17.16 29.93 -21.04
C GLN A 519 -18.03 30.74 -21.99
N SER A 520 -19.27 30.28 -22.22
CA SER A 520 -20.18 31.03 -23.07
C SER A 520 -20.47 32.41 -22.50
N LEU A 521 -20.68 32.49 -21.19
CA LEU A 521 -20.95 33.77 -20.56
C LEU A 521 -19.78 34.73 -20.74
N PHE A 522 -18.56 34.23 -20.54
CA PHE A 522 -17.39 35.07 -20.74
C PHE A 522 -17.31 35.57 -22.17
N MET A 523 -17.55 34.69 -23.14
CA MET A 523 -17.49 35.11 -24.55
C MET A 523 -18.55 36.18 -24.83
N LEU A 524 -19.77 35.97 -24.35
CA LEU A 524 -20.85 36.92 -24.63
C LEU A 524 -20.56 38.26 -23.98
N VAL A 525 -20.08 38.26 -22.73
CA VAL A 525 -19.72 39.51 -22.09
C VAL A 525 -18.59 40.19 -22.84
N SER A 526 -17.65 39.41 -23.37
CA SER A 526 -16.58 39.98 -24.17
C SER A 526 -17.13 40.69 -25.39
N VAL A 527 -18.10 40.07 -26.07
CA VAL A 527 -18.72 40.73 -27.22
C VAL A 527 -19.42 42.01 -26.79
N VAL A 528 -20.17 41.93 -25.69
CA VAL A 528 -20.91 43.11 -25.21
C VAL A 528 -19.97 44.27 -24.97
N LEU A 529 -18.86 44.00 -24.28
CA LEU A 529 -17.88 45.05 -24.03
C LEU A 529 -17.25 45.52 -25.34
N TYR A 530 -16.94 44.59 -26.23
CA TYR A 530 -16.29 44.95 -27.49
C TYR A 530 -17.14 45.94 -28.27
N PHE A 531 -18.46 45.78 -28.23
CA PHE A 531 -19.35 46.72 -28.89
C PHE A 531 -19.70 47.92 -28.01
N SER A 532 -19.18 47.96 -26.78
CA SER A 532 -19.43 49.07 -25.87
C SER A 532 -18.22 50.01 -25.78
N GLN A 533 -17.19 49.81 -26.60
CA GLN A 533 -16.01 50.67 -26.60
C GLN A 533 -15.28 50.59 -25.26
N ARG A 534 -14.90 49.38 -24.88
CA ARG A 534 -14.12 49.16 -23.68
C ARG A 534 -13.00 48.18 -23.97
N LYS A 535 -11.89 48.35 -23.24
CA LYS A 535 -10.73 47.48 -23.42
C LYS A 535 -10.84 46.19 -22.64
N GLU A 536 -11.81 46.07 -21.80
CA GLU A 536 -11.83 44.88 -20.96
C GLU A 536 -12.25 43.68 -21.79
N TYR A 537 -12.78 43.84 -23.00
CA TYR A 537 -13.09 42.70 -23.84
C TYR A 537 -11.88 41.79 -23.99
N VAL A 538 -10.68 42.35 -23.92
CA VAL A 538 -9.48 41.53 -23.99
C VAL A 538 -9.39 40.60 -22.77
N ALA A 539 -9.64 41.16 -21.59
CA ALA A 539 -9.61 40.34 -20.38
C ALA A 539 -10.66 39.24 -20.44
N SER A 540 -11.88 39.61 -20.84
CA SER A 540 -12.93 38.61 -20.94
C SER A 540 -12.56 37.54 -21.97
N MET A 541 -11.99 37.97 -23.10
CA MET A 541 -11.60 37.04 -24.15
C MET A 541 -10.56 36.05 -23.67
N VAL A 542 -9.55 36.53 -22.94
CA VAL A 542 -8.51 35.61 -22.46
C VAL A 542 -9.07 34.65 -21.43
N PHE A 543 -9.93 35.15 -20.54
CA PHE A 543 -10.58 34.24 -19.59
C PHE A 543 -11.32 33.13 -20.33
N SER A 544 -12.14 33.53 -21.32
CA SER A 544 -12.91 32.54 -22.07
C SER A 544 -11.99 31.58 -22.81
N LEU A 545 -10.90 32.09 -23.39
CA LEU A 545 -10.01 31.25 -24.17
C LEU A 545 -9.37 30.19 -23.28
N ALA A 546 -8.86 30.60 -22.11
CA ALA A 546 -8.24 29.64 -21.21
C ALA A 546 -9.27 28.61 -20.73
N MET A 547 -10.47 29.07 -20.37
CA MET A 547 -11.49 28.14 -19.90
C MET A 547 -11.84 27.14 -20.99
N GLY A 548 -12.00 27.61 -22.23
CA GLY A 548 -12.32 26.71 -23.32
C GLY A 548 -11.22 25.70 -23.57
N TRP A 549 -9.97 26.14 -23.57
CA TRP A 549 -8.87 25.21 -23.81
C TRP A 549 -8.82 24.15 -22.71
N THR A 550 -8.96 24.57 -21.46
CA THR A 550 -8.91 23.59 -20.38
C THR A 550 -10.14 22.70 -20.35
N ASN A 551 -11.18 23.05 -21.07
CA ASN A 551 -12.41 22.23 -21.08
C ASN A 551 -12.21 21.10 -22.09
N MET A 552 -11.07 21.02 -22.74
CA MET A 552 -10.84 19.91 -23.65
C MET A 552 -10.82 18.57 -22.91
N LEU A 553 -10.58 18.59 -21.61
CA LEU A 553 -10.58 17.34 -20.85
C LEU A 553 -11.92 16.62 -20.97
N TYR A 554 -13.01 17.37 -21.19
CA TYR A 554 -14.33 16.76 -21.24
C TYR A 554 -14.34 15.58 -22.20
N TYR A 555 -13.70 15.73 -23.36
CA TYR A 555 -13.72 14.68 -24.37
C TYR A 555 -12.83 13.51 -24.03
N THR A 556 -12.04 13.59 -22.96
CA THR A 556 -11.22 12.46 -22.57
C THR A 556 -12.07 11.24 -22.23
N ARG A 557 -13.33 11.44 -21.86
CA ARG A 557 -14.25 10.32 -21.81
C ARG A 557 -14.49 9.81 -23.23
N GLY A 558 -14.71 8.51 -23.34
CA GLY A 558 -14.64 7.84 -24.62
C GLY A 558 -13.31 7.17 -24.88
N PHE A 559 -12.35 7.33 -23.98
CA PHE A 559 -11.10 6.57 -23.97
C PHE A 559 -10.87 6.14 -22.54
N GLN A 560 -11.00 4.83 -22.29
CA GLN A 560 -11.12 4.34 -20.91
C GLN A 560 -10.00 4.86 -20.03
N GLN A 561 -8.75 4.73 -20.46
CA GLN A 561 -7.63 5.11 -19.61
C GLN A 561 -7.68 6.59 -19.28
N MET A 562 -7.80 7.44 -20.31
CA MET A 562 -7.79 8.88 -20.06
C MET A 562 -9.06 9.32 -19.33
N GLY A 563 -10.19 8.65 -19.57
CA GLY A 563 -11.38 8.98 -18.81
C GLY A 563 -11.21 8.73 -17.33
N ILE A 564 -10.65 7.56 -16.99
CA ILE A 564 -10.41 7.26 -15.57
C ILE A 564 -9.40 8.24 -15.00
N TYR A 565 -8.41 8.63 -15.79
CA TYR A 565 -7.44 9.62 -15.32
C TYR A 565 -8.13 10.95 -15.01
N ALA A 566 -9.05 11.37 -15.89
CA ALA A 566 -9.77 12.62 -15.64
C ALA A 566 -10.62 12.51 -14.39
N VAL A 567 -11.23 11.37 -14.15
CA VAL A 567 -12.02 11.19 -12.94
C VAL A 567 -11.13 11.27 -11.71
N MET A 568 -9.94 10.66 -11.78
CA MET A 568 -8.96 10.81 -10.70
C MET A 568 -8.69 12.29 -10.45
N ILE A 569 -8.45 13.05 -11.51
CA ILE A 569 -8.15 14.47 -11.36
C ILE A 569 -9.30 15.17 -10.66
N GLU A 570 -10.52 14.82 -11.01
CA GLU A 570 -11.68 15.48 -10.39
C GLU A 570 -11.57 15.19 -8.94
N LYS A 571 -11.61 13.93 -8.58
CA LYS A 571 -11.68 13.58 -7.17
C LYS A 571 -10.58 14.28 -6.39
N MET A 572 -9.38 14.34 -6.96
CA MET A 572 -8.26 14.98 -6.27
C MET A 572 -8.56 16.45 -6.03
N ILE A 573 -8.92 17.17 -7.09
CA ILE A 573 -9.23 18.59 -6.95
C ILE A 573 -10.35 18.78 -5.93
N LEU A 574 -11.28 17.83 -5.86
CA LEU A 574 -12.42 18.00 -4.97
C LEU A 574 -12.01 17.84 -3.52
N ARG A 575 -11.19 16.85 -3.19
CA ARG A 575 -10.87 16.56 -1.80
C ARG A 575 -9.52 17.09 -1.36
N ASP A 576 -8.45 16.62 -1.98
CA ASP A 576 -7.11 16.86 -1.44
C ASP A 576 -6.67 18.28 -1.68
N LEU A 577 -6.84 18.75 -2.91
CA LEU A 577 -6.46 20.12 -3.22
C LEU A 577 -7.25 21.09 -2.36
N CYS A 578 -8.53 20.81 -2.13
CA CYS A 578 -9.34 21.70 -1.31
C CYS A 578 -8.80 21.78 0.11
N ARG A 579 -8.60 20.63 0.75
CA ARG A 579 -8.14 20.65 2.14
C ARG A 579 -6.78 21.34 2.24
N PHE A 580 -5.85 20.97 1.36
CA PHE A 580 -4.52 21.55 1.43
C PHE A 580 -4.58 23.05 1.19
N MET A 581 -5.39 23.49 0.23
CA MET A 581 -5.48 24.91 -0.06
C MET A 581 -6.00 25.67 1.13
N PHE A 582 -7.01 25.14 1.82
CA PHE A 582 -7.52 25.83 2.99
C PHE A 582 -6.43 26.00 4.04
N VAL A 583 -5.79 24.90 4.42
CA VAL A 583 -4.80 24.99 5.49
C VAL A 583 -3.64 25.89 5.08
N TYR A 584 -3.15 25.71 3.86
CA TYR A 584 -1.99 26.45 3.39
C TYR A 584 -2.31 27.94 3.27
N LEU A 585 -3.52 28.28 2.83
CA LEU A 585 -3.88 29.69 2.74
C LEU A 585 -3.96 30.32 4.11
N VAL A 586 -4.51 29.60 5.09
CA VAL A 586 -4.49 30.13 6.46
C VAL A 586 -3.05 30.42 6.89
N PHE A 587 -2.18 29.44 6.72
CA PHE A 587 -0.78 29.62 7.12
C PHE A 587 -0.16 30.80 6.41
N LEU A 588 -0.36 30.87 5.10
CA LEU A 588 0.28 31.91 4.28
C LEU A 588 -0.19 33.29 4.70
N PHE A 589 -1.50 33.45 4.88
CA PHE A 589 -2.01 34.76 5.28
C PHE A 589 -1.47 35.14 6.64
N GLY A 590 -1.45 34.21 7.59
CA GLY A 590 -0.94 34.54 8.91
C GLY A 590 0.50 35.03 8.86
N PHE A 591 1.38 34.22 8.28
CA PHE A 591 2.79 34.58 8.27
C PHE A 591 3.04 35.80 7.40
N SER A 592 2.28 35.98 6.33
CA SER A 592 2.44 37.17 5.50
C SER A 592 2.08 38.43 6.26
N THR A 593 0.97 38.39 7.01
CA THR A 593 0.61 39.55 7.82
C THR A 593 1.70 39.84 8.85
N ALA A 594 2.21 38.81 9.51
CA ALA A 594 3.27 39.01 10.48
C ALA A 594 4.48 39.68 9.82
N VAL A 595 4.89 39.17 8.67
CA VAL A 595 6.09 39.68 8.01
C VAL A 595 5.89 41.13 7.61
N VAL A 596 4.76 41.44 6.97
CA VAL A 596 4.53 42.82 6.53
C VAL A 596 4.50 43.75 7.72
N THR A 597 3.91 43.31 8.83
CA THR A 597 3.95 44.11 10.04
C THR A 597 5.39 44.38 10.45
N LEU A 598 6.23 43.34 10.42
CA LEU A 598 7.62 43.53 10.82
C LEU A 598 8.34 44.51 9.91
N ILE A 599 8.13 44.42 8.61
CA ILE A 599 8.82 45.29 7.68
C ILE A 599 8.52 46.75 8.02
N GLU A 600 9.56 47.58 8.01
CA GLU A 600 9.42 48.96 8.43
C GLU A 600 8.78 49.81 7.33
N ASP A 601 9.43 49.89 6.17
CA ASP A 601 8.91 50.67 5.06
C ASP A 601 9.77 50.38 3.84
N GLY A 602 9.15 50.43 2.67
CA GLY A 602 9.84 50.16 1.43
C GLY A 602 8.89 49.56 0.41
N LYS A 603 9.48 48.93 -0.60
CA LYS A 603 8.68 48.34 -1.67
C LYS A 603 7.72 47.29 -1.13
N TYR A 604 8.20 46.45 -0.21
CA TYR A 604 7.43 45.33 0.29
C TYR A 604 6.62 45.67 1.53
N ASN A 605 6.30 46.95 1.74
CA ASN A 605 5.51 47.36 2.87
C ASN A 605 4.01 47.28 2.61
N SER A 606 3.60 46.45 1.65
CA SER A 606 2.19 46.27 1.32
C SER A 606 1.85 44.79 1.44
N LEU A 607 0.60 44.52 1.80
CA LEU A 607 0.18 43.14 2.03
C LEU A 607 0.31 42.32 0.76
N TYR A 608 -0.07 42.88 -0.39
CA TYR A 608 -0.03 42.12 -1.64
C TYR A 608 1.40 41.68 -1.97
N SER A 609 2.35 42.62 -1.89
CA SER A 609 3.72 42.29 -2.27
C SER A 609 4.30 41.22 -1.36
N THR A 610 4.12 41.38 -0.04
CA THR A 610 4.67 40.41 0.89
C THR A 610 4.00 39.05 0.73
N CYS A 611 2.69 39.03 0.50
CA CYS A 611 2.00 37.76 0.28
C CYS A 611 2.54 37.07 -0.95
N LEU A 612 2.75 37.82 -2.04
CA LEU A 612 3.32 37.23 -3.25
C LEU A 612 4.71 36.68 -2.98
N GLU A 613 5.52 37.44 -2.24
CA GLU A 613 6.89 37.00 -1.98
C GLU A 613 6.92 35.74 -1.14
N LEU A 614 6.06 35.65 -0.13
CA LEU A 614 5.98 34.42 0.64
C LEU A 614 5.47 33.26 -0.21
N PHE A 615 4.50 33.52 -1.09
CA PHE A 615 4.01 32.46 -1.95
C PHE A 615 5.10 31.96 -2.89
N LYS A 616 6.02 32.82 -3.28
CA LYS A 616 7.08 32.40 -4.20
C LYS A 616 7.85 31.23 -3.64
N PHE A 617 7.90 31.07 -2.32
CA PHE A 617 8.57 29.92 -1.74
C PHE A 617 7.94 28.62 -2.19
N THR A 618 6.61 28.58 -2.25
CA THR A 618 5.92 27.32 -2.52
C THR A 618 6.34 26.72 -3.85
N ILE A 619 6.73 27.54 -4.80
CA ILE A 619 7.08 27.06 -6.13
C ILE A 619 8.59 26.97 -6.32
N GLY A 620 9.34 26.84 -5.23
CA GLY A 620 10.79 26.72 -5.34
C GLY A 620 11.45 27.97 -5.84
N MET A 621 11.02 29.15 -5.37
CA MET A 621 11.62 30.40 -5.80
C MET A 621 11.79 31.39 -4.64
N GLY A 622 11.75 30.91 -3.40
CA GLY A 622 11.91 31.79 -2.26
C GLY A 622 13.27 32.47 -2.26
N ASP A 623 13.37 33.54 -1.48
CA ASP A 623 14.56 34.37 -1.45
C ASP A 623 15.25 34.39 -0.10
N LEU A 624 14.50 34.56 0.98
CA LEU A 624 15.05 34.62 2.34
C LEU A 624 15.85 35.90 2.57
N GLU A 625 15.99 36.74 1.54
CA GLU A 625 16.68 38.01 1.69
C GLU A 625 16.04 39.09 0.82
N PHE A 626 14.75 38.96 0.52
CA PHE A 626 14.12 39.85 -0.44
C PHE A 626 14.05 41.29 0.05
N THR A 627 14.32 41.55 1.33
CA THR A 627 14.34 42.92 1.82
C THR A 627 15.18 42.98 3.09
N GLU A 628 15.62 44.19 3.40
CA GLU A 628 16.33 44.47 4.64
C GLU A 628 15.71 45.63 5.42
N ASN A 629 14.67 46.25 4.90
CA ASN A 629 14.05 47.42 5.53
C ASN A 629 13.25 46.94 6.73
N TYR A 630 13.93 46.82 7.86
CA TYR A 630 13.29 46.42 9.10
C TYR A 630 14.31 46.60 10.22
N ASP A 631 13.91 46.18 11.42
CA ASP A 631 14.83 45.94 12.52
C ASP A 631 14.69 44.49 12.94
N PHE A 632 15.61 44.04 13.78
CA PHE A 632 15.48 42.76 14.44
C PHE A 632 15.49 41.63 13.42
N LYS A 633 16.61 41.56 12.68
CA LYS A 633 16.74 40.57 11.62
C LYS A 633 16.49 39.16 12.13
N ALA A 634 16.80 38.89 13.40
CA ALA A 634 16.58 37.56 13.95
C ALA A 634 15.11 37.18 13.87
N VAL A 635 14.22 38.11 14.20
CA VAL A 635 12.79 37.82 14.14
C VAL A 635 12.37 37.53 12.72
N PHE A 636 12.85 38.32 11.76
CA PHE A 636 12.49 38.12 10.36
C PHE A 636 12.91 36.74 9.88
N ILE A 637 14.17 36.38 10.15
CA ILE A 637 14.66 35.09 9.66
C ILE A 637 13.95 33.94 10.38
N ILE A 638 13.64 34.11 11.67
CA ILE A 638 12.92 33.08 12.39
C ILE A 638 11.54 32.88 11.76
N LEU A 639 10.85 33.97 11.45
CA LEU A 639 9.53 33.86 10.85
C LEU A 639 9.61 33.16 9.50
N LEU A 640 10.58 33.55 8.68
CA LEU A 640 10.69 32.92 7.36
C LEU A 640 11.02 31.45 7.47
N LEU A 641 11.95 31.09 8.36
CA LEU A 641 12.29 29.67 8.51
C LEU A 641 11.11 28.87 9.03
N ALA A 642 10.37 29.42 9.99
CA ALA A 642 9.19 28.71 10.48
C ALA A 642 8.18 28.51 9.36
N TYR A 643 7.94 29.55 8.55
CA TYR A 643 7.00 29.42 7.45
C TYR A 643 7.46 28.38 6.46
N VAL A 644 8.75 28.38 6.12
CA VAL A 644 9.28 27.39 5.19
C VAL A 644 9.08 25.99 5.73
N ILE A 645 9.49 25.75 6.98
CA ILE A 645 9.38 24.43 7.56
C ILE A 645 7.92 23.98 7.58
N LEU A 646 7.01 24.87 7.98
CA LEU A 646 5.62 24.47 8.13
C LEU A 646 4.96 24.19 6.80
N THR A 647 5.18 25.05 5.80
CA THR A 647 4.50 24.86 4.52
C THR A 647 5.30 23.98 3.57
N TYR A 648 6.48 24.44 3.14
CA TYR A 648 7.18 23.76 2.05
C TYR A 648 7.59 22.36 2.44
N ILE A 649 8.27 22.22 3.58
CA ILE A 649 8.80 20.91 3.95
C ILE A 649 7.68 19.96 4.35
N LEU A 650 6.72 20.44 5.14
CA LEU A 650 5.72 19.55 5.71
C LEU A 650 4.49 19.39 4.83
N LEU A 651 3.80 20.49 4.53
CA LEU A 651 2.47 20.39 3.96
C LEU A 651 2.51 19.87 2.52
N LEU A 652 3.50 20.26 1.74
CA LEU A 652 3.58 19.77 0.36
C LEU A 652 3.81 18.26 0.34
N ASN A 653 4.73 17.86 1.16
CA ASN A 653 5.05 16.46 1.24
C ASN A 653 3.76 15.76 1.69
N MET A 654 3.04 16.22 2.72
CA MET A 654 1.79 15.65 3.17
C MET A 654 0.79 15.57 2.03
N LEU A 655 0.77 16.59 1.17
CA LEU A 655 -0.13 16.57 0.02
C LEU A 655 0.21 15.40 -0.89
N ILE A 656 1.50 15.17 -1.14
CA ILE A 656 1.89 14.05 -1.98
C ILE A 656 1.42 12.74 -1.36
N ALA A 657 1.63 12.59 -0.05
CA ALA A 657 1.24 11.33 0.61
C ALA A 657 -0.26 11.12 0.59
N LEU A 658 -1.03 12.16 0.88
CA LEU A 658 -2.49 12.03 0.84
C LEU A 658 -2.97 11.71 -0.56
N MET A 659 -2.36 12.31 -1.55
CA MET A 659 -2.84 11.99 -2.89
C MET A 659 -2.50 10.52 -3.05
N GLY A 660 -1.31 10.05 -2.77
CA GLY A 660 -1.00 8.65 -2.98
C GLY A 660 -2.05 7.75 -2.38
N GLU A 661 -2.44 8.04 -1.14
CA GLU A 661 -3.49 7.24 -0.50
C GLU A 661 -4.78 7.30 -1.30
N THR A 662 -5.16 8.49 -1.74
CA THR A 662 -6.37 8.63 -2.53
C THR A 662 -6.31 7.75 -3.77
N VAL A 663 -5.20 7.82 -4.52
CA VAL A 663 -5.06 6.95 -5.69
C VAL A 663 -5.26 5.51 -5.29
N ASN A 664 -4.61 5.09 -4.21
CA ASN A 664 -4.73 3.72 -3.79
C ASN A 664 -6.16 3.35 -3.44
N LYS A 665 -7.01 4.33 -3.14
CA LYS A 665 -8.34 4.03 -2.60
C LYS A 665 -9.48 4.11 -3.62
N ILE A 666 -9.33 4.81 -4.75
CA ILE A 666 -10.49 5.15 -5.56
C ILE A 666 -10.41 4.60 -6.98
N ALA A 667 -9.78 3.45 -7.17
CA ALA A 667 -9.70 2.87 -8.50
C ALA A 667 -11.08 2.49 -9.03
N GLN A 668 -11.75 1.57 -8.34
CA GLN A 668 -13.02 1.03 -8.85
C GLN A 668 -14.07 2.13 -8.94
N GLU A 669 -14.12 3.01 -7.95
CA GLU A 669 -15.09 4.11 -8.00
C GLU A 669 -14.83 4.99 -9.21
N SER A 670 -13.56 5.26 -9.50
CA SER A 670 -13.24 6.08 -10.66
C SER A 670 -13.70 5.39 -11.94
N LYS A 671 -13.45 4.09 -12.07
CA LYS A 671 -13.89 3.40 -13.27
C LYS A 671 -15.40 3.45 -13.42
N ASN A 672 -16.12 3.24 -12.32
CA ASN A 672 -17.58 3.28 -12.39
C ASN A 672 -18.08 4.67 -12.77
N ILE A 673 -17.46 5.71 -12.21
CA ILE A 673 -17.86 7.07 -12.57
C ILE A 673 -17.62 7.32 -14.05
N TRP A 674 -16.48 6.85 -14.58
CA TRP A 674 -16.25 7.01 -16.00
C TRP A 674 -17.32 6.31 -16.82
N LYS A 675 -17.70 5.10 -16.41
CA LYS A 675 -18.74 4.38 -17.13
C LYS A 675 -20.04 5.16 -17.11
N LEU A 676 -20.39 5.73 -15.96
CA LEU A 676 -21.61 6.54 -15.88
C LEU A 676 -21.53 7.74 -16.80
N GLN A 677 -20.37 8.40 -16.84
CA GLN A 677 -20.22 9.56 -17.71
C GLN A 677 -20.44 9.16 -19.17
N ARG A 678 -19.84 8.05 -19.58
CA ARG A 678 -20.04 7.61 -20.96
C ARG A 678 -21.50 7.27 -21.22
N ALA A 679 -22.17 6.66 -20.25
CA ALA A 679 -23.59 6.36 -20.41
C ALA A 679 -24.40 7.64 -20.61
N ILE A 680 -24.13 8.66 -19.82
CA ILE A 680 -24.83 9.92 -19.98
C ILE A 680 -24.57 10.50 -21.35
N THR A 681 -23.33 10.41 -21.82
CA THR A 681 -23.01 10.90 -23.16
C THR A 681 -23.83 10.17 -24.22
N ILE A 682 -23.91 8.86 -24.14
CA ILE A 682 -24.69 8.05 -25.10
C ILE A 682 -26.14 8.50 -25.04
N LEU A 683 -26.73 8.64 -23.86
CA LEU A 683 -28.13 9.00 -23.76
C LEU A 683 -28.39 10.38 -24.37
N ASP A 684 -27.58 11.35 -24.02
CA ASP A 684 -27.76 12.67 -24.64
C ASP A 684 -27.69 12.49 -26.14
N THR A 685 -26.61 11.94 -26.65
CA THR A 685 -26.45 11.87 -28.09
C THR A 685 -27.69 11.26 -28.75
N GLU A 686 -28.19 10.16 -28.20
CA GLU A 686 -29.34 9.52 -28.80
C GLU A 686 -30.57 10.43 -28.76
N LYS A 687 -30.80 11.09 -27.63
CA LYS A 687 -31.92 12.02 -27.54
C LYS A 687 -31.70 13.28 -28.36
N SER A 688 -30.51 13.52 -28.87
CA SER A 688 -30.19 14.78 -29.54
C SER A 688 -30.73 14.82 -30.96
N PHE A 689 -31.04 13.67 -31.54
CA PHE A 689 -31.48 13.61 -32.93
C PHE A 689 -30.42 14.14 -33.90
N LEU A 690 -29.15 14.13 -33.49
CA LEU A 690 -28.11 14.71 -34.33
C LEU A 690 -28.00 13.99 -35.67
N LYS A 691 -28.00 12.65 -35.63
CA LYS A 691 -27.97 11.87 -36.86
C LYS A 691 -28.82 10.59 -36.79
N CYS A 692 -29.56 10.45 -35.69
CA CYS A 692 -30.38 9.23 -35.44
C CYS A 692 -31.65 9.29 -36.26
N MET A 693 -32.55 10.17 -35.87
CA MET A 693 -33.90 10.31 -36.42
C MET A 693 -34.63 8.98 -36.36
N ARG A 694 -34.53 8.30 -35.21
CA ARG A 694 -35.09 6.99 -34.97
C ARG A 694 -34.44 5.91 -35.83
N LYS A 695 -33.38 6.25 -36.55
CA LYS A 695 -32.53 5.25 -37.18
C LYS A 695 -31.47 4.84 -36.17
N ALA A 696 -30.44 4.12 -36.61
CA ALA A 696 -29.43 3.59 -35.70
C ALA A 696 -30.11 2.71 -34.66
N PHE A 697 -30.65 1.60 -35.14
CA PHE A 697 -31.57 0.79 -34.34
C PHE A 697 -30.85 0.24 -33.10
N ARG A 698 -31.65 -0.42 -32.25
CA ARG A 698 -31.25 -0.73 -30.89
C ARG A 698 -30.75 -2.17 -30.73
N SER A 699 -31.50 -3.15 -31.22
CA SER A 699 -31.10 -4.55 -31.10
C SER A 699 -32.04 -5.39 -31.95
N GLY A 700 -31.88 -6.71 -31.88
CA GLY A 700 -32.67 -7.62 -32.69
C GLY A 700 -33.94 -8.08 -32.00
N LYS A 701 -34.88 -8.55 -32.80
CA LYS A 701 -36.18 -9.00 -32.33
C LYS A 701 -36.34 -10.49 -32.60
N LEU A 702 -37.06 -11.17 -31.71
CA LEU A 702 -37.20 -12.62 -31.79
C LEU A 702 -38.53 -13.05 -31.19
N LEU A 703 -38.95 -14.25 -31.55
CA LEU A 703 -40.09 -14.93 -30.94
C LEU A 703 -39.50 -16.04 -30.08
N GLN A 704 -39.50 -15.83 -28.77
CA GLN A 704 -38.73 -16.68 -27.86
C GLN A 704 -39.58 -17.69 -27.11
N VAL A 705 -40.84 -17.38 -26.82
CA VAL A 705 -41.66 -18.31 -26.04
C VAL A 705 -42.25 -19.41 -26.92
N GLY A 706 -42.51 -19.13 -28.19
CA GLY A 706 -43.25 -20.06 -29.02
C GLY A 706 -44.74 -19.84 -28.88
N PHE A 707 -45.23 -19.92 -27.65
CA PHE A 707 -46.62 -19.62 -27.34
C PHE A 707 -46.71 -19.13 -25.90
N THR A 708 -47.45 -18.05 -25.70
CA THR A 708 -47.76 -17.55 -24.37
C THR A 708 -48.90 -18.40 -23.80
N PRO A 709 -49.31 -18.15 -22.55
CA PRO A 709 -50.46 -18.91 -22.02
C PRO A 709 -51.68 -18.79 -22.91
N ASP A 710 -51.93 -17.62 -23.47
CA ASP A 710 -52.92 -17.48 -24.53
C ASP A 710 -52.39 -18.10 -25.82
N GLY A 711 -53.32 -18.47 -26.71
CA GLY A 711 -52.93 -19.08 -27.96
C GLY A 711 -52.00 -18.23 -28.80
N LYS A 712 -51.99 -16.91 -28.56
CA LYS A 712 -51.13 -16.02 -29.31
C LYS A 712 -49.67 -16.19 -28.89
N ASP A 713 -48.77 -15.89 -29.81
CA ASP A 713 -47.34 -15.87 -29.54
C ASP A 713 -46.93 -14.46 -29.13
N ASP A 714 -45.62 -14.21 -29.02
CA ASP A 714 -45.16 -12.87 -28.67
C ASP A 714 -43.71 -12.69 -29.13
N TYR A 715 -43.32 -11.43 -29.25
CA TYR A 715 -41.95 -11.04 -29.51
C TYR A 715 -41.52 -10.09 -28.40
N ARG A 716 -40.34 -10.32 -27.82
CA ARG A 716 -39.93 -9.63 -26.61
C ARG A 716 -38.68 -8.78 -26.81
N TRP A 717 -38.35 -8.41 -28.03
CA TRP A 717 -37.33 -7.39 -28.29
C TRP A 717 -36.02 -7.76 -27.60
N CYS A 718 -35.66 -9.03 -27.69
CA CYS A 718 -34.59 -9.57 -26.84
C CYS A 718 -33.24 -9.00 -27.23
N PHE A 719 -32.22 -9.44 -26.51
CA PHE A 719 -30.83 -9.04 -26.72
C PHE A 719 -29.94 -10.24 -26.46
N ARG A 720 -29.06 -10.55 -27.42
CA ARG A 720 -28.27 -11.79 -27.34
C ARG A 720 -26.89 -11.58 -26.79
N VAL A 721 -26.45 -12.47 -25.93
CA VAL A 721 -25.09 -12.48 -25.40
C VAL A 721 -24.68 -13.94 -25.25
N ASP A 722 -23.74 -14.38 -26.10
CA ASP A 722 -23.29 -15.76 -26.06
C ASP A 722 -22.40 -16.00 -24.84
N GLU A 723 -22.50 -17.21 -24.29
CA GLU A 723 -21.73 -17.59 -23.11
C GLU A 723 -21.22 -19.01 -23.30
N VAL A 724 -20.07 -19.29 -22.68
CA VAL A 724 -19.43 -20.60 -22.74
C VAL A 724 -19.04 -21.01 -21.34
N ASN A 725 -19.29 -22.26 -20.99
CA ASN A 725 -18.96 -22.78 -19.65
C ASN A 725 -18.63 -24.25 -19.79
N TRP A 726 -17.68 -24.74 -19.03
CA TRP A 726 -17.28 -26.14 -19.01
C TRP A 726 -17.95 -26.90 -17.87
N THR A 727 -17.78 -26.38 -16.65
CA THR A 727 -18.42 -26.98 -15.48
C THR A 727 -19.94 -26.90 -15.65
N THR A 728 -20.71 -27.61 -14.85
CA THR A 728 -22.18 -27.50 -14.84
C THR A 728 -22.66 -27.84 -16.25
N TRP A 729 -22.49 -29.09 -16.65
CA TRP A 729 -22.99 -29.55 -17.94
C TRP A 729 -24.51 -29.55 -17.98
N TYR B 199 -23.53 -24.79 -40.39
CA TYR B 199 -23.40 -26.24 -40.03
C TYR B 199 -23.59 -27.11 -41.26
N LYS B 200 -22.74 -28.15 -41.38
CA LYS B 200 -22.72 -29.05 -42.55
C LYS B 200 -22.64 -30.54 -42.17
N GLY B 201 -22.24 -30.91 -40.95
CA GLY B 201 -22.04 -32.32 -40.61
C GLY B 201 -22.70 -32.73 -39.31
N GLN B 202 -23.88 -32.18 -39.02
CA GLN B 202 -24.60 -32.50 -37.79
C GLN B 202 -25.29 -33.88 -37.93
N THR B 203 -24.47 -34.89 -38.16
CA THR B 203 -24.98 -36.24 -38.37
C THR B 203 -25.61 -36.78 -37.08
N ALA B 204 -26.33 -37.89 -37.23
CA ALA B 204 -27.06 -38.45 -36.10
C ALA B 204 -26.14 -38.71 -34.91
N LEU B 205 -25.00 -39.36 -35.15
CA LEU B 205 -24.07 -39.63 -34.06
C LEU B 205 -23.50 -38.34 -33.50
N HIS B 206 -23.31 -37.37 -34.38
CA HIS B 206 -22.78 -36.07 -33.94
C HIS B 206 -23.78 -35.58 -32.89
N ILE B 207 -25.06 -35.45 -33.23
CA ILE B 207 -26.09 -34.92 -32.33
C ILE B 207 -26.14 -35.74 -31.05
N ALA B 208 -26.07 -37.07 -31.19
CA ALA B 208 -26.13 -37.93 -30.01
C ALA B 208 -25.00 -37.62 -29.04
N ILE B 209 -23.78 -37.47 -29.57
CA ILE B 209 -22.65 -37.13 -28.72
C ILE B 209 -22.86 -35.76 -28.09
N GLU B 210 -23.29 -34.78 -28.89
CA GLU B 210 -23.57 -33.47 -28.35
C GLU B 210 -24.66 -33.54 -27.28
N ARG B 211 -25.58 -34.49 -27.40
CA ARG B 211 -26.64 -34.64 -26.41
C ARG B 211 -26.18 -35.39 -25.17
N ARG B 212 -25.02 -36.06 -25.26
CA ARG B 212 -24.40 -36.74 -24.10
C ARG B 212 -25.32 -37.81 -23.53
N ASN B 213 -25.71 -38.81 -24.33
CA ASN B 213 -26.49 -39.96 -23.89
C ASN B 213 -25.75 -41.24 -24.26
N MET B 214 -25.72 -42.19 -23.33
CA MET B 214 -24.99 -43.43 -23.53
C MET B 214 -25.77 -44.46 -24.34
N THR B 215 -27.05 -44.26 -24.56
CA THR B 215 -27.89 -45.23 -25.25
C THR B 215 -27.98 -44.97 -26.75
N LEU B 216 -28.25 -43.72 -27.14
CA LEU B 216 -28.33 -43.39 -28.56
C LEU B 216 -26.99 -43.63 -29.24
N VAL B 217 -25.89 -43.33 -28.54
CA VAL B 217 -24.56 -43.54 -29.11
C VAL B 217 -24.36 -45.01 -29.43
N THR B 218 -24.71 -45.89 -28.48
CA THR B 218 -24.58 -47.32 -28.73
C THR B 218 -25.50 -47.79 -29.85
N LEU B 219 -26.74 -47.29 -29.86
CA LEU B 219 -27.69 -47.69 -30.89
C LEU B 219 -27.19 -47.27 -32.28
N LEU B 220 -26.46 -46.17 -32.37
CA LEU B 220 -25.83 -45.81 -33.64
C LEU B 220 -24.59 -46.66 -33.89
N VAL B 221 -23.87 -47.02 -32.82
CA VAL B 221 -22.66 -47.83 -32.97
C VAL B 221 -22.99 -49.16 -33.64
N GLU B 222 -24.04 -49.82 -33.16
CA GLU B 222 -24.50 -51.02 -33.84
C GLU B 222 -24.86 -50.67 -35.29
N ASN B 223 -24.98 -51.70 -36.11
CA ASN B 223 -25.22 -51.58 -37.55
C ASN B 223 -24.23 -50.63 -38.23
N GLY B 224 -23.08 -50.40 -37.62
CA GLY B 224 -21.99 -49.71 -38.27
C GLY B 224 -22.24 -48.29 -38.76
N ALA B 225 -22.57 -47.38 -37.84
CA ALA B 225 -22.65 -45.98 -38.20
C ALA B 225 -21.29 -45.43 -38.63
N ASP B 226 -21.28 -44.61 -39.68
CA ASP B 226 -20.05 -44.02 -40.16
C ASP B 226 -19.41 -43.14 -39.09
N VAL B 227 -18.09 -43.20 -38.98
CA VAL B 227 -17.38 -42.49 -37.91
C VAL B 227 -16.23 -41.66 -38.48
N GLN B 228 -16.30 -41.25 -39.74
CA GLN B 228 -15.23 -40.40 -40.34
C GLN B 228 -15.88 -39.29 -41.14
N ALA B 229 -16.89 -38.64 -40.58
CA ALA B 229 -17.58 -37.53 -41.20
C ALA B 229 -17.03 -36.21 -40.64
N ALA B 230 -16.72 -35.28 -41.54
CA ALA B 230 -16.15 -33.99 -41.16
C ALA B 230 -17.19 -32.90 -41.37
N ALA B 231 -17.48 -32.15 -40.31
CA ALA B 231 -18.47 -31.08 -40.33
C ALA B 231 -17.78 -29.77 -40.69
N ASN B 232 -17.61 -29.50 -41.97
CA ASN B 232 -16.93 -28.26 -42.39
C ASN B 232 -17.96 -27.14 -42.53
N GLY B 233 -19.12 -27.24 -41.86
CA GLY B 233 -20.08 -26.14 -41.88
C GLY B 233 -19.48 -24.88 -41.29
N ASP B 234 -19.87 -23.74 -41.85
CA ASP B 234 -19.36 -22.46 -41.38
C ASP B 234 -19.59 -22.28 -39.89
N PHE B 235 -20.68 -22.85 -39.36
CA PHE B 235 -20.91 -22.83 -37.92
C PHE B 235 -19.93 -23.72 -37.17
N PHE B 236 -19.23 -24.62 -37.86
CA PHE B 236 -18.32 -25.55 -37.22
C PHE B 236 -16.86 -25.20 -37.46
N LYS B 237 -16.57 -24.06 -38.08
CA LYS B 237 -15.21 -23.62 -38.30
C LYS B 237 -14.81 -22.65 -37.19
N LYS B 238 -13.58 -22.14 -37.30
CA LYS B 238 -13.03 -21.20 -36.30
C LYS B 238 -13.07 -19.78 -36.82
N THR B 239 -13.81 -18.89 -36.16
CA THR B 239 -13.84 -17.46 -36.52
C THR B 239 -14.88 -16.83 -35.60
N LYS B 240 -14.81 -15.52 -35.40
CA LYS B 240 -15.72 -14.83 -34.49
C LYS B 240 -17.14 -14.81 -35.03
N GLY B 241 -17.30 -14.57 -36.34
CA GLY B 241 -18.62 -14.48 -36.94
C GLY B 241 -19.45 -15.71 -36.69
N ARG B 242 -20.71 -15.52 -36.31
CA ARG B 242 -21.60 -16.61 -35.95
C ARG B 242 -20.92 -17.54 -34.95
N PRO B 243 -20.62 -17.05 -33.75
CA PRO B 243 -19.85 -17.86 -32.79
C PRO B 243 -20.41 -19.25 -32.60
N GLY B 244 -19.66 -20.26 -33.05
CA GLY B 244 -20.05 -21.64 -32.89
C GLY B 244 -19.21 -22.34 -31.85
N PHE B 245 -18.72 -23.53 -32.17
CA PHE B 245 -17.87 -24.28 -31.24
C PHE B 245 -16.97 -25.20 -32.08
N TYR B 246 -15.74 -24.76 -32.31
CA TYR B 246 -14.77 -25.60 -32.99
C TYR B 246 -14.30 -26.71 -32.04
N PHE B 247 -14.26 -27.94 -32.55
CA PHE B 247 -13.91 -29.09 -31.73
C PHE B 247 -12.91 -30.03 -32.39
N GLY B 248 -12.61 -29.87 -33.68
CA GLY B 248 -11.68 -30.76 -34.35
C GLY B 248 -12.28 -31.38 -35.59
N GLU B 249 -13.61 -31.27 -35.63
CA GLU B 249 -14.42 -31.66 -36.80
C GLU B 249 -14.68 -33.13 -36.98
N LEU B 250 -14.21 -33.93 -36.06
CA LEU B 250 -14.36 -35.37 -36.12
C LEU B 250 -15.13 -35.87 -34.91
N PRO B 251 -15.88 -36.97 -35.07
CA PRO B 251 -16.67 -37.45 -33.92
C PRO B 251 -15.82 -37.75 -32.70
N LEU B 252 -14.65 -38.34 -32.89
CA LEU B 252 -13.76 -38.58 -31.76
C LEU B 252 -13.34 -37.27 -31.14
N SER B 253 -12.95 -36.30 -31.97
CA SER B 253 -12.55 -35.00 -31.44
C SER B 253 -13.72 -34.33 -30.72
N LEU B 254 -14.92 -34.41 -31.29
CA LEU B 254 -16.08 -33.82 -30.63
C LEU B 254 -16.30 -34.45 -29.26
N ALA B 255 -16.31 -35.78 -29.20
CA ALA B 255 -16.48 -36.44 -27.91
C ALA B 255 -15.40 -36.00 -26.93
N ALA B 256 -14.19 -35.77 -27.42
CA ALA B 256 -13.11 -35.34 -26.54
C ALA B 256 -13.38 -33.94 -26.00
N CYS B 257 -13.71 -32.99 -26.88
CA CYS B 257 -13.94 -31.63 -26.43
C CYS B 257 -15.07 -31.56 -25.41
N THR B 258 -16.02 -32.49 -25.47
CA THR B 258 -17.15 -32.52 -24.56
C THR B 258 -16.82 -33.18 -23.23
N ASN B 259 -15.60 -33.69 -23.05
CA ASN B 259 -15.20 -34.34 -21.80
C ASN B 259 -15.99 -35.63 -21.58
N GLN B 260 -16.22 -36.36 -22.66
CA GLN B 260 -16.97 -37.63 -22.57
C GLN B 260 -15.97 -38.78 -22.52
N LEU B 261 -15.32 -38.98 -21.39
CA LEU B 261 -14.43 -40.12 -21.22
C LEU B 261 -15.20 -41.43 -21.29
N ALA B 262 -16.40 -41.47 -20.69
CA ALA B 262 -17.19 -42.68 -20.69
C ALA B 262 -17.41 -43.20 -22.11
N ILE B 263 -17.87 -42.31 -23.00
CA ILE B 263 -18.01 -42.70 -24.40
C ILE B 263 -16.67 -43.15 -24.95
N VAL B 264 -15.63 -42.36 -24.72
CA VAL B 264 -14.29 -42.75 -25.15
C VAL B 264 -13.94 -44.10 -24.52
N LYS B 265 -12.99 -44.79 -25.15
CA LYS B 265 -12.64 -46.20 -24.96
C LYS B 265 -13.60 -47.08 -25.75
N PHE B 266 -14.61 -46.50 -26.40
CA PHE B 266 -15.36 -47.24 -27.41
C PHE B 266 -14.47 -47.62 -28.58
N LEU B 267 -13.30 -46.98 -28.69
CA LEU B 267 -12.42 -47.22 -29.83
C LEU B 267 -11.97 -48.68 -29.87
N LEU B 268 -11.59 -49.10 -31.06
CA LEU B 268 -11.06 -50.45 -31.31
C LEU B 268 -11.98 -51.51 -30.68
N GLN B 269 -13.19 -51.57 -31.20
CA GLN B 269 -14.19 -52.56 -30.79
C GLN B 269 -14.84 -53.13 -32.05
N ASN B 270 -15.82 -54.01 -31.85
CA ASN B 270 -16.49 -54.70 -32.95
C ASN B 270 -17.82 -54.03 -33.27
N SER B 271 -18.42 -54.46 -34.37
CA SER B 271 -19.60 -53.79 -34.92
C SER B 271 -19.31 -52.30 -35.06
N TRP B 272 -18.08 -52.03 -35.49
CA TRP B 272 -17.56 -50.65 -35.47
C TRP B 272 -16.68 -50.37 -36.68
N GLN B 273 -16.35 -49.11 -36.89
CA GLN B 273 -15.49 -48.66 -37.98
C GLN B 273 -14.33 -47.85 -37.43
N PRO B 274 -13.21 -47.79 -38.16
CA PRO B 274 -11.98 -47.22 -37.59
C PRO B 274 -12.15 -45.83 -36.99
N ALA B 275 -11.47 -45.59 -35.87
CA ALA B 275 -11.36 -44.28 -35.24
C ALA B 275 -9.90 -43.94 -35.03
N ASP B 276 -9.12 -44.05 -36.11
CA ASP B 276 -7.67 -43.74 -36.10
C ASP B 276 -7.34 -42.53 -35.26
N ILE B 277 -6.48 -42.70 -34.26
CA ILE B 277 -6.06 -41.52 -33.51
C ILE B 277 -5.32 -40.54 -34.40
N SER B 278 -4.75 -41.02 -35.51
CA SER B 278 -3.99 -40.17 -36.43
C SER B 278 -4.88 -39.54 -37.50
N ALA B 279 -6.17 -39.36 -37.20
CA ALA B 279 -7.06 -38.73 -38.16
C ALA B 279 -6.63 -37.29 -38.41
N ARG B 280 -7.30 -36.63 -39.35
CA ARG B 280 -6.96 -35.27 -39.71
C ARG B 280 -8.20 -34.56 -40.24
N ASP B 281 -8.40 -33.31 -39.86
CA ASP B 281 -9.57 -32.53 -40.32
C ASP B 281 -9.14 -31.68 -41.50
N SER B 282 -9.94 -30.69 -41.86
CA SER B 282 -9.63 -29.81 -42.98
C SER B 282 -8.37 -29.00 -42.72
N VAL B 283 -8.00 -28.80 -41.45
CA VAL B 283 -6.79 -28.08 -41.09
C VAL B 283 -5.72 -29.02 -40.52
N GLY B 284 -5.95 -30.32 -40.56
CA GLY B 284 -4.96 -31.29 -40.15
C GLY B 284 -4.87 -31.52 -38.66
N ASN B 285 -5.69 -30.85 -37.85
CA ASN B 285 -5.61 -31.02 -36.41
C ASN B 285 -6.09 -32.42 -36.01
N THR B 286 -5.40 -33.01 -35.05
CA THR B 286 -5.76 -34.31 -34.50
C THR B 286 -6.61 -34.13 -33.26
N VAL B 287 -6.90 -35.23 -32.57
CA VAL B 287 -7.61 -35.12 -31.30
C VAL B 287 -6.78 -34.32 -30.30
N LEU B 288 -5.47 -34.56 -30.26
CA LEU B 288 -4.62 -33.83 -29.34
C LEU B 288 -4.62 -32.34 -29.66
N HIS B 289 -4.58 -32.02 -30.96
CA HIS B 289 -4.67 -30.62 -31.37
C HIS B 289 -5.97 -30.00 -30.90
N ALA B 290 -7.07 -30.72 -31.03
CA ALA B 290 -8.35 -30.20 -30.55
C ALA B 290 -8.31 -29.96 -29.04
N LEU B 291 -7.73 -30.90 -28.29
CA LEU B 291 -7.65 -30.72 -26.85
C LEU B 291 -6.88 -29.47 -26.50
N VAL B 292 -5.73 -29.25 -27.14
CA VAL B 292 -4.96 -28.06 -26.82
C VAL B 292 -5.71 -26.80 -27.24
N GLU B 293 -6.46 -26.87 -28.34
CA GLU B 293 -7.19 -25.70 -28.81
C GLU B 293 -8.28 -25.31 -27.82
N VAL B 294 -9.05 -26.28 -27.34
CA VAL B 294 -10.22 -25.96 -26.52
C VAL B 294 -9.81 -25.31 -25.20
N ALA B 295 -8.67 -25.71 -24.64
CA ALA B 295 -8.28 -25.20 -23.33
C ALA B 295 -8.21 -23.69 -23.34
N ASP B 296 -8.65 -23.08 -22.24
CA ASP B 296 -8.67 -21.63 -22.09
C ASP B 296 -7.90 -21.18 -20.85
N ASN B 297 -7.00 -22.02 -20.35
CA ASN B 297 -6.11 -21.69 -19.24
C ASN B 297 -6.87 -21.43 -17.95
N THR B 298 -8.10 -21.92 -17.84
CA THR B 298 -8.83 -21.84 -16.58
C THR B 298 -8.38 -22.98 -15.68
N VAL B 299 -9.08 -23.19 -14.56
CA VAL B 299 -8.65 -24.19 -13.59
C VAL B 299 -9.22 -25.56 -13.95
N ASP B 300 -10.55 -25.65 -14.00
CA ASP B 300 -11.23 -26.93 -14.28
C ASP B 300 -10.85 -27.32 -15.69
N ASN B 301 -10.95 -26.39 -16.61
CA ASN B 301 -10.66 -26.67 -18.01
C ASN B 301 -9.27 -27.27 -18.16
N THR B 302 -8.30 -26.62 -17.57
CA THR B 302 -6.96 -27.20 -17.54
C THR B 302 -7.12 -28.61 -17.05
N LYS B 303 -7.62 -28.77 -15.85
CA LYS B 303 -7.64 -30.08 -15.14
C LYS B 303 -8.18 -31.18 -16.05
N PHE B 304 -9.35 -30.95 -16.61
CA PHE B 304 -10.02 -31.97 -17.41
C PHE B 304 -9.19 -32.22 -18.63
N VAL B 305 -8.88 -31.19 -19.37
CA VAL B 305 -8.21 -31.30 -20.65
C VAL B 305 -6.90 -32.07 -20.51
N THR B 306 -6.12 -31.76 -19.47
CA THR B 306 -4.89 -32.52 -19.24
C THR B 306 -5.21 -33.97 -18.96
N SER B 307 -6.25 -34.23 -18.16
CA SER B 307 -6.57 -35.60 -17.77
C SER B 307 -6.92 -36.44 -19.00
N MET B 308 -7.78 -35.87 -19.83
CA MET B 308 -8.17 -36.57 -21.07
C MET B 308 -6.91 -36.75 -21.87
N TYR B 309 -6.22 -35.66 -22.20
CA TYR B 309 -5.05 -35.75 -23.05
C TYR B 309 -4.22 -36.94 -22.64
N ASN B 310 -3.96 -37.07 -21.33
CA ASN B 310 -3.32 -38.25 -20.79
C ASN B 310 -4.03 -39.52 -21.24
N GLU B 311 -5.29 -39.66 -20.86
CA GLU B 311 -6.03 -40.90 -21.09
C GLU B 311 -5.94 -41.33 -22.55
N ILE B 312 -6.15 -40.38 -23.48
CA ILE B 312 -6.00 -40.69 -24.89
C ILE B 312 -4.59 -41.15 -25.19
N LEU B 313 -3.58 -40.51 -24.58
CA LEU B 313 -2.21 -40.93 -24.81
C LEU B 313 -2.01 -42.39 -24.42
N ILE B 314 -2.47 -42.75 -23.22
CA ILE B 314 -2.27 -44.11 -22.73
C ILE B 314 -3.02 -45.11 -23.61
N LEU B 315 -4.28 -44.82 -23.95
CA LEU B 315 -5.03 -45.75 -24.77
C LEU B 315 -4.40 -45.92 -26.16
N GLY B 316 -3.97 -44.82 -26.77
CA GLY B 316 -3.31 -44.93 -28.06
C GLY B 316 -2.05 -45.76 -27.98
N ALA B 317 -1.25 -45.55 -26.92
CA ALA B 317 -0.07 -46.38 -26.74
C ALA B 317 -0.44 -47.85 -26.60
N LYS B 318 -1.49 -48.13 -25.84
CA LYS B 318 -1.92 -49.52 -25.64
C LYS B 318 -2.30 -50.17 -26.97
N LEU B 319 -3.13 -49.50 -27.76
CA LEU B 319 -3.65 -50.13 -28.96
C LEU B 319 -2.60 -50.21 -30.06
N HIS B 320 -1.83 -49.14 -30.25
CA HIS B 320 -0.79 -49.08 -31.28
C HIS B 320 0.50 -48.58 -30.66
N PRO B 321 1.21 -49.45 -29.93
CA PRO B 321 2.48 -49.02 -29.31
C PRO B 321 3.53 -48.60 -30.32
N THR B 322 3.41 -49.02 -31.58
CA THR B 322 4.38 -48.69 -32.61
C THR B 322 4.12 -47.34 -33.26
N LEU B 323 3.06 -46.64 -32.85
CA LEU B 323 2.74 -45.33 -33.40
C LEU B 323 3.23 -44.23 -32.47
N LYS B 324 3.59 -43.10 -33.05
CA LYS B 324 4.16 -41.95 -32.33
C LYS B 324 3.25 -40.75 -32.61
N LEU B 325 2.41 -40.40 -31.62
CA LEU B 325 1.40 -39.37 -31.84
C LEU B 325 2.02 -37.98 -31.93
N GLU B 326 2.66 -37.57 -30.84
CA GLU B 326 3.10 -36.16 -30.68
C GLU B 326 4.01 -35.59 -31.76
N GLU B 327 4.57 -36.38 -32.67
CA GLU B 327 5.29 -35.81 -33.80
C GLU B 327 4.38 -35.57 -35.01
N ILE B 328 3.11 -35.93 -34.92
CA ILE B 328 2.16 -35.55 -35.95
C ILE B 328 2.08 -34.03 -36.02
N THR B 329 1.88 -33.51 -37.24
CA THR B 329 1.83 -32.07 -37.45
C THR B 329 0.65 -31.75 -38.34
N ASN B 330 0.13 -30.54 -38.18
CA ASN B 330 -1.03 -30.08 -38.93
C ASN B 330 -0.58 -29.41 -40.23
N ARG B 331 -1.50 -28.74 -40.90
CA ARG B 331 -1.16 -28.00 -42.14
C ARG B 331 -0.10 -26.98 -41.78
N LYS B 332 -0.24 -26.27 -40.67
CA LYS B 332 0.79 -25.34 -40.22
C LYS B 332 2.11 -26.03 -39.89
N GLY B 333 2.11 -27.35 -39.77
CA GLY B 333 3.31 -28.06 -39.42
C GLY B 333 3.71 -27.94 -37.97
N LEU B 334 2.74 -27.66 -37.08
CA LEU B 334 3.01 -27.47 -35.66
C LEU B 334 2.55 -28.69 -34.88
N THR B 335 3.44 -29.24 -34.07
CA THR B 335 3.08 -30.33 -33.18
C THR B 335 2.14 -29.81 -32.09
N PRO B 336 1.34 -30.69 -31.48
CA PRO B 336 0.44 -30.23 -30.43
C PRO B 336 1.16 -29.48 -29.32
N LEU B 337 2.33 -29.96 -28.91
CA LEU B 337 3.14 -29.19 -27.97
C LEU B 337 3.54 -27.86 -28.59
N ALA B 338 3.96 -27.89 -29.86
CA ALA B 338 4.33 -26.64 -30.53
C ALA B 338 3.12 -25.71 -30.64
N LEU B 339 1.95 -26.27 -30.97
CA LEU B 339 0.75 -25.44 -31.06
C LEU B 339 0.44 -24.78 -29.74
N ALA B 340 0.51 -25.54 -28.65
CA ALA B 340 0.25 -24.96 -27.34
C ALA B 340 1.27 -23.87 -27.02
N ALA B 341 2.54 -24.12 -27.34
CA ALA B 341 3.57 -23.12 -27.06
C ALA B 341 3.31 -21.84 -27.84
N SER B 342 2.88 -21.96 -29.09
CA SER B 342 2.66 -20.81 -29.95
C SER B 342 1.28 -20.19 -29.77
N SER B 343 0.43 -20.78 -28.93
CA SER B 343 -0.96 -20.36 -28.83
C SER B 343 -1.34 -19.78 -27.47
N GLY B 344 -0.48 -19.85 -26.47
CA GLY B 344 -0.75 -19.22 -25.19
C GLY B 344 -1.36 -20.10 -24.12
N LYS B 345 -1.36 -21.42 -24.30
CA LYS B 345 -1.99 -22.33 -23.35
C LYS B 345 -0.93 -22.78 -22.36
N ILE B 346 -0.83 -22.06 -21.23
CA ILE B 346 0.21 -22.33 -20.26
C ILE B 346 -0.07 -23.64 -19.53
N GLY B 347 -1.32 -23.91 -19.20
CA GLY B 347 -1.63 -25.09 -18.41
C GLY B 347 -1.18 -26.38 -19.07
N VAL B 348 -1.51 -26.54 -20.35
CA VAL B 348 -1.09 -27.74 -21.06
C VAL B 348 0.42 -27.77 -21.21
N LEU B 349 1.05 -26.62 -21.45
CA LEU B 349 2.50 -26.60 -21.53
C LEU B 349 3.11 -27.17 -20.26
N ALA B 350 2.65 -26.69 -19.11
CA ALA B 350 3.13 -27.22 -17.84
C ALA B 350 2.85 -28.71 -17.71
N TYR B 351 1.66 -29.13 -18.15
CA TYR B 351 1.31 -30.55 -18.01
C TYR B 351 2.28 -31.42 -18.81
N ILE B 352 2.29 -31.23 -20.12
CA ILE B 352 3.17 -32.02 -21.02
C ILE B 352 4.60 -31.96 -20.53
N LEU B 353 5.12 -30.78 -20.26
CA LEU B 353 6.54 -30.66 -19.93
C LEU B 353 6.88 -31.32 -18.61
N GLN B 354 5.88 -31.68 -17.80
CA GLN B 354 6.09 -32.39 -16.55
C GLN B 354 5.32 -33.70 -16.51
N ARG B 355 5.10 -34.30 -17.67
CA ARG B 355 4.28 -35.53 -17.76
C ARG B 355 4.96 -36.70 -17.08
N GLU B 356 4.26 -37.42 -16.24
CA GLU B 356 4.72 -38.67 -15.65
C GLU B 356 3.62 -39.71 -15.77
N ILE B 357 3.98 -40.89 -16.26
CA ILE B 357 3.08 -42.02 -16.39
C ILE B 357 3.83 -43.24 -15.86
N HIS B 358 3.56 -43.61 -14.61
CA HIS B 358 4.18 -44.80 -14.01
C HIS B 358 3.33 -46.02 -14.35
N GLU B 359 3.42 -46.39 -15.63
CA GLU B 359 2.57 -47.44 -16.20
C GLU B 359 3.48 -48.55 -16.72
N PRO B 360 3.37 -49.79 -16.23
CA PRO B 360 4.48 -50.73 -16.42
C PRO B 360 4.87 -51.01 -17.86
N GLU B 361 3.91 -51.07 -18.80
CA GLU B 361 4.19 -51.58 -20.14
C GLU B 361 4.41 -50.48 -21.18
N CYS B 362 3.84 -49.29 -20.99
CA CYS B 362 4.03 -48.21 -21.95
C CYS B 362 4.29 -46.88 -21.24
N ARG B 363 5.08 -46.93 -20.17
CA ARG B 363 5.47 -45.70 -19.48
C ARG B 363 6.43 -44.85 -20.29
N HIS B 364 6.98 -45.38 -21.38
CA HIS B 364 7.99 -44.65 -22.14
C HIS B 364 7.50 -43.31 -22.66
N LEU B 365 6.18 -43.12 -22.78
CA LEU B 365 5.67 -41.84 -23.27
C LEU B 365 5.90 -40.70 -22.28
N SER B 366 6.15 -41.00 -21.01
CA SER B 366 6.34 -39.96 -20.03
C SER B 366 7.52 -39.08 -20.41
N ARG B 367 7.53 -37.86 -19.86
CA ARG B 367 8.57 -36.88 -20.16
C ARG B 367 9.48 -36.57 -18.98
N LYS B 368 9.04 -36.85 -17.75
CA LYS B 368 9.85 -36.62 -16.56
C LYS B 368 10.20 -37.96 -15.92
N PHE B 369 11.46 -38.10 -15.53
CA PHE B 369 11.97 -39.36 -14.99
C PHE B 369 12.70 -39.10 -13.69
N THR B 370 12.76 -40.13 -12.86
CA THR B 370 13.52 -40.13 -11.61
C THR B 370 14.63 -41.15 -11.73
N GLU B 371 15.87 -40.71 -11.53
CA GLU B 371 17.03 -41.60 -11.72
C GLU B 371 17.31 -42.37 -10.43
N TRP B 372 17.73 -41.67 -9.38
CA TRP B 372 18.16 -42.34 -8.17
C TRP B 372 17.71 -41.54 -6.96
N ALA B 373 17.36 -42.25 -5.88
CA ALA B 373 16.94 -41.65 -4.63
C ALA B 373 17.74 -42.32 -3.50
N TYR B 374 18.92 -41.78 -3.22
CA TYR B 374 19.76 -42.30 -2.14
C TYR B 374 19.30 -41.65 -0.83
N GLY B 375 18.04 -41.88 -0.49
CA GLY B 375 17.46 -41.34 0.72
C GLY B 375 16.49 -40.22 0.44
N PRO B 376 16.63 -39.09 1.14
CA PRO B 376 15.68 -37.99 0.96
C PRO B 376 15.92 -37.15 -0.29
N VAL B 377 17.13 -37.18 -0.84
CA VAL B 377 17.48 -36.41 -2.03
C VAL B 377 17.50 -37.33 -3.22
N HIS B 378 16.83 -36.93 -4.31
CA HIS B 378 16.78 -37.72 -5.52
C HIS B 378 16.92 -36.81 -6.72
N SER B 379 17.40 -37.38 -7.83
CA SER B 379 17.68 -36.64 -9.04
C SER B 379 16.71 -37.05 -10.13
N SER B 380 16.24 -36.06 -10.91
CA SER B 380 15.28 -36.28 -11.97
C SER B 380 15.85 -35.81 -13.29
N LEU B 381 15.23 -36.27 -14.38
CA LEU B 381 15.64 -35.91 -15.73
C LEU B 381 14.45 -35.32 -16.48
N TYR B 382 14.73 -34.27 -17.26
CA TYR B 382 13.73 -33.63 -18.10
C TYR B 382 14.17 -33.74 -19.55
N ASP B 383 13.27 -34.19 -20.41
CA ASP B 383 13.59 -34.33 -21.83
C ASP B 383 13.76 -32.97 -22.47
N LEU B 384 14.79 -32.85 -23.31
CA LEU B 384 15.07 -31.61 -24.02
C LEU B 384 14.68 -31.66 -25.49
N SER B 385 14.34 -32.82 -26.03
CA SER B 385 13.99 -32.93 -27.43
C SER B 385 12.83 -32.01 -27.77
N CYS B 386 13.04 -31.14 -28.77
CA CYS B 386 12.02 -30.22 -29.25
C CYS B 386 11.73 -29.12 -28.23
N ILE B 387 12.78 -28.62 -27.57
CA ILE B 387 12.69 -27.43 -26.73
C ILE B 387 13.72 -26.38 -27.12
N ASP B 388 14.99 -26.81 -27.17
CA ASP B 388 16.12 -25.88 -27.43
C ASP B 388 16.65 -25.91 -28.87
N THR B 389 16.63 -27.05 -29.54
CA THR B 389 17.19 -27.19 -30.87
C THR B 389 16.31 -28.15 -31.67
N CYS B 390 15.66 -27.62 -32.70
CA CYS B 390 14.90 -28.44 -33.65
C CYS B 390 15.16 -28.07 -35.10
N GLU B 391 15.61 -26.84 -35.39
CA GLU B 391 15.94 -26.39 -36.73
C GLU B 391 14.69 -26.15 -37.58
N LYS B 392 13.53 -26.53 -37.08
CA LYS B 392 12.25 -26.16 -37.70
C LYS B 392 11.34 -25.42 -36.73
N ASN B 393 11.18 -25.95 -35.51
CA ASN B 393 10.34 -25.30 -34.51
C ASN B 393 10.77 -25.78 -33.14
N SER B 394 11.14 -24.85 -32.27
CA SER B 394 11.53 -25.16 -30.91
C SER B 394 10.68 -24.34 -29.95
N VAL B 395 10.32 -24.96 -28.83
CA VAL B 395 9.48 -24.26 -27.85
C VAL B 395 10.12 -22.94 -27.44
N LEU B 396 11.43 -22.98 -27.15
CA LEU B 396 12.11 -21.76 -26.72
C LEU B 396 12.04 -20.68 -27.79
N GLU B 397 12.44 -21.01 -29.01
CA GLU B 397 12.47 -20.01 -30.07
C GLU B 397 11.07 -19.50 -30.36
N VAL B 398 10.08 -20.40 -30.38
CA VAL B 398 8.72 -20.00 -30.65
C VAL B 398 8.23 -19.02 -29.59
N ILE B 399 8.42 -19.36 -28.32
CA ILE B 399 7.94 -18.49 -27.25
C ILE B 399 8.65 -17.15 -27.31
N ALA B 400 9.97 -17.16 -27.47
CA ALA B 400 10.73 -15.91 -27.48
C ALA B 400 10.24 -14.99 -28.59
N TYR B 401 10.15 -15.51 -29.82
CA TYR B 401 9.78 -14.70 -30.98
C TYR B 401 8.27 -14.69 -31.21
N SER B 402 7.49 -15.20 -30.27
CA SER B 402 6.04 -15.16 -30.41
C SER B 402 5.56 -13.71 -30.48
N SER B 403 4.52 -13.49 -31.27
CA SER B 403 3.99 -12.14 -31.44
C SER B 403 3.54 -11.59 -30.08
N SER B 404 3.27 -10.28 -30.08
CA SER B 404 2.83 -9.62 -28.86
C SER B 404 1.40 -9.98 -28.48
N GLU B 405 0.63 -10.58 -29.39
CA GLU B 405 -0.77 -10.88 -29.12
C GLU B 405 -0.95 -12.13 -28.28
N THR B 406 0.10 -12.88 -28.01
CA THR B 406 -0.04 -14.12 -27.25
C THR B 406 -0.54 -13.80 -25.84
N PRO B 407 -1.55 -14.50 -25.33
CA PRO B 407 -2.11 -14.13 -24.02
C PRO B 407 -1.10 -14.20 -22.88
N ASN B 408 -0.20 -15.19 -22.86
CA ASN B 408 0.67 -15.44 -21.72
C ASN B 408 2.11 -15.63 -22.16
N ARG B 409 2.61 -14.75 -23.02
CA ARG B 409 3.98 -14.90 -23.48
C ARG B 409 4.97 -14.77 -22.34
N HIS B 410 4.75 -13.81 -21.44
CA HIS B 410 5.70 -13.61 -20.34
C HIS B 410 5.71 -14.80 -19.39
N ASP B 411 4.53 -15.23 -18.94
CA ASP B 411 4.44 -16.23 -17.89
C ASP B 411 4.86 -17.62 -18.37
N MET B 412 5.05 -17.83 -19.68
CA MET B 412 5.37 -19.16 -20.17
C MET B 412 6.72 -19.64 -19.65
N LEU B 413 7.71 -18.75 -19.62
CA LEU B 413 9.05 -19.16 -19.26
C LEU B 413 9.17 -19.58 -17.80
N LEU B 414 8.16 -19.30 -16.97
CA LEU B 414 8.21 -19.69 -15.56
C LEU B 414 8.14 -21.19 -15.35
N VAL B 415 7.81 -21.97 -16.39
CA VAL B 415 7.81 -23.42 -16.25
C VAL B 415 9.24 -23.88 -15.94
N GLU B 416 9.23 -24.92 -15.12
CA GLU B 416 10.48 -25.44 -14.55
C GLU B 416 11.57 -25.63 -15.56
N PRO B 417 11.41 -26.52 -16.52
CA PRO B 417 12.50 -26.96 -17.35
C PRO B 417 13.03 -25.72 -18.06
N LEU B 418 12.18 -24.91 -18.64
CA LEU B 418 12.57 -23.77 -19.47
C LEU B 418 13.45 -22.81 -18.68
N ASN B 419 13.06 -22.48 -17.46
CA ASN B 419 13.84 -21.55 -16.65
C ASN B 419 15.21 -22.12 -16.35
N ARG B 420 15.25 -23.39 -15.94
CA ARG B 420 16.55 -24.00 -15.63
C ARG B 420 17.44 -24.02 -16.87
N LEU B 421 16.88 -24.35 -18.02
CA LEU B 421 17.67 -24.41 -19.25
C LEU B 421 18.23 -23.03 -19.60
N LEU B 422 17.40 -21.99 -19.50
CA LEU B 422 17.87 -20.66 -19.85
C LEU B 422 18.97 -20.21 -18.90
N GLN B 423 18.78 -20.43 -17.60
CA GLN B 423 19.81 -20.07 -16.64
C GLN B 423 21.11 -20.83 -16.92
N ASP B 424 20.99 -22.11 -17.26
CA ASP B 424 22.17 -22.92 -17.53
C ASP B 424 22.93 -22.38 -18.73
N LYS B 425 22.23 -22.13 -19.84
CA LYS B 425 22.91 -21.60 -21.01
C LYS B 425 23.59 -20.27 -20.69
N TRP B 426 22.88 -19.41 -19.96
CA TRP B 426 23.45 -18.14 -19.53
C TRP B 426 24.80 -18.39 -18.86
N ASP B 427 24.77 -19.08 -17.72
CA ASP B 427 25.98 -19.27 -16.93
C ASP B 427 27.06 -19.97 -17.71
N ARG B 428 26.69 -20.84 -18.65
CA ARG B 428 27.69 -21.58 -19.41
C ARG B 428 28.49 -20.65 -20.29
N PHE B 429 27.82 -19.94 -21.22
CA PHE B 429 28.58 -19.09 -22.14
C PHE B 429 27.98 -17.72 -22.42
N VAL B 430 26.67 -17.52 -22.20
CA VAL B 430 26.09 -16.27 -22.67
C VAL B 430 26.51 -15.13 -21.78
N LYS B 431 26.75 -15.39 -20.50
CA LYS B 431 27.22 -14.33 -19.60
C LYS B 431 28.49 -13.70 -20.14
N ARG B 432 29.49 -14.53 -20.46
CA ARG B 432 30.76 -13.99 -20.92
C ARG B 432 30.60 -13.34 -22.30
N ILE B 433 29.84 -13.96 -23.20
CA ILE B 433 29.68 -13.33 -24.51
C ILE B 433 29.02 -11.97 -24.37
N PHE B 434 27.98 -11.88 -23.55
CA PHE B 434 27.26 -10.62 -23.37
C PHE B 434 28.15 -9.57 -22.73
N TYR B 435 28.96 -9.95 -21.74
CA TYR B 435 29.87 -8.99 -21.13
C TYR B 435 30.85 -8.46 -22.16
N PHE B 436 31.38 -9.34 -23.01
CA PHE B 436 32.29 -8.87 -24.05
C PHE B 436 31.60 -7.88 -24.98
N ASN B 437 30.37 -8.19 -25.40
CA ASN B 437 29.65 -7.27 -26.27
C ASN B 437 29.42 -5.93 -25.58
N PHE B 438 29.08 -5.96 -24.29
CA PHE B 438 28.87 -4.72 -23.55
C PHE B 438 30.14 -3.89 -23.52
N PHE B 439 31.28 -4.52 -23.27
CA PHE B 439 32.54 -3.79 -23.24
C PHE B 439 32.85 -3.18 -24.61
N VAL B 440 32.62 -3.94 -25.68
CA VAL B 440 32.87 -3.42 -27.02
C VAL B 440 32.01 -2.20 -27.28
N TYR B 441 30.73 -2.27 -26.92
CA TYR B 441 29.85 -1.13 -27.15
C TYR B 441 30.31 0.07 -26.34
N CYS B 442 30.72 -0.15 -25.09
CA CYS B 442 31.20 0.96 -24.27
C CYS B 442 32.42 1.62 -24.93
N LEU B 443 33.36 0.81 -25.40
CA LEU B 443 34.55 1.37 -26.03
C LEU B 443 34.18 2.16 -27.28
N TYR B 444 33.26 1.62 -28.09
CA TYR B 444 32.83 2.34 -29.27
C TYR B 444 32.21 3.68 -28.90
N MET B 445 31.38 3.70 -27.86
CA MET B 445 30.76 4.94 -27.44
C MET B 445 31.80 5.95 -26.97
N ILE B 446 32.80 5.49 -26.22
CA ILE B 446 33.85 6.40 -25.76
C ILE B 446 34.58 7.01 -26.93
N ILE B 447 34.94 6.18 -27.92
CA ILE B 447 35.65 6.71 -29.08
C ILE B 447 34.78 7.70 -29.84
N PHE B 448 33.50 7.38 -30.01
CA PHE B 448 32.61 8.29 -30.72
C PHE B 448 32.52 9.64 -30.00
N THR B 449 32.37 9.60 -28.67
CA THR B 449 32.29 10.84 -27.91
C THR B 449 33.57 11.64 -28.05
N ALA B 450 34.72 10.97 -27.93
CA ALA B 450 35.98 11.69 -28.04
C ALA B 450 36.13 12.34 -29.41
N ALA B 451 35.79 11.60 -30.47
CA ALA B 451 35.92 12.15 -31.81
C ALA B 451 35.00 13.35 -31.99
N ALA B 452 33.75 13.24 -31.54
CA ALA B 452 32.81 14.34 -31.69
C ALA B 452 33.28 15.56 -30.91
N TYR B 453 33.84 15.35 -29.72
CA TYR B 453 34.18 16.47 -28.85
C TYR B 453 35.16 17.41 -29.53
N TYR B 454 36.19 16.87 -30.18
CA TYR B 454 37.27 17.67 -30.75
C TYR B 454 37.02 18.06 -32.20
N ARG B 455 35.76 18.07 -32.63
CA ARG B 455 35.48 18.38 -34.02
C ARG B 455 35.98 19.78 -34.35
N PRO B 456 36.64 19.99 -35.48
CA PRO B 456 37.17 21.32 -35.79
C PRO B 456 36.07 22.31 -36.11
N VAL B 457 36.40 23.59 -35.95
CA VAL B 457 35.47 24.69 -36.19
C VAL B 457 36.13 25.62 -37.20
N GLU B 458 35.88 25.37 -38.47
CA GLU B 458 36.33 26.26 -39.54
C GLU B 458 35.21 26.61 -40.50
N GLY B 459 34.31 25.69 -40.79
CA GLY B 459 33.17 25.96 -41.64
C GLY B 459 33.26 25.21 -42.95
N LEU B 460 32.09 24.90 -43.52
CA LEU B 460 31.99 24.28 -44.83
C LEU B 460 32.85 23.03 -44.91
N PRO B 461 32.45 21.94 -44.27
CA PRO B 461 33.21 20.68 -44.39
C PRO B 461 33.14 20.16 -45.81
N PRO B 462 33.90 19.10 -46.13
CA PRO B 462 34.87 18.42 -45.25
C PRO B 462 36.11 19.26 -45.00
N TYR B 463 36.87 18.89 -43.98
CA TYR B 463 38.01 19.67 -43.54
C TYR B 463 39.31 18.96 -43.87
N LYS B 464 40.30 19.72 -44.32
CA LYS B 464 41.57 19.13 -44.70
C LYS B 464 42.27 18.53 -43.50
N LEU B 465 43.02 17.46 -43.75
CA LEU B 465 43.68 16.68 -42.70
C LEU B 465 45.12 17.15 -42.55
N LYS B 466 45.40 17.87 -41.48
CA LYS B 466 46.77 18.29 -41.20
C LYS B 466 47.60 17.11 -40.74
N ASN B 467 48.87 17.08 -41.16
CA ASN B 467 49.75 15.99 -40.77
C ASN B 467 50.16 16.14 -39.31
N THR B 468 49.32 15.65 -38.41
CA THR B 468 49.56 15.77 -36.97
C THR B 468 49.03 14.53 -36.28
N VAL B 469 49.61 14.22 -35.12
CA VAL B 469 49.17 13.06 -34.35
C VAL B 469 47.72 13.26 -33.87
N GLY B 470 47.42 14.45 -33.37
CA GLY B 470 46.07 14.69 -32.87
C GLY B 470 45.03 14.62 -33.97
N ASP B 471 45.32 15.24 -35.11
CA ASP B 471 44.39 15.17 -36.24
C ASP B 471 44.25 13.73 -36.71
N TYR B 472 45.35 12.97 -36.70
CA TYR B 472 45.28 11.56 -37.10
C TYR B 472 44.35 10.78 -36.18
N PHE B 473 44.49 10.98 -34.86
CA PHE B 473 43.59 10.32 -33.92
C PHE B 473 42.15 10.73 -34.17
N ARG B 474 41.91 12.02 -34.40
CA ARG B 474 40.54 12.47 -34.63
C ARG B 474 39.94 11.78 -35.85
N VAL B 475 40.69 11.74 -36.95
CA VAL B 475 40.15 11.15 -38.18
C VAL B 475 39.92 9.66 -38.02
N THR B 476 40.86 8.95 -37.39
CA THR B 476 40.67 7.52 -37.23
C THR B 476 39.49 7.23 -36.31
N GLY B 477 39.31 8.04 -35.26
CA GLY B 477 38.13 7.90 -34.42
C GLY B 477 36.85 8.13 -35.20
N GLU B 478 36.91 9.08 -36.10
CA GLU B 478 35.74 9.35 -36.91
C GLU B 478 35.48 8.07 -37.65
N ILE B 479 36.44 7.56 -38.39
CA ILE B 479 36.25 6.38 -39.22
C ILE B 479 35.67 5.24 -38.41
N LEU B 480 36.19 5.03 -37.20
CA LEU B 480 35.67 3.97 -36.35
C LEU B 480 34.19 4.19 -36.03
N SER B 481 33.83 5.43 -35.69
CA SER B 481 32.45 5.73 -35.34
C SER B 481 31.52 5.49 -36.53
N VAL B 482 31.93 5.93 -37.72
CA VAL B 482 31.09 5.72 -38.89
C VAL B 482 30.97 4.24 -39.19
N SER B 483 32.05 3.48 -39.02
CA SER B 483 31.99 2.05 -39.23
C SER B 483 31.00 1.39 -38.27
N GLY B 484 31.03 1.81 -37.01
CA GLY B 484 30.07 1.28 -36.06
C GLY B 484 28.64 1.61 -36.45
N GLY B 485 28.42 2.83 -36.92
CA GLY B 485 27.10 3.18 -37.41
C GLY B 485 26.63 2.30 -38.54
N VAL B 486 27.53 2.04 -39.50
CA VAL B 486 27.19 1.15 -40.61
C VAL B 486 26.86 -0.24 -40.09
N TYR B 487 27.65 -0.73 -39.14
CA TYR B 487 27.41 -2.05 -38.59
C TYR B 487 26.02 -2.13 -37.97
N PHE B 488 25.67 -1.14 -37.16
CA PHE B 488 24.35 -1.16 -36.52
C PHE B 488 23.24 -1.04 -37.55
N PHE B 489 23.45 -0.23 -38.59
CA PHE B 489 22.45 -0.11 -39.65
C PHE B 489 22.20 -1.47 -40.30
N PHE B 490 23.27 -2.16 -40.68
CA PHE B 490 23.10 -3.46 -41.31
C PHE B 490 22.47 -4.46 -40.36
N ARG B 491 22.83 -4.40 -39.08
CA ARG B 491 22.21 -5.29 -38.11
C ARG B 491 20.72 -5.07 -38.01
N GLY B 492 20.30 -3.80 -37.99
CA GLY B 492 18.87 -3.51 -37.96
C GLY B 492 18.16 -3.99 -39.21
N ILE B 493 18.78 -3.80 -40.37
CA ILE B 493 18.19 -4.29 -41.61
C ILE B 493 18.03 -5.80 -41.56
N GLN B 494 19.06 -6.50 -41.08
CA GLN B 494 18.99 -7.95 -40.97
C GLN B 494 17.87 -8.38 -40.04
N TYR B 495 17.73 -7.70 -38.91
CA TYR B 495 16.65 -8.04 -37.99
C TYR B 495 15.30 -7.85 -38.67
N PHE B 496 15.11 -6.72 -39.35
CA PHE B 496 13.83 -6.45 -39.99
C PHE B 496 13.51 -7.52 -41.03
N LEU B 497 14.49 -7.93 -41.83
CA LEU B 497 14.21 -8.90 -42.88
C LEU B 497 14.02 -10.31 -42.32
N GLN B 498 14.83 -10.68 -41.32
CA GLN B 498 14.74 -12.05 -40.80
C GLN B 498 13.46 -12.26 -40.02
N ARG B 499 13.12 -11.34 -39.12
CA ARG B 499 11.91 -11.52 -38.31
C ARG B 499 10.65 -11.23 -39.10
N ARG B 500 10.70 -10.24 -39.98
CA ARG B 500 9.52 -9.85 -40.75
C ARG B 500 8.37 -9.49 -39.81
N PRO B 501 8.47 -8.39 -39.07
CA PRO B 501 7.36 -7.97 -38.22
C PRO B 501 6.12 -7.66 -39.05
N SER B 502 4.96 -7.85 -38.43
CA SER B 502 3.69 -7.76 -39.14
C SER B 502 3.20 -6.33 -39.32
N LEU B 503 4.09 -5.33 -39.20
CA LEU B 503 3.80 -3.92 -39.40
C LEU B 503 2.90 -3.33 -38.31
N LYS B 504 2.42 -4.15 -37.38
CA LYS B 504 1.71 -3.66 -36.21
C LYS B 504 2.57 -3.76 -34.96
N SER B 505 3.12 -4.94 -34.68
CA SER B 505 4.07 -5.09 -33.59
C SER B 505 5.38 -4.36 -33.87
N LEU B 506 5.62 -3.97 -35.11
CA LEU B 506 6.89 -3.36 -35.46
C LEU B 506 7.16 -2.14 -34.59
N PHE B 507 6.17 -1.26 -34.45
CA PHE B 507 6.27 -0.09 -33.61
C PHE B 507 5.71 -0.31 -32.21
N VAL B 508 5.35 -1.54 -31.86
CA VAL B 508 4.83 -1.84 -30.53
C VAL B 508 5.75 -2.76 -29.75
N ASP B 509 6.60 -3.54 -30.41
CA ASP B 509 7.56 -4.40 -29.74
C ASP B 509 8.94 -4.13 -30.32
N SER B 510 9.95 -4.53 -29.61
CA SER B 510 11.32 -4.33 -30.12
C SER B 510 11.58 -2.85 -30.17
N TYR B 511 11.53 -2.20 -29.04
CA TYR B 511 11.89 -0.77 -28.99
C TYR B 511 13.40 -0.73 -29.24
N SER B 512 14.20 -1.59 -28.63
CA SER B 512 15.65 -1.49 -28.71
C SER B 512 16.12 -1.50 -30.15
N GLU B 513 15.55 -2.39 -30.98
CA GLU B 513 15.95 -2.44 -32.38
C GLU B 513 15.65 -1.12 -33.07
N ILE B 514 14.47 -0.55 -32.80
CA ILE B 514 14.13 0.73 -33.40
C ILE B 514 15.11 1.80 -32.97
N LEU B 515 15.44 1.83 -31.68
CA LEU B 515 16.33 2.88 -31.18
C LEU B 515 17.71 2.77 -31.80
N PHE B 516 18.26 1.56 -31.87
CA PHE B 516 19.58 1.38 -32.49
C PHE B 516 19.53 1.74 -33.96
N PHE B 517 18.47 1.35 -34.66
CA PHE B 517 18.35 1.68 -36.07
C PHE B 517 18.27 3.19 -36.27
N VAL B 518 17.56 3.89 -35.37
CA VAL B 518 17.45 5.33 -35.49
C VAL B 518 18.80 5.99 -35.24
N GLN B 519 19.55 5.48 -34.27
CA GLN B 519 20.90 5.99 -34.06
C GLN B 519 21.74 5.81 -35.31
N SER B 520 21.65 4.63 -35.94
CA SER B 520 22.39 4.39 -37.17
C SER B 520 21.97 5.36 -38.27
N LEU B 521 20.66 5.59 -38.39
CA LEU B 521 20.17 6.50 -39.41
C LEU B 521 20.71 7.91 -39.19
N PHE B 522 20.70 8.36 -37.94
CA PHE B 522 21.24 9.69 -37.64
C PHE B 522 22.72 9.77 -38.02
N MET B 523 23.49 8.74 -37.66
CA MET B 523 24.92 8.75 -38.00
C MET B 523 25.12 8.79 -39.51
N LEU B 524 24.38 7.97 -40.25
CA LEU B 524 24.56 7.92 -41.70
C LEU B 524 24.16 9.23 -42.34
N VAL B 525 23.05 9.83 -41.90
CA VAL B 525 22.66 11.13 -42.43
C VAL B 525 23.72 12.17 -42.09
N SER B 526 24.32 12.07 -40.91
CA SER B 526 25.39 12.99 -40.55
C SER B 526 26.56 12.87 -41.51
N VAL B 527 26.93 11.64 -41.86
CA VAL B 527 28.01 11.45 -42.83
C VAL B 527 27.62 12.04 -44.18
N VAL B 528 26.39 11.77 -44.61
CA VAL B 528 25.93 12.26 -45.91
C VAL B 528 26.04 13.77 -45.97
N LEU B 529 25.56 14.45 -44.93
CA LEU B 529 25.66 15.90 -44.89
C LEU B 529 27.12 16.34 -44.82
N TYR B 530 27.93 15.65 -44.02
CA TYR B 530 29.33 16.03 -43.87
C TYR B 530 30.04 16.03 -45.21
N PHE B 531 29.71 15.07 -46.08
CA PHE B 531 30.30 15.04 -47.41
C PHE B 531 29.54 15.90 -48.41
N SER B 532 28.45 16.55 -47.98
CA SER B 532 27.67 17.43 -48.84
C SER B 532 27.95 18.90 -48.57
N GLN B 533 28.93 19.22 -47.72
CA GLN B 533 29.28 20.61 -47.42
C GLN B 533 28.13 21.33 -46.75
N ARG B 534 27.67 20.78 -45.63
CA ARG B 534 26.63 21.41 -44.83
C ARG B 534 27.01 21.34 -43.36
N LYS B 535 26.56 22.33 -42.60
CA LYS B 535 26.86 22.40 -41.18
C LYS B 535 25.89 21.57 -40.34
N GLU B 536 24.87 21.05 -40.93
CA GLU B 536 23.88 20.37 -40.09
C GLU B 536 24.45 19.02 -39.65
N TYR B 537 25.54 18.52 -40.24
CA TYR B 537 26.14 17.28 -39.76
C TYR B 537 26.41 17.36 -38.27
N VAL B 538 26.66 18.57 -37.74
CA VAL B 538 26.86 18.71 -36.29
C VAL B 538 25.58 18.37 -35.56
N ALA B 539 24.46 18.89 -36.03
CA ALA B 539 23.18 18.60 -35.38
C ALA B 539 22.88 17.11 -35.43
N SER B 540 23.06 16.50 -36.60
CA SER B 540 22.82 15.08 -36.72
C SER B 540 23.75 14.29 -35.80
N MET B 541 25.02 14.70 -35.72
CA MET B 541 25.98 14.02 -34.89
C MET B 541 25.60 14.08 -33.42
N VAL B 542 25.16 15.24 -32.95
CA VAL B 542 24.80 15.35 -31.54
C VAL B 542 23.55 14.53 -31.25
N PHE B 543 22.58 14.55 -32.16
CA PHE B 543 21.41 13.70 -31.97
C PHE B 543 21.82 12.24 -31.83
N SER B 544 22.67 11.78 -32.76
CA SER B 544 23.11 10.39 -32.72
C SER B 544 23.88 10.09 -31.45
N LEU B 545 24.74 11.03 -31.03
CA LEU B 545 25.56 10.80 -29.85
C LEU B 545 24.70 10.64 -28.61
N ALA B 546 23.72 11.54 -28.43
CA ALA B 546 22.84 11.43 -27.27
C ALA B 546 22.03 10.15 -27.31
N MET B 547 21.49 9.81 -28.49
CA MET B 547 20.71 8.58 -28.59
C MET B 547 21.56 7.36 -28.25
N GLY B 548 22.79 7.32 -28.76
CA GLY B 548 23.66 6.20 -28.47
C GLY B 548 23.99 6.10 -27.00
N TRP B 549 24.32 7.23 -26.37
CA TRP B 549 24.64 7.19 -24.94
C TRP B 549 23.45 6.71 -24.13
N THR B 550 22.26 7.21 -24.43
CA THR B 550 21.10 6.79 -23.67
C THR B 550 20.69 5.35 -23.99
N ASN B 551 21.22 4.78 -25.03
CA ASN B 551 20.88 3.39 -25.40
C ASN B 551 21.74 2.45 -24.57
N MET B 552 22.60 2.97 -23.71
CA MET B 552 23.38 2.09 -22.85
C MET B 552 22.49 1.30 -21.90
N LEU B 553 21.27 1.77 -21.64
CA LEU B 553 20.38 1.02 -20.77
C LEU B 553 20.12 -0.38 -21.29
N TYR B 554 20.21 -0.58 -22.61
CA TYR B 554 19.91 -1.88 -23.18
C TYR B 554 20.68 -2.98 -22.46
N TYR B 555 21.95 -2.73 -22.16
CA TYR B 555 22.80 -3.75 -21.54
C TYR B 555 22.49 -3.96 -20.08
N THR B 556 21.63 -3.14 -19.47
CA THR B 556 21.27 -3.36 -18.08
C THR B 556 20.60 -4.71 -17.88
N ARG B 557 20.01 -5.28 -18.92
CA ARG B 557 19.63 -6.69 -18.86
C ARG B 557 20.89 -7.54 -18.78
N GLY B 558 20.78 -8.66 -18.08
CA GLY B 558 21.94 -9.41 -17.67
C GLY B 558 22.38 -9.11 -16.26
N PHE B 559 21.71 -8.16 -15.58
CA PHE B 559 21.86 -7.92 -14.16
C PHE B 559 20.46 -7.75 -13.60
N GLN B 560 20.02 -8.74 -12.81
CA GLN B 560 18.59 -8.85 -12.48
C GLN B 560 18.03 -7.54 -11.94
N GLN B 561 18.69 -6.94 -10.96
CA GLN B 561 18.15 -5.74 -10.33
C GLN B 561 18.02 -4.61 -11.33
N MET B 562 19.10 -4.31 -12.05
CA MET B 562 19.05 -3.20 -12.99
C MET B 562 18.14 -3.51 -14.18
N GLY B 563 18.05 -4.78 -14.58
CA GLY B 563 17.12 -5.12 -15.64
C GLY B 563 15.69 -4.85 -15.25
N ILE B 564 15.31 -5.27 -14.03
CA ILE B 564 13.95 -5.00 -13.56
C ILE B 564 13.73 -3.50 -13.44
N TYR B 565 14.76 -2.77 -13.00
CA TYR B 565 14.62 -1.32 -12.93
C TYR B 565 14.36 -0.71 -14.30
N ALA B 566 15.08 -1.19 -15.32
CA ALA B 566 14.87 -0.69 -16.68
C ALA B 566 13.46 -1.01 -17.16
N VAL B 567 12.96 -2.19 -16.83
CA VAL B 567 11.58 -2.54 -17.22
C VAL B 567 10.60 -1.62 -16.53
N MET B 568 10.82 -1.32 -15.24
CA MET B 568 9.99 -0.33 -14.56
C MET B 568 10.00 0.99 -15.32
N ILE B 569 11.18 1.45 -15.72
CA ILE B 569 11.28 2.71 -16.44
C ILE B 569 10.46 2.65 -17.71
N GLU B 570 10.51 1.53 -18.41
CA GLU B 570 9.76 1.43 -19.67
C GLU B 570 8.34 1.62 -19.29
N LYS B 571 7.81 0.75 -18.46
CA LYS B 571 6.38 0.79 -18.19
C LYS B 571 5.94 2.19 -17.79
N MET B 572 6.75 2.86 -16.98
CA MET B 572 6.39 4.21 -16.54
C MET B 572 6.29 5.15 -17.72
N ILE B 573 7.34 5.20 -18.54
CA ILE B 573 7.33 6.07 -19.70
C ILE B 573 6.15 5.73 -20.60
N LEU B 574 5.76 4.46 -20.65
CA LEU B 574 4.69 4.07 -21.55
C LEU B 574 3.34 4.56 -21.05
N ARG B 575 3.06 4.43 -19.76
CA ARG B 575 1.73 4.75 -19.25
C ARG B 575 1.66 6.11 -18.56
N ASP B 576 2.42 6.30 -17.49
CA ASP B 576 2.18 7.45 -16.62
C ASP B 576 2.70 8.72 -17.27
N LEU B 577 3.93 8.67 -17.79
CA LEU B 577 4.48 9.84 -18.44
C LEU B 577 3.62 10.26 -19.62
N CYS B 578 3.10 9.28 -20.37
CA CYS B 578 2.26 9.61 -21.51
C CYS B 578 1.00 10.35 -21.07
N ARG B 579 0.26 9.78 -20.11
CA ARG B 579 -0.98 10.42 -19.70
C ARG B 579 -0.71 11.82 -19.14
N PHE B 580 0.28 11.92 -18.25
CA PHE B 580 0.56 13.22 -17.65
C PHE B 580 0.99 14.23 -18.72
N MET B 581 1.81 13.80 -19.68
CA MET B 581 2.26 14.72 -20.70
C MET B 581 1.10 15.22 -21.53
N PHE B 582 0.15 14.34 -21.87
CA PHE B 582 -0.99 14.80 -22.64
C PHE B 582 -1.77 15.87 -21.88
N VAL B 583 -2.15 15.57 -20.64
CA VAL B 583 -2.98 16.52 -19.90
C VAL B 583 -2.22 17.82 -19.67
N TYR B 584 -0.96 17.71 -19.26
CA TYR B 584 -0.17 18.88 -18.94
C TYR B 584 0.08 19.75 -20.16
N LEU B 585 0.31 19.12 -21.33
CA LEU B 585 0.51 19.89 -22.53
C LEU B 585 -0.76 20.63 -22.93
N VAL B 586 -1.92 19.99 -22.79
CA VAL B 586 -3.17 20.70 -23.04
C VAL B 586 -3.26 21.94 -22.15
N PHE B 587 -3.04 21.74 -20.85
CA PHE B 587 -3.12 22.86 -19.91
C PHE B 587 -2.15 23.96 -20.28
N LEU B 588 -0.90 23.57 -20.56
CA LEU B 588 0.15 24.54 -20.83
C LEU B 588 -0.16 25.35 -22.08
N PHE B 589 -0.59 24.67 -23.14
CA PHE B 589 -0.91 25.39 -24.37
C PHE B 589 -2.06 26.35 -24.14
N GLY B 590 -3.10 25.90 -23.43
CA GLY B 590 -4.23 26.78 -23.20
C GLY B 590 -3.82 28.04 -22.47
N PHE B 591 -3.19 27.88 -21.31
CA PHE B 591 -2.85 29.04 -20.51
C PHE B 591 -1.79 29.90 -21.19
N SER B 592 -0.88 29.29 -21.94
CA SER B 592 0.11 30.06 -22.67
C SER B 592 -0.53 30.94 -23.73
N THR B 593 -1.49 30.38 -24.48
CA THR B 593 -2.19 31.18 -25.47
C THR B 593 -2.93 32.33 -24.79
N ALA B 594 -3.61 32.05 -23.67
CA ALA B 594 -4.30 33.11 -22.97
C ALA B 594 -3.33 34.22 -22.56
N VAL B 595 -2.19 33.84 -21.98
CA VAL B 595 -1.24 34.83 -21.48
C VAL B 595 -0.71 35.67 -22.63
N VAL B 596 -0.27 35.02 -23.71
CA VAL B 596 0.30 35.78 -24.83
C VAL B 596 -0.74 36.72 -25.40
N THR B 597 -2.00 36.28 -25.48
CA THR B 597 -3.06 37.18 -25.89
C THR B 597 -3.12 38.39 -24.98
N LEU B 598 -3.06 38.17 -23.67
CA LEU B 598 -3.14 39.28 -22.73
C LEU B 598 -1.99 40.26 -22.92
N ILE B 599 -0.78 39.74 -23.10
CA ILE B 599 0.38 40.61 -23.22
C ILE B 599 0.19 41.55 -24.40
N GLU B 600 0.51 42.83 -24.18
CA GLU B 600 0.27 43.85 -25.19
C GLU B 600 1.31 43.80 -26.29
N ASP B 601 2.57 44.01 -25.94
CA ASP B 601 3.66 43.98 -26.92
C ASP B 601 4.98 44.03 -26.17
N GLY B 602 5.99 43.40 -26.74
CA GLY B 602 7.30 43.34 -26.12
C GLY B 602 8.01 42.06 -26.49
N LYS B 603 9.03 41.74 -25.70
CA LYS B 603 9.83 40.55 -25.96
C LYS B 603 8.96 39.30 -25.94
N TYR B 604 8.06 39.20 -24.96
CA TYR B 604 7.27 38.01 -24.74
C TYR B 604 5.95 38.02 -25.50
N ASN B 605 5.85 38.81 -26.58
CA ASN B 605 4.64 38.88 -27.37
C ASN B 605 4.59 37.79 -28.45
N SER B 606 5.32 36.70 -28.26
CA SER B 606 5.33 35.59 -29.20
C SER B 606 4.95 34.31 -28.46
N LEU B 607 4.31 33.40 -29.18
CA LEU B 607 3.81 32.17 -28.55
C LEU B 607 4.96 31.35 -27.98
N TYR B 608 6.08 31.26 -28.72
CA TYR B 608 7.20 30.44 -28.27
C TYR B 608 7.75 30.95 -26.94
N SER B 609 7.99 32.25 -26.84
CA SER B 609 8.59 32.80 -25.64
C SER B 609 7.68 32.61 -24.44
N THR B 610 6.39 32.92 -24.59
CA THR B 610 5.47 32.77 -23.48
C THR B 610 5.31 31.32 -23.07
N CYS B 611 5.26 30.41 -24.05
CA CYS B 611 5.17 28.99 -23.72
C CYS B 611 6.38 28.54 -22.94
N LEU B 612 7.57 28.97 -23.36
CA LEU B 612 8.78 28.61 -22.62
C LEU B 612 8.74 29.16 -21.20
N GLU B 613 8.29 30.42 -21.05
CA GLU B 613 8.26 31.03 -19.74
C GLU B 613 7.28 30.32 -18.82
N LEU B 614 6.11 29.94 -19.33
CA LEU B 614 5.18 29.17 -18.52
C LEU B 614 5.75 27.80 -18.18
N PHE B 615 6.44 27.16 -19.13
CA PHE B 615 7.04 25.87 -18.83
C PHE B 615 8.09 25.98 -17.76
N LYS B 616 8.78 27.11 -17.67
CA LYS B 616 9.83 27.26 -16.68
C LYS B 616 9.29 27.03 -15.26
N PHE B 617 8.00 27.25 -15.05
CA PHE B 617 7.42 26.98 -13.75
C PHE B 617 7.55 25.51 -13.37
N THR B 618 7.34 24.62 -14.34
CA THR B 618 7.29 23.19 -14.02
C THR B 618 8.58 22.70 -13.39
N ILE B 619 9.69 23.34 -13.71
CA ILE B 619 11.00 22.90 -13.23
C ILE B 619 11.48 23.75 -12.05
N GLY B 620 10.55 24.39 -11.35
CA GLY B 620 10.93 25.20 -10.21
C GLY B 620 11.73 26.43 -10.57
N MET B 621 11.34 27.12 -11.65
CA MET B 621 12.04 28.32 -12.07
C MET B 621 11.09 29.43 -12.52
N GLY B 622 9.81 29.34 -12.15
CA GLY B 622 8.86 30.36 -12.56
C GLY B 622 9.22 31.72 -12.00
N ASP B 623 8.62 32.75 -12.59
CA ASP B 623 8.96 34.14 -12.26
C ASP B 623 7.79 34.90 -11.67
N LEU B 624 6.61 34.80 -12.27
CA LEU B 624 5.41 35.52 -11.82
C LEU B 624 5.52 37.01 -12.07
N GLU B 625 6.66 37.48 -12.59
CA GLU B 625 6.83 38.89 -12.92
C GLU B 625 7.68 39.06 -14.17
N PHE B 626 7.68 38.08 -15.06
CA PHE B 626 8.61 38.11 -16.18
C PHE B 626 8.31 39.22 -17.16
N THR B 627 7.16 39.88 -17.06
CA THR B 627 6.88 41.01 -17.92
C THR B 627 5.82 41.89 -17.27
N GLU B 628 5.78 43.14 -17.72
CA GLU B 628 4.74 44.09 -17.30
C GLU B 628 4.03 44.72 -18.48
N ASN B 629 4.40 44.39 -19.71
CA ASN B 629 3.82 45.00 -20.91
C ASN B 629 2.43 44.42 -21.11
N TYR B 630 1.45 45.03 -20.45
CA TYR B 630 0.06 44.62 -20.58
C TYR B 630 -0.79 45.67 -19.88
N ASP B 631 -2.09 45.39 -19.81
CA ASP B 631 -3.00 46.05 -18.90
C ASP B 631 -3.63 45.00 -18.00
N PHE B 632 -4.32 45.46 -16.97
CA PHE B 632 -5.17 44.60 -16.16
C PHE B 632 -4.31 43.53 -15.46
N LYS B 633 -3.38 44.01 -14.64
CA LYS B 633 -2.46 43.13 -13.95
C LYS B 633 -3.19 42.06 -13.16
N ALA B 634 -4.39 42.36 -12.67
CA ALA B 634 -5.15 41.38 -11.91
C ALA B 634 -5.42 40.14 -12.75
N VAL B 635 -5.80 40.32 -14.01
CA VAL B 635 -6.07 39.19 -14.87
C VAL B 635 -4.81 38.37 -15.09
N PHE B 636 -3.68 39.04 -15.32
CA PHE B 636 -2.43 38.33 -15.54
C PHE B 636 -2.06 37.48 -14.34
N ILE B 637 -2.11 38.08 -13.14
CA ILE B 637 -1.71 37.33 -11.96
C ILE B 637 -2.70 36.21 -11.67
N ILE B 638 -4.00 36.44 -11.93
CA ILE B 638 -4.98 35.38 -11.73
C ILE B 638 -4.67 34.21 -12.65
N LEU B 639 -4.37 34.50 -13.92
CA LEU B 639 -4.07 33.43 -14.86
C LEU B 639 -2.84 32.65 -14.42
N LEU B 640 -1.79 33.36 -14.01
CA LEU B 640 -0.57 32.67 -13.60
C LEU B 640 -0.81 31.82 -12.36
N LEU B 641 -1.54 32.36 -11.37
CA LEU B 641 -1.80 31.58 -10.17
C LEU B 641 -2.64 30.36 -10.48
N ALA B 642 -3.66 30.51 -11.33
CA ALA B 642 -4.47 29.36 -11.69
C ALA B 642 -3.61 28.30 -12.38
N TYR B 643 -2.74 28.72 -13.30
CA TYR B 643 -1.88 27.76 -13.99
C TYR B 643 -0.96 27.07 -13.00
N VAL B 644 -0.37 27.81 -12.08
CA VAL B 644 0.51 27.21 -11.08
C VAL B 644 -0.24 26.17 -10.27
N ILE B 645 -1.40 26.56 -9.72
CA ILE B 645 -2.17 25.65 -8.88
C ILE B 645 -2.54 24.40 -9.66
N LEU B 646 -2.99 24.56 -10.90
CA LEU B 646 -3.48 23.42 -11.66
C LEU B 646 -2.36 22.48 -12.05
N THR B 647 -1.23 23.01 -12.52
CA THR B 647 -0.16 22.14 -12.98
C THR B 647 0.81 21.78 -11.86
N TYR B 648 1.53 22.77 -11.32
CA TYR B 648 2.64 22.47 -10.42
C TYR B 648 2.16 21.79 -9.15
N ILE B 649 1.17 22.39 -8.48
CA ILE B 649 0.75 21.86 -7.19
C ILE B 649 0.01 20.55 -7.35
N LEU B 650 -0.89 20.47 -8.33
CA LEU B 650 -1.77 19.31 -8.45
C LEU B 650 -1.18 18.20 -9.31
N LEU B 651 -0.89 18.50 -10.58
CA LEU B 651 -0.62 17.44 -11.54
C LEU B 651 0.71 16.73 -11.25
N LEU B 652 1.73 17.48 -10.83
CA LEU B 652 3.01 16.84 -10.53
C LEU B 652 2.88 15.88 -9.35
N ASN B 653 2.22 16.37 -8.35
CA ASN B 653 2.01 15.57 -7.17
C ASN B 653 1.23 14.34 -7.62
N MET B 654 0.15 14.46 -8.41
CA MET B 654 -0.62 13.34 -8.92
C MET B 654 0.26 12.38 -9.69
N LEU B 655 1.24 12.91 -10.44
CA LEU B 655 2.16 12.05 -11.15
C LEU B 655 2.96 11.20 -10.19
N ILE B 656 3.43 11.79 -9.10
CA ILE B 656 4.18 11.03 -8.11
C ILE B 656 3.31 9.91 -7.54
N ALA B 657 2.05 10.24 -7.20
CA ALA B 657 1.17 9.24 -6.61
C ALA B 657 0.86 8.11 -7.58
N LEU B 658 0.55 8.45 -8.83
CA LEU B 658 0.28 7.41 -9.83
C LEU B 658 1.50 6.55 -10.06
N MET B 659 2.67 7.13 -10.07
CA MET B 659 3.82 6.28 -10.30
C MET B 659 3.85 5.39 -9.08
N GLY B 660 3.76 5.87 -7.86
CA GLY B 660 3.85 4.99 -6.71
C GLY B 660 2.92 3.80 -6.85
N GLU B 661 1.68 4.06 -7.25
CA GLU B 661 0.74 2.95 -7.45
C GLU B 661 1.26 1.98 -8.50
N THR B 662 1.77 2.51 -9.60
CA THR B 662 2.30 1.65 -10.65
C THR B 662 3.40 0.75 -10.09
N VAL B 663 4.36 1.34 -9.37
CA VAL B 663 5.42 0.52 -8.76
C VAL B 663 4.79 -0.58 -7.92
N ASN B 664 3.82 -0.21 -7.09
CA ASN B 664 3.21 -1.19 -6.22
C ASN B 664 2.53 -2.30 -7.03
N LYS B 665 2.20 -2.05 -8.29
CA LYS B 665 1.37 -3.00 -9.04
C LYS B 665 2.13 -3.90 -10.01
N ILE B 666 3.35 -3.56 -10.43
CA ILE B 666 3.94 -4.25 -11.58
C ILE B 666 5.26 -4.93 -11.24
N ALA B 667 5.42 -5.41 -10.01
CA ALA B 667 6.66 -6.11 -9.65
C ALA B 667 6.83 -7.38 -10.46
N GLN B 668 5.91 -8.33 -10.29
CA GLN B 668 6.07 -9.65 -10.91
C GLN B 668 6.09 -9.54 -12.43
N GLU B 669 5.23 -8.69 -12.99
CA GLU B 669 5.24 -8.53 -14.44
C GLU B 669 6.57 -7.99 -14.92
N SER B 670 7.15 -7.05 -14.18
CA SER B 670 8.45 -6.52 -14.56
C SER B 670 9.52 -7.62 -14.52
N LYS B 671 9.51 -8.44 -13.48
CA LYS B 671 10.49 -9.51 -13.41
C LYS B 671 10.34 -10.48 -14.58
N ASN B 672 9.10 -10.83 -14.91
CA ASN B 672 8.87 -11.75 -16.02
C ASN B 672 9.32 -11.14 -17.34
N ILE B 673 9.05 -9.85 -17.54
CA ILE B 673 9.49 -9.20 -18.77
C ILE B 673 11.01 -9.21 -18.85
N TRP B 674 11.69 -8.95 -17.73
CA TRP B 674 13.14 -9.01 -17.76
C TRP B 674 13.62 -10.41 -18.13
N LYS B 675 12.98 -11.44 -17.58
CA LYS B 675 13.38 -12.80 -17.92
C LYS B 675 13.20 -13.06 -19.40
N LEU B 676 12.09 -12.59 -19.97
CA LEU B 676 11.88 -12.77 -21.41
C LEU B 676 12.93 -12.05 -22.21
N GLN B 677 13.30 -10.83 -21.80
CA GLN B 677 14.33 -10.09 -22.51
C GLN B 677 15.65 -10.86 -22.50
N ARG B 678 16.02 -11.40 -21.34
CA ARG B 678 17.26 -12.17 -21.28
C ARG B 678 17.17 -13.41 -22.16
N ALA B 679 16.01 -14.06 -22.19
CA ALA B 679 15.83 -15.22 -23.04
C ALA B 679 16.04 -14.86 -24.51
N ILE B 680 15.45 -13.74 -24.94
CA ILE B 680 15.63 -13.31 -26.33
C ILE B 680 17.10 -13.04 -26.60
N THR B 681 17.80 -12.42 -25.64
CA THR B 681 19.22 -12.18 -25.82
C THR B 681 19.99 -13.48 -26.02
N ILE B 682 19.72 -14.47 -25.20
CA ILE B 682 20.39 -15.79 -25.29
C ILE B 682 20.09 -16.37 -26.66
N LEU B 683 18.84 -16.37 -27.12
CA LEU B 683 18.51 -16.98 -28.40
C LEU B 683 19.23 -16.27 -29.54
N ASP B 684 19.19 -14.97 -29.57
CA ASP B 684 19.92 -14.26 -30.63
C ASP B 684 21.37 -14.70 -30.55
N THR B 685 22.01 -14.53 -29.40
CA THR B 685 23.45 -14.83 -29.33
C THR B 685 23.74 -16.21 -29.89
N GLU B 686 22.95 -17.21 -29.50
CA GLU B 686 23.22 -18.56 -29.96
C GLU B 686 23.05 -18.66 -31.47
N LYS B 687 21.99 -18.07 -32.02
CA LYS B 687 21.80 -18.08 -33.46
C LYS B 687 22.81 -17.21 -34.19
N SER B 688 23.58 -16.40 -33.50
CA SER B 688 24.47 -15.42 -34.15
C SER B 688 25.74 -16.07 -34.67
N PHE B 689 26.09 -17.25 -34.16
CA PHE B 689 27.33 -17.90 -34.54
C PHE B 689 28.56 -17.06 -34.18
N LEU B 690 28.43 -16.16 -33.19
CA LEU B 690 29.52 -15.27 -32.87
C LEU B 690 30.75 -16.05 -32.39
N LYS B 691 30.54 -17.01 -31.49
CA LYS B 691 31.63 -17.86 -31.03
C LYS B 691 31.22 -19.31 -30.79
N CYS B 692 29.99 -19.64 -31.18
CA CYS B 692 29.41 -20.99 -30.96
C CYS B 692 29.95 -21.96 -32.00
N MET B 693 29.51 -21.80 -33.22
CA MET B 693 29.79 -22.69 -34.35
C MET B 693 29.40 -24.12 -34.01
N ARG B 694 28.22 -24.27 -33.40
CA ARG B 694 27.69 -25.54 -32.93
C ARG B 694 28.52 -26.11 -31.78
N LYS B 695 29.48 -25.36 -31.26
CA LYS B 695 30.13 -25.69 -30.01
C LYS B 695 29.31 -25.08 -28.88
N ALA B 696 29.86 -25.04 -27.67
CA ALA B 696 29.11 -24.57 -26.50
C ALA B 696 27.84 -25.41 -26.35
N PHE B 697 28.05 -26.68 -26.04
CA PHE B 697 26.98 -27.67 -26.13
C PHE B 697 25.85 -27.33 -25.15
N ARG B 698 24.78 -28.12 -25.25
CA ARG B 698 23.49 -27.77 -24.66
C ARG B 698 23.24 -28.47 -23.31
N SER B 699 23.44 -29.78 -23.24
CA SER B 699 23.22 -30.53 -22.00
C SER B 699 23.74 -31.95 -22.20
N GLY B 700 23.53 -32.79 -21.19
CA GLY B 700 24.03 -34.15 -21.23
C GLY B 700 23.04 -35.13 -21.81
N LYS B 701 23.57 -36.27 -22.25
CA LYS B 701 22.78 -37.32 -22.88
C LYS B 701 22.81 -38.58 -22.02
N LEU B 702 21.71 -39.32 -22.04
CA LEU B 702 21.57 -40.49 -21.18
C LEU B 702 20.66 -41.51 -21.84
N LEU B 703 20.77 -42.76 -21.38
CA LEU B 703 19.85 -43.84 -21.73
C LEU B 703 18.99 -44.07 -20.49
N GLN B 704 17.74 -43.60 -20.54
CA GLN B 704 16.90 -43.52 -19.36
C GLN B 704 15.87 -44.63 -19.26
N VAL B 705 15.37 -45.14 -20.38
CA VAL B 705 14.33 -46.16 -20.32
C VAL B 705 14.91 -47.55 -20.08
N GLY B 706 16.13 -47.81 -20.55
CA GLY B 706 16.66 -49.16 -20.53
C GLY B 706 16.25 -49.92 -21.77
N PHE B 707 14.94 -50.00 -21.99
CA PHE B 707 14.40 -50.59 -23.20
C PHE B 707 13.05 -49.96 -23.50
N THR B 708 12.85 -49.60 -24.76
CA THR B 708 11.56 -49.12 -25.25
C THR B 708 10.67 -50.33 -25.49
N PRO B 709 9.41 -50.12 -25.88
CA PRO B 709 8.55 -51.28 -26.19
C PRO B 709 9.19 -52.19 -27.23
N ASP B 710 9.84 -51.61 -28.23
CA ASP B 710 10.67 -52.40 -29.12
C ASP B 710 11.95 -52.82 -28.40
N GLY B 711 12.57 -53.89 -28.90
CA GLY B 711 13.79 -54.38 -28.29
C GLY B 711 14.90 -53.36 -28.22
N LYS B 712 14.85 -52.34 -29.08
CA LYS B 712 15.88 -51.31 -29.07
C LYS B 712 15.74 -50.40 -27.86
N ASP B 713 16.86 -49.82 -27.45
CA ASP B 713 16.88 -48.82 -26.38
C ASP B 713 16.76 -47.43 -26.99
N ASP B 714 16.95 -46.39 -26.19
CA ASP B 714 16.89 -45.03 -26.71
C ASP B 714 17.65 -44.09 -25.79
N TYR B 715 18.02 -42.94 -26.35
CA TYR B 715 18.60 -41.84 -25.61
C TYR B 715 17.74 -40.61 -25.86
N ARG B 716 17.39 -39.89 -24.79
CA ARG B 716 16.38 -38.83 -24.88
C ARG B 716 16.94 -37.46 -24.53
N TRP B 717 18.25 -37.26 -24.61
CA TRP B 717 18.85 -35.92 -24.55
C TRP B 717 18.40 -35.20 -23.29
N CYS B 718 18.38 -35.91 -22.18
CA CYS B 718 17.72 -35.44 -20.97
C CYS B 718 18.44 -34.24 -20.37
N PHE B 719 17.88 -33.74 -19.27
CA PHE B 719 18.43 -32.62 -18.53
C PHE B 719 18.20 -32.86 -17.04
N ARG B 720 19.26 -32.74 -16.25
CA ARG B 720 19.18 -33.13 -14.83
C ARG B 720 18.96 -31.96 -13.91
N VAL B 721 18.10 -32.13 -12.94
CA VAL B 721 17.86 -31.14 -11.89
C VAL B 721 17.61 -31.92 -10.60
N ASP B 722 18.56 -31.84 -9.67
CA ASP B 722 18.43 -32.55 -8.40
C ASP B 722 17.39 -31.87 -7.51
N GLU B 723 16.68 -32.69 -6.74
CA GLU B 723 15.65 -32.21 -5.84
C GLU B 723 15.73 -32.96 -4.52
N VAL B 724 15.35 -32.29 -3.44
CA VAL B 724 15.35 -32.85 -2.10
C VAL B 724 14.01 -32.57 -1.45
N ASN B 725 13.46 -33.56 -0.78
CA ASN B 725 12.16 -33.41 -0.09
C ASN B 725 12.16 -34.32 1.12
N TRP B 726 11.55 -33.89 2.21
CA TRP B 726 11.44 -34.65 3.44
C TRP B 726 10.09 -35.37 3.52
N THR B 727 9.02 -34.60 3.37
CA THR B 727 7.66 -35.17 3.38
C THR B 727 7.53 -36.12 2.19
N THR B 728 6.50 -36.94 2.14
CA THR B 728 6.21 -37.80 0.97
C THR B 728 7.44 -38.69 0.76
N TRP B 729 7.69 -39.59 1.70
CA TRP B 729 8.78 -40.55 1.55
C TRP B 729 8.51 -41.53 0.42
N TYR C 199 4.01 -12.20 51.33
CA TYR C 199 2.74 -12.92 51.61
C TYR C 199 2.45 -12.94 53.11
N LYS C 200 1.18 -12.71 53.46
CA LYS C 200 0.74 -12.61 54.88
C LYS C 200 -0.54 -13.41 55.17
N GLY C 201 -1.35 -13.80 54.17
CA GLY C 201 -2.63 -14.44 54.44
C GLY C 201 -2.86 -15.70 53.64
N GLN C 202 -1.80 -16.49 53.42
CA GLN C 202 -1.90 -17.73 52.65
C GLN C 202 -2.53 -18.84 53.52
N THR C 203 -3.75 -18.57 53.97
CA THR C 203 -4.43 -19.51 54.85
C THR C 203 -4.77 -20.80 54.11
N ALA C 204 -5.18 -21.80 54.89
CA ALA C 204 -5.44 -23.12 54.31
C ALA C 204 -6.44 -23.04 53.18
N LEU C 205 -7.57 -22.36 53.41
CA LEU C 205 -8.58 -22.24 52.36
C LEU C 205 -8.04 -21.45 51.18
N HIS C 206 -7.21 -20.47 51.49
CA HIS C 206 -6.62 -19.64 50.42
C HIS C 206 -5.89 -20.64 49.52
N ILE C 207 -4.95 -21.43 50.05
CA ILE C 207 -4.15 -22.36 49.28
C ILE C 207 -5.04 -23.34 48.53
N ALA C 208 -6.07 -23.84 49.20
CA ALA C 208 -6.97 -24.80 48.57
C ALA C 208 -7.62 -24.20 47.33
N ILE C 209 -8.10 -22.97 47.44
CA ILE C 209 -8.71 -22.29 46.30
C ILE C 209 -7.67 -22.09 45.20
N GLU C 210 -6.47 -21.63 45.58
CA GLU C 210 -5.42 -21.47 44.60
C GLU C 210 -5.07 -22.81 43.95
N ARG C 211 -5.23 -23.91 44.67
CA ARG C 211 -4.95 -25.23 44.12
C ARG C 211 -6.08 -25.75 43.25
N ARG C 212 -7.27 -25.13 43.35
CA ARG C 212 -8.43 -25.47 42.50
C ARG C 212 -8.83 -26.92 42.68
N ASN C 213 -9.19 -27.34 43.89
CA ASN C 213 -9.73 -28.67 44.19
C ASN C 213 -11.06 -28.52 44.90
N MET C 214 -12.03 -29.35 44.49
CA MET C 214 -13.38 -29.27 45.03
C MET C 214 -13.54 -30.00 46.37
N THR C 215 -12.56 -30.81 46.77
CA THR C 215 -12.66 -31.61 47.98
C THR C 215 -12.05 -30.90 49.19
N LEU C 216 -10.84 -30.37 49.07
CA LEU C 216 -10.22 -29.66 50.17
C LEU C 216 -11.05 -28.44 50.56
N VAL C 217 -11.62 -27.75 49.57
CA VAL C 217 -12.44 -26.58 49.85
C VAL C 217 -13.63 -26.97 50.72
N THR C 218 -14.30 -28.06 50.36
CA THR C 218 -15.44 -28.51 51.16
C THR C 218 -14.99 -28.96 52.55
N LEU C 219 -13.87 -29.68 52.63
CA LEU C 219 -13.38 -30.15 53.92
C LEU C 219 -13.04 -28.97 54.83
N LEU C 220 -12.60 -27.85 54.27
CA LEU C 220 -12.41 -26.65 55.07
C LEU C 220 -13.74 -25.98 55.37
N VAL C 221 -14.69 -26.06 54.44
CA VAL C 221 -15.99 -25.42 54.64
C VAL C 221 -16.67 -26.01 55.87
N GLU C 222 -16.67 -27.34 55.98
CA GLU C 222 -17.16 -27.95 57.20
C GLU C 222 -16.36 -27.44 58.39
N ASN C 223 -16.90 -27.66 59.59
CA ASN C 223 -16.32 -27.17 60.84
C ASN C 223 -16.03 -25.66 60.80
N GLY C 224 -16.68 -24.93 59.90
CA GLY C 224 -16.63 -23.49 59.92
C GLY C 224 -15.28 -22.82 59.79
N ALA C 225 -14.59 -23.04 58.68
CA ALA C 225 -13.38 -22.29 58.39
C ALA C 225 -13.66 -20.80 58.22
N ASP C 226 -12.78 -19.97 58.77
CA ASP C 226 -12.96 -18.53 58.66
C ASP C 226 -12.90 -18.10 57.20
N VAL C 227 -13.75 -17.15 56.83
CA VAL C 227 -13.86 -16.73 55.43
C VAL C 227 -13.78 -15.21 55.31
N GLN C 228 -13.14 -14.53 56.24
CA GLN C 228 -12.98 -13.05 56.15
C GLN C 228 -11.55 -12.69 56.52
N ALA C 229 -10.58 -13.41 55.97
CA ALA C 229 -9.16 -13.16 56.19
C ALA C 229 -8.60 -12.36 55.01
N ALA C 230 -7.86 -11.31 55.32
CA ALA C 230 -7.29 -10.43 54.30
C ALA C 230 -5.78 -10.63 54.25
N ALA C 231 -5.28 -10.96 53.06
CA ALA C 231 -3.86 -11.23 52.85
C ALA C 231 -3.17 -9.93 52.43
N ASN C 232 -2.77 -9.12 53.40
CA ASN C 232 -2.12 -7.84 53.07
C ASN C 232 -0.61 -8.06 52.94
N GLY C 233 -0.15 -9.29 52.66
CA GLY C 233 1.26 -9.51 52.42
C GLY C 233 1.75 -8.72 51.23
N ASP C 234 3.00 -8.25 51.31
CA ASP C 234 3.57 -7.46 50.23
C ASP C 234 3.51 -8.21 48.90
N PHE C 235 3.59 -9.53 48.94
CA PHE C 235 3.41 -10.33 47.73
C PHE C 235 1.97 -10.31 47.23
N PHE C 236 1.03 -9.89 48.07
CA PHE C 236 -0.39 -9.89 47.70
C PHE C 236 -0.92 -8.50 47.43
N LYS C 237 -0.06 -7.49 47.41
CA LYS C 237 -0.49 -6.13 47.10
C LYS C 237 -0.23 -5.85 45.62
N LYS C 238 -0.54 -4.62 45.22
CA LYS C 238 -0.37 -4.18 43.81
C LYS C 238 0.87 -3.33 43.66
N THR C 239 1.85 -3.77 42.87
CA THR C 239 3.06 -2.98 42.56
C THR C 239 3.94 -3.88 41.73
N LYS C 240 4.87 -3.31 40.97
CA LYS C 240 5.73 -4.09 40.09
C LYS C 240 6.72 -4.95 40.88
N GLY C 241 7.30 -4.39 41.94
CA GLY C 241 8.28 -5.11 42.73
C GLY C 241 7.77 -6.43 43.24
N ARG C 242 8.58 -7.48 43.11
CA ARG C 242 8.18 -8.83 43.48
C ARG C 242 6.83 -9.16 42.85
N PRO C 243 6.76 -9.23 41.52
CA PRO C 243 5.45 -9.43 40.86
C PRO C 243 4.66 -10.58 41.43
N GLY C 244 3.55 -10.28 42.08
CA GLY C 244 2.67 -11.29 42.63
C GLY C 244 1.39 -11.41 41.83
N PHE C 245 0.26 -11.45 42.52
CA PHE C 245 -1.04 -11.54 41.84
C PHE C 245 -2.09 -10.92 42.76
N TYR C 246 -2.43 -9.66 42.49
CA TYR C 246 -3.50 -9.01 43.22
C TYR C 246 -4.84 -9.58 42.77
N PHE C 247 -5.71 -9.89 43.73
CA PHE C 247 -6.98 -10.50 43.45
C PHE C 247 -8.16 -9.88 44.20
N GLY C 248 -7.91 -9.02 45.18
CA GLY C 248 -9.00 -8.43 45.94
C GLY C 248 -8.83 -8.64 47.43
N GLU C 249 -7.96 -9.60 47.72
CA GLU C 249 -7.51 -9.90 49.10
C GLU C 249 -8.45 -10.71 49.94
N LEU C 250 -9.57 -11.10 49.38
CA LEU C 250 -10.57 -11.87 50.10
C LEU C 250 -10.78 -13.22 49.43
N PRO C 251 -11.14 -14.24 50.22
CA PRO C 251 -11.31 -15.57 49.61
C PRO C 251 -12.32 -15.58 48.48
N LEU C 252 -13.43 -14.87 48.63
CA LEU C 252 -14.40 -14.78 47.55
C LEU C 252 -13.78 -14.12 46.34
N SER C 253 -13.07 -13.01 46.56
CA SER C 253 -12.42 -12.33 45.44
C SER C 253 -11.38 -13.23 44.79
N LEU C 254 -10.59 -13.95 45.60
CA LEU C 254 -9.60 -14.86 45.03
C LEU C 254 -10.27 -15.91 44.16
N ALA C 255 -11.31 -16.56 44.68
CA ALA C 255 -12.03 -17.55 43.88
C ALA C 255 -12.54 -16.95 42.59
N ALA C 256 -12.98 -15.69 42.65
CA ALA C 256 -13.47 -15.04 41.44
C ALA C 256 -12.36 -14.84 40.43
N CYS C 257 -11.23 -14.26 40.85
CA CYS C 257 -10.15 -14.00 39.93
C CYS C 257 -9.65 -15.29 39.27
N THR C 258 -9.80 -16.42 39.94
CA THR C 258 -9.35 -17.70 39.42
C THR C 258 -10.36 -18.34 38.47
N ASN C 259 -11.51 -17.71 38.25
CA ASN C 259 -12.54 -18.24 37.35
C ASN C 259 -13.12 -19.55 37.90
N GLN C 260 -13.30 -19.59 39.21
CA GLN C 260 -13.87 -20.80 39.86
C GLN C 260 -15.36 -20.59 40.09
N LEU C 261 -16.15 -20.67 39.03
CA LEU C 261 -17.60 -20.59 39.18
C LEU C 261 -18.13 -21.76 39.98
N ALA C 262 -17.60 -22.96 39.74
CA ALA C 262 -18.07 -24.13 40.46
C ALA C 262 -18.01 -23.93 41.96
N ILE C 263 -16.85 -23.48 42.46
CA ILE C 263 -16.74 -23.17 43.88
C ILE C 263 -17.76 -22.11 44.25
N VAL C 264 -17.83 -21.03 43.47
CA VAL C 264 -18.82 -19.99 43.70
C VAL C 264 -20.21 -20.62 43.67
N LYS C 265 -21.17 -19.94 44.29
CA LYS C 265 -22.50 -20.40 44.66
C LYS C 265 -22.43 -21.21 45.95
N PHE C 266 -21.24 -21.44 46.49
CA PHE C 266 -21.13 -21.93 47.87
C PHE C 266 -21.69 -20.91 48.84
N LEU C 267 -21.87 -19.66 48.40
CA LEU C 267 -22.30 -18.61 49.29
C LEU C 267 -23.69 -18.91 49.86
N LEU C 268 -23.98 -18.29 51.00
CA LEU C 268 -25.27 -18.40 51.68
C LEU C 268 -25.69 -19.88 51.79
N GLN C 269 -24.90 -20.62 52.55
CA GLN C 269 -25.17 -22.02 52.86
C GLN C 269 -24.93 -22.25 54.34
N ASN C 270 -25.08 -23.50 54.78
CA ASN C 270 -24.97 -23.86 56.18
C ASN C 270 -23.59 -24.44 56.48
N SER C 271 -23.31 -24.62 57.77
CA SER C 271 -21.97 -24.99 58.22
C SER C 271 -20.96 -24.01 57.63
N TRP C 272 -21.38 -22.75 57.60
CA TRP C 272 -20.62 -21.71 56.88
C TRP C 272 -20.66 -20.38 57.61
N GLN C 273 -19.83 -19.45 57.17
CA GLN C 273 -19.74 -18.11 57.73
C GLN C 273 -19.92 -17.07 56.64
N PRO C 274 -20.38 -15.86 56.99
CA PRO C 274 -20.80 -14.89 55.97
C PRO C 274 -19.76 -14.64 54.88
N ALA C 275 -20.23 -14.48 53.64
CA ALA C 275 -19.43 -14.07 52.49
C ALA C 275 -20.08 -12.87 51.83
N ASP C 276 -20.38 -11.86 52.65
CA ASP C 276 -21.00 -10.60 52.18
C ASP C 276 -20.46 -10.13 50.84
N ILE C 277 -21.32 -9.98 49.84
CA ILE C 277 -20.83 -9.44 48.58
C ILE C 277 -20.31 -8.03 48.77
N SER C 278 -20.76 -7.33 49.81
CA SER C 278 -20.35 -5.95 50.08
C SER C 278 -19.09 -5.89 50.93
N ALA C 279 -18.25 -6.92 50.89
CA ALA C 279 -17.01 -6.91 51.66
C ALA C 279 -16.10 -5.79 51.15
N ARG C 280 -14.98 -5.60 51.83
CA ARG C 280 -14.05 -4.55 51.49
C ARG C 280 -12.65 -4.95 51.93
N ASP C 281 -11.65 -4.69 51.10
CA ASP C 281 -10.25 -5.04 51.43
C ASP C 281 -9.57 -3.79 51.99
N SER C 282 -8.26 -3.80 52.06
CA SER C 282 -7.51 -2.66 52.58
C SER C 282 -7.68 -1.42 51.71
N VAL C 283 -8.04 -1.60 50.44
CA VAL C 283 -8.28 -0.49 49.54
C VAL C 283 -9.77 -0.34 49.20
N GLY C 284 -10.63 -1.11 49.86
CA GLY C 284 -12.06 -0.97 49.69
C GLY C 284 -12.64 -1.65 48.47
N ASN C 285 -11.82 -2.32 47.66
CA ASN C 285 -12.32 -2.97 46.46
C ASN C 285 -13.21 -4.16 46.83
N THR C 286 -14.30 -4.32 46.09
CA THR C 286 -15.22 -5.43 46.26
C THR C 286 -14.85 -6.54 45.29
N VAL C 287 -15.69 -7.58 45.23
CA VAL C 287 -15.48 -8.63 44.24
C VAL C 287 -15.57 -8.05 42.83
N LEU C 288 -16.55 -7.17 42.60
CA LEU C 288 -16.70 -6.56 41.28
C LEU C 288 -15.47 -5.74 40.93
N HIS C 289 -14.95 -4.99 41.90
CA HIS C 289 -13.72 -4.23 41.69
C HIS C 289 -12.58 -5.16 41.29
N ALA C 290 -12.45 -6.29 41.98
CA ALA C 290 -11.40 -7.24 41.63
C ALA C 290 -11.58 -7.75 40.20
N LEU C 291 -12.82 -8.06 39.82
CA LEU C 291 -13.07 -8.54 38.47
C LEU C 291 -12.64 -7.52 37.44
N VAL C 292 -13.00 -6.25 37.64
CA VAL C 292 -12.61 -5.24 36.67
C VAL C 292 -11.10 -5.05 36.66
N GLU C 293 -10.46 -5.19 37.82
CA GLU C 293 -9.01 -5.01 37.89
C GLU C 293 -8.29 -6.10 37.11
N VAL C 294 -8.69 -7.36 37.29
CA VAL C 294 -7.94 -8.46 36.70
C VAL C 294 -7.98 -8.41 35.18
N ALA C 295 -9.10 -7.96 34.60
CA ALA C 295 -9.25 -7.98 33.15
C ALA C 295 -8.11 -7.23 32.49
N ASP C 296 -7.63 -7.76 31.36
CA ASP C 296 -6.52 -7.18 30.61
C ASP C 296 -6.92 -6.91 29.16
N ASN C 297 -8.21 -6.81 28.88
CA ASN C 297 -8.74 -6.45 27.57
C ASN C 297 -8.39 -7.48 26.50
N THR C 298 -8.06 -8.71 26.90
CA THR C 298 -7.85 -9.78 25.93
C THR C 298 -9.21 -10.35 25.53
N VAL C 299 -9.21 -11.47 24.81
CA VAL C 299 -10.46 -12.03 24.30
C VAL C 299 -11.10 -12.95 25.34
N ASP C 300 -10.37 -13.99 25.72
CA ASP C 300 -10.89 -14.99 26.69
C ASP C 300 -11.08 -14.28 27.99
N ASN C 301 -10.11 -13.51 28.41
CA ASN C 301 -10.17 -12.82 29.69
C ASN C 301 -11.43 -11.96 29.76
N THR C 302 -11.64 -11.16 28.74
CA THR C 302 -12.88 -10.41 28.66
C THR C 302 -13.99 -11.39 28.88
N LYS C 303 -14.09 -12.38 28.02
CA LYS C 303 -15.25 -13.31 27.97
C LYS C 303 -15.57 -13.84 29.36
N PHE C 304 -14.58 -14.39 30.02
CA PHE C 304 -14.79 -15.05 31.32
C PHE C 304 -15.20 -13.99 32.30
N VAL C 305 -14.41 -12.95 32.43
CA VAL C 305 -14.61 -11.92 33.44
C VAL C 305 -16.00 -11.34 33.35
N THR C 306 -16.46 -11.03 32.13
CA THR C 306 -17.82 -10.55 31.98
C THR C 306 -18.83 -11.59 32.43
N SER C 307 -18.60 -12.85 32.08
CA SER C 307 -19.55 -13.90 32.41
C SER C 307 -19.71 -14.03 33.93
N MET C 308 -18.57 -14.07 34.61
CA MET C 308 -18.59 -14.16 36.08
C MET C 308 -19.30 -12.92 36.57
N TYR C 309 -18.79 -11.75 36.23
CA TYR C 309 -19.36 -10.52 36.73
C TYR C 309 -20.87 -10.60 36.70
N ASN C 310 -21.41 -11.03 35.56
CA ASN C 310 -22.84 -11.31 35.45
C ASN C 310 -23.29 -12.26 36.56
N GLU C 311 -22.74 -13.47 36.56
CA GLU C 311 -23.21 -14.51 37.48
C GLU C 311 -23.26 -14.00 38.92
N ILE C 312 -22.19 -13.33 39.36
CA ILE C 312 -22.20 -12.74 40.70
C ILE C 312 -23.33 -11.73 40.83
N LEU C 313 -23.55 -10.93 39.80
CA LEU C 313 -24.64 -9.96 39.87
C LEU C 313 -25.98 -10.65 40.11
N ILE C 314 -26.26 -11.69 39.33
CA ILE C 314 -27.54 -12.39 39.44
C ILE C 314 -27.67 -13.05 40.82
N LEU C 315 -26.62 -13.74 41.27
CA LEU C 315 -26.71 -14.39 42.56
C LEU C 315 -26.89 -13.39 43.70
N GLY C 316 -26.15 -12.28 43.66
CA GLY C 316 -26.34 -11.26 44.68
C GLY C 316 -27.75 -10.71 44.68
N ALA C 317 -28.30 -10.45 43.49
CA ALA C 317 -29.68 -10.00 43.42
C ALA C 317 -30.62 -11.03 44.01
N LYS C 318 -30.40 -12.30 43.72
CA LYS C 318 -31.26 -13.36 44.24
C LYS C 318 -31.23 -13.38 45.76
N LEU C 319 -30.05 -13.38 46.36
CA LEU C 319 -29.95 -13.55 47.80
C LEU C 319 -30.38 -12.30 48.54
N HIS C 320 -29.97 -11.12 48.07
CA HIS C 320 -30.30 -9.85 48.71
C HIS C 320 -30.83 -8.89 47.65
N PRO C 321 -32.08 -9.05 47.24
CA PRO C 321 -32.64 -8.14 46.22
C PRO C 321 -32.71 -6.70 46.68
N THR C 322 -32.68 -6.45 47.99
CA THR C 322 -32.76 -5.09 48.52
C THR C 322 -31.41 -4.39 48.56
N LEU C 323 -30.34 -5.05 48.14
CA LEU C 323 -29.01 -4.46 48.13
C LEU C 323 -28.66 -3.97 46.72
N LYS C 324 -27.87 -2.91 46.66
CA LYS C 324 -27.48 -2.26 45.41
C LYS C 324 -25.95 -2.28 45.33
N LEU C 325 -25.42 -3.19 44.52
CA LEU C 325 -23.97 -3.40 44.49
C LEU C 325 -23.24 -2.24 43.83
N GLU C 326 -23.55 -2.02 42.55
CA GLU C 326 -22.75 -1.11 41.70
C GLU C 326 -22.62 0.33 42.19
N GLU C 327 -23.34 0.79 43.20
CA GLU C 327 -23.07 2.10 43.77
C GLU C 327 -22.07 2.04 44.92
N ILE C 328 -21.62 0.84 45.29
CA ILE C 328 -20.54 0.74 46.25
C ILE C 328 -19.30 1.41 45.67
N THR C 329 -18.49 2.03 46.55
CA THR C 329 -17.30 2.75 46.13
C THR C 329 -16.15 2.37 47.03
N ASN C 330 -14.94 2.46 46.49
CA ASN C 330 -13.73 2.11 47.21
C ASN C 330 -13.19 3.33 47.95
N ARG C 331 -11.97 3.21 48.45
CA ARG C 331 -11.31 4.36 49.13
C ARG C 331 -11.24 5.50 48.14
N LYS C 332 -10.86 5.23 46.89
CA LYS C 332 -10.85 6.27 45.86
C LYS C 332 -12.24 6.82 45.57
N GLY C 333 -13.29 6.16 46.04
CA GLY C 333 -14.63 6.61 45.76
C GLY C 333 -15.11 6.33 44.35
N LEU C 334 -14.52 5.34 43.68
CA LEU C 334 -14.85 5.02 42.30
C LEU C 334 -15.70 3.76 42.25
N THR C 335 -16.84 3.84 41.58
CA THR C 335 -17.67 2.67 41.36
C THR C 335 -16.97 1.72 40.40
N PRO C 336 -17.31 0.43 40.43
CA PRO C 336 -16.66 -0.52 39.52
C PRO C 336 -16.76 -0.09 38.07
N LEU C 337 -17.92 0.41 37.65
CA LEU C 337 -18.02 0.99 36.31
C LEU C 337 -17.09 2.19 36.18
N ALA C 338 -17.07 3.05 37.20
CA ALA C 338 -16.17 4.20 37.17
C ALA C 338 -14.71 3.75 37.14
N LEU C 339 -14.37 2.73 37.93
CA LEU C 339 -13.00 2.23 37.93
C LEU C 339 -12.61 1.72 36.56
N ALA C 340 -13.49 0.94 35.92
CA ALA C 340 -13.19 0.45 34.59
C ALA C 340 -13.02 1.60 33.61
N ALA C 341 -13.89 2.61 33.69
CA ALA C 341 -13.79 3.74 32.80
C ALA C 341 -12.47 4.48 32.98
N SER C 342 -12.03 4.63 34.22
CA SER C 342 -10.81 5.37 34.52
C SER C 342 -9.56 4.51 34.41
N SER C 343 -9.70 3.22 34.13
CA SER C 343 -8.58 2.30 34.17
C SER C 343 -8.20 1.68 32.83
N GLY C 344 -9.01 1.88 31.78
CA GLY C 344 -8.65 1.41 30.46
C GLY C 344 -9.21 0.07 30.05
N LYS C 345 -10.19 -0.46 30.78
CA LYS C 345 -10.74 -1.79 30.48
C LYS C 345 -11.94 -1.62 29.56
N ILE C 346 -11.70 -1.69 28.26
CA ILE C 346 -12.75 -1.43 27.29
C ILE C 346 -13.76 -2.57 27.28
N GLY C 347 -13.30 -3.80 27.40
CA GLY C 347 -14.21 -4.94 27.28
C GLY C 347 -15.32 -4.89 28.32
N VAL C 348 -14.96 -4.67 29.58
CA VAL C 348 -15.98 -4.59 30.63
C VAL C 348 -16.86 -3.38 30.43
N LEU C 349 -16.29 -2.26 29.99
CA LEU C 349 -17.11 -1.08 29.72
C LEU C 349 -18.20 -1.43 28.73
N ALA C 350 -17.82 -2.07 27.62
CA ALA C 350 -18.80 -2.48 26.63
C ALA C 350 -19.81 -3.45 27.22
N TYR C 351 -19.34 -4.38 28.06
CA TYR C 351 -20.26 -5.36 28.64
C TYR C 351 -21.33 -4.68 29.49
N ILE C 352 -20.89 -4.01 30.55
CA ILE C 352 -21.82 -3.31 31.47
C ILE C 352 -22.72 -2.40 30.68
N LEU C 353 -22.18 -1.56 29.83
CA LEU C 353 -23.00 -0.55 29.16
C LEU C 353 -24.03 -1.16 28.22
N GLN C 354 -23.89 -2.45 27.89
CA GLN C 354 -24.85 -3.16 27.06
C GLN C 354 -25.42 -4.38 27.78
N ARG C 355 -25.48 -4.33 29.10
CA ARG C 355 -25.92 -5.50 29.89
C ARG C 355 -27.39 -5.80 29.65
N GLU C 356 -27.72 -7.05 29.39
CA GLU C 356 -29.10 -7.53 29.31
C GLU C 356 -29.23 -8.80 30.12
N ILE C 357 -30.25 -8.86 30.97
CA ILE C 357 -30.54 -10.03 31.78
C ILE C 357 -32.05 -10.24 31.69
N HIS C 358 -32.47 -11.16 30.81
CA HIS C 358 -33.89 -11.49 30.66
C HIS C 358 -34.24 -12.57 31.68
N GLU C 359 -34.29 -12.12 32.94
CA GLU C 359 -34.47 -13.01 34.08
C GLU C 359 -35.75 -12.60 34.81
N PRO C 360 -36.75 -13.47 34.95
CA PRO C 360 -38.10 -12.97 35.27
C PRO C 360 -38.21 -12.18 36.55
N GLU C 361 -37.48 -12.54 37.61
CA GLU C 361 -37.74 -11.98 38.94
C GLU C 361 -36.77 -10.86 39.32
N CYS C 362 -35.56 -10.82 38.77
CA CYS C 362 -34.61 -9.76 39.10
C CYS C 362 -33.91 -9.25 37.84
N ARG C 363 -34.66 -9.12 36.75
CA ARG C 363 -34.09 -8.56 35.53
C ARG C 363 -33.82 -7.06 35.64
N HIS C 364 -34.31 -6.41 36.70
CA HIS C 364 -34.18 -4.96 36.81
C HIS C 364 -32.72 -4.50 36.80
N LEU C 365 -31.77 -5.37 37.12
CA LEU C 365 -30.37 -4.97 37.11
C LEU C 365 -29.85 -4.69 35.71
N SER C 366 -30.52 -5.18 34.67
CA SER C 366 -30.05 -4.97 33.32
C SER C 366 -29.99 -3.48 33.00
N ARG C 367 -29.17 -3.15 31.99
CA ARG C 367 -28.96 -1.77 31.59
C ARG C 367 -29.53 -1.43 30.22
N LYS C 368 -29.77 -2.43 29.37
CA LYS C 368 -30.33 -2.22 28.05
C LYS C 368 -31.73 -2.85 27.98
N PHE C 369 -32.68 -2.11 27.42
CA PHE C 369 -34.06 -2.53 27.38
C PHE C 369 -34.60 -2.41 25.96
N THR C 370 -35.63 -3.20 25.68
CA THR C 370 -36.36 -3.16 24.42
C THR C 370 -37.78 -2.72 24.70
N GLU C 371 -38.22 -1.64 24.05
CA GLU C 371 -39.55 -1.07 24.34
C GLU C 371 -40.60 -1.78 23.49
N TRP C 372 -40.55 -1.58 22.18
CA TRP C 372 -41.60 -2.09 21.31
C TRP C 372 -40.99 -2.59 20.01
N ALA C 373 -41.59 -3.65 19.46
CA ALA C 373 -41.15 -4.24 18.20
C ALA C 373 -42.40 -4.42 17.34
N TYR C 374 -42.75 -3.38 16.57
CA TYR C 374 -43.89 -3.44 15.67
C TYR C 374 -43.43 -4.06 14.35
N GLY C 375 -42.93 -5.29 14.45
CA GLY C 375 -42.45 -6.01 13.29
C GLY C 375 -40.94 -6.12 13.27
N PRO C 376 -40.32 -5.79 12.13
CA PRO C 376 -38.86 -5.93 12.03
C PRO C 376 -38.07 -4.82 12.70
N VAL C 377 -38.68 -3.66 12.92
CA VAL C 377 -38.01 -2.52 13.54
C VAL C 377 -38.47 -2.41 14.98
N HIS C 378 -37.52 -2.28 15.90
CA HIS C 378 -37.82 -2.16 17.32
C HIS C 378 -36.93 -1.10 17.94
N SER C 379 -37.40 -0.52 19.04
CA SER C 379 -36.71 0.57 19.71
C SER C 379 -36.21 0.10 21.07
N SER C 380 -34.99 0.53 21.42
CA SER C 380 -34.35 0.15 22.66
C SER C 380 -34.02 1.39 23.48
N LEU C 381 -33.76 1.16 24.76
CA LEU C 381 -33.42 2.23 25.69
C LEU C 381 -32.09 1.91 26.36
N TYR C 382 -31.26 2.95 26.52
CA TYR C 382 -29.98 2.84 27.21
C TYR C 382 -30.00 3.75 28.42
N ASP C 383 -29.61 3.22 29.57
CA ASP C 383 -29.59 4.02 30.79
C ASP C 383 -28.49 5.06 30.72
N LEU C 384 -28.81 6.28 31.17
CA LEU C 384 -27.86 7.37 31.19
C LEU C 384 -27.33 7.69 32.58
N SER C 385 -27.90 7.11 33.63
CA SER C 385 -27.46 7.41 34.98
C SER C 385 -25.98 7.08 35.14
N CYS C 386 -25.21 8.08 35.59
CA CYS C 386 -23.78 7.93 35.84
C CYS C 386 -23.00 7.77 34.55
N ILE C 387 -23.37 8.53 33.51
CA ILE C 387 -22.60 8.65 32.28
C ILE C 387 -22.31 10.10 31.93
N ASP C 388 -23.37 10.90 31.88
CA ASP C 388 -23.28 12.32 31.44
C ASP C 388 -23.28 13.34 32.58
N THR C 389 -24.00 13.08 33.66
CA THR C 389 -24.14 14.03 34.76
C THR C 389 -24.17 13.25 36.08
N CYS C 390 -23.14 13.44 36.89
CA CYS C 390 -23.11 12.89 38.25
C CYS C 390 -22.64 13.89 39.30
N GLU C 391 -21.90 14.92 38.91
CA GLU C 391 -21.44 15.98 39.81
C GLU C 391 -20.32 15.49 40.73
N LYS C 392 -20.03 14.20 40.73
CA LYS C 392 -18.86 13.65 41.40
C LYS C 392 -17.97 12.87 40.45
N ASN C 393 -18.55 11.98 39.65
CA ASN C 393 -17.78 11.19 38.69
C ASN C 393 -18.73 10.71 37.60
N SER C 394 -18.42 11.05 36.35
CA SER C 394 -19.20 10.62 35.21
C SER C 394 -18.29 9.93 34.22
N VAL C 395 -18.81 8.88 33.58
CA VAL C 395 -17.99 8.13 32.62
C VAL C 395 -17.45 9.06 31.55
N LEU C 396 -18.32 9.93 31.01
CA LEU C 396 -17.88 10.83 29.96
C LEU C 396 -16.76 11.74 30.44
N GLU C 397 -16.97 12.43 31.55
CA GLU C 397 -15.97 13.37 32.03
C GLU C 397 -14.69 12.65 32.39
N VAL C 398 -14.80 11.48 33.02
CA VAL C 398 -13.61 10.73 33.39
C VAL C 398 -12.80 10.35 32.16
N ILE C 399 -13.47 9.78 31.15
CA ILE C 399 -12.76 9.36 29.95
C ILE C 399 -12.13 10.55 29.26
N ALA C 400 -12.89 11.64 29.10
CA ALA C 400 -12.37 12.81 28.40
C ALA C 400 -11.11 13.34 29.09
N TYR C 401 -11.18 13.56 30.39
CA TYR C 401 -10.07 14.15 31.14
C TYR C 401 -9.12 13.09 31.68
N SER C 402 -9.26 11.84 31.26
CA SER C 402 -8.33 10.80 31.70
C SER C 402 -6.92 11.14 31.24
N SER C 403 -5.96 10.78 32.08
CA SER C 403 -4.56 11.06 31.76
C SER C 403 -4.17 10.38 30.44
N SER C 404 -3.01 10.78 29.93
CA SER C 404 -2.51 10.22 28.68
C SER C 404 -2.03 8.79 28.84
N GLU C 405 -1.83 8.31 30.06
CA GLU C 405 -1.29 6.97 30.28
C GLU C 405 -2.35 5.88 30.13
N THR C 406 -3.61 6.23 29.97
CA THR C 406 -4.66 5.21 29.88
C THR C 406 -4.44 4.36 28.62
N PRO C 407 -4.49 3.04 28.72
CA PRO C 407 -4.19 2.22 27.54
C PRO C 407 -5.09 2.47 26.35
N ASN C 408 -6.39 2.70 26.56
CA ASN C 408 -7.37 2.75 25.47
C ASN C 408 -8.27 3.97 25.60
N ARG C 409 -7.68 5.14 25.85
CA ARG C 409 -8.51 6.33 26.02
C ARG C 409 -9.25 6.66 24.74
N HIS C 410 -8.59 6.55 23.59
CA HIS C 410 -9.24 6.90 22.33
C HIS C 410 -10.38 5.94 22.01
N ASP C 411 -10.12 4.63 22.08
CA ASP C 411 -11.09 3.65 21.62
C ASP C 411 -12.30 3.53 22.54
N MET C 412 -12.27 4.15 23.72
CA MET C 412 -13.37 3.99 24.66
C MET C 412 -14.66 4.59 24.10
N LEU C 413 -14.57 5.75 23.47
CA LEU C 413 -15.77 6.44 23.02
C LEU C 413 -16.49 5.71 21.90
N LEU C 414 -15.87 4.70 21.29
CA LEU C 414 -16.52 3.95 20.22
C LEU C 414 -17.68 3.11 20.70
N VAL C 415 -17.85 2.93 22.02
CA VAL C 415 -18.99 2.20 22.53
C VAL C 415 -20.27 2.95 22.12
N GLU C 416 -21.26 2.12 21.87
CA GLU C 416 -22.54 2.59 21.31
C GLU C 416 -23.10 3.78 22.02
N PRO C 417 -23.47 3.66 23.28
CA PRO C 417 -24.27 4.66 23.95
C PRO C 417 -23.47 5.95 23.91
N LEU C 418 -22.19 5.92 24.25
CA LEU C 418 -21.36 7.11 24.39
C LEU C 418 -21.32 7.90 23.09
N ASN C 419 -21.11 7.22 21.97
CA ASN C 419 -21.03 7.90 20.69
C ASN C 419 -22.36 8.56 20.36
N ARG C 420 -23.48 7.83 20.54
CA ARG C 420 -24.77 8.42 20.24
C ARG C 420 -25.03 9.63 21.11
N LEU C 421 -24.70 9.54 22.40
CA LEU C 421 -24.93 10.66 23.32
C LEU C 421 -24.12 11.88 22.89
N LEU C 422 -22.84 11.68 22.55
CA LEU C 422 -22.01 12.81 22.17
C LEU C 422 -22.54 13.46 20.89
N GLN C 423 -22.89 12.65 19.90
CA GLN C 423 -23.44 13.20 18.67
C GLN C 423 -24.72 13.97 18.95
N ASP C 424 -25.58 13.43 19.83
CA ASP C 424 -26.83 14.08 20.14
C ASP C 424 -26.60 15.44 20.78
N LYS C 425 -25.73 15.50 21.80
CA LYS C 425 -25.46 16.78 22.43
C LYS C 425 -24.90 17.78 21.42
N TRP C 426 -23.98 17.31 20.58
CA TRP C 426 -23.44 18.15 19.53
C TRP C 426 -24.58 18.79 18.74
N ASP C 427 -25.36 17.95 18.04
CA ASP C 427 -26.41 18.46 17.17
C ASP C 427 -27.41 19.31 17.91
N ARG C 428 -27.65 19.02 19.19
CA ARG C 428 -28.64 19.78 19.95
C ARG C 428 -28.19 21.22 20.12
N PHE C 429 -27.04 21.42 20.78
CA PHE C 429 -26.61 22.81 21.04
C PHE C 429 -25.14 23.10 20.83
N VAL C 430 -24.27 22.10 20.84
CA VAL C 430 -22.84 22.42 20.85
C VAL C 430 -22.42 22.89 19.48
N LYS C 431 -23.06 22.40 18.42
CA LYS C 431 -22.71 22.86 17.08
C LYS C 431 -22.86 24.37 16.99
N ARG C 432 -24.02 24.89 17.39
CA ARG C 432 -24.24 26.34 17.28
C ARG C 432 -23.33 27.11 18.22
N ILE C 433 -23.15 26.62 19.45
CA ILE C 433 -22.27 27.37 20.36
C ILE C 433 -20.86 27.42 19.80
N PHE C 434 -20.37 26.30 19.28
CA PHE C 434 -19.02 26.25 18.74
C PHE C 434 -18.87 27.15 17.53
N TYR C 435 -19.88 27.17 16.64
CA TYR C 435 -19.80 28.06 15.49
C TYR C 435 -19.74 29.51 15.93
N PHE C 436 -20.54 29.88 16.94
CA PHE C 436 -20.48 31.25 17.44
C PHE C 436 -19.10 31.57 17.97
N ASN C 437 -18.51 30.66 18.75
CA ASN C 437 -17.17 30.91 19.28
C ASN C 437 -16.16 31.06 18.15
N PHE C 438 -16.28 30.22 17.11
CA PHE C 438 -15.36 30.31 15.98
C PHE C 438 -15.48 31.67 15.30
N PHE C 439 -16.71 32.15 15.09
CA PHE C 439 -16.89 33.45 14.47
C PHE C 439 -16.29 34.56 15.33
N VAL C 440 -16.49 34.49 16.64
CA VAL C 440 -15.94 35.51 17.52
C VAL C 440 -14.42 35.52 17.42
N TYR C 441 -13.80 34.35 17.43
CA TYR C 441 -12.35 34.30 17.33
C TYR C 441 -11.88 34.86 16.00
N CYS C 442 -12.57 34.53 14.92
CA CYS C 442 -12.20 35.07 13.62
C CYS C 442 -12.25 36.60 13.62
N LEU C 443 -13.33 37.15 14.17
CA LEU C 443 -13.46 38.60 14.21
C LEU C 443 -12.34 39.23 15.04
N TYR C 444 -12.03 38.62 16.19
CA TYR C 444 -10.94 39.13 17.00
C TYR C 444 -9.63 39.11 16.24
N MET C 445 -9.36 38.03 15.52
CA MET C 445 -8.13 37.95 14.75
C MET C 445 -8.07 39.01 13.67
N ILE C 446 -9.19 39.25 12.99
CA ILE C 446 -9.22 40.28 11.95
C ILE C 446 -8.91 41.64 12.54
N ILE C 447 -9.54 41.95 13.68
CA ILE C 447 -9.29 43.25 14.30
C ILE C 447 -7.83 43.37 14.73
N PHE C 448 -7.28 42.31 15.31
CA PHE C 448 -5.89 42.35 15.74
C PHE C 448 -4.96 42.59 14.54
N THR C 449 -5.20 41.88 13.44
CA THR C 449 -4.37 42.06 12.26
C THR C 449 -4.48 43.49 11.74
N ALA C 450 -5.70 44.02 11.67
CA ALA C 450 -5.87 45.37 11.16
C ALA C 450 -5.15 46.38 12.04
N ALA C 451 -5.27 46.23 13.36
CA ALA C 451 -4.61 47.17 14.27
C ALA C 451 -3.10 47.10 14.11
N ALA C 452 -2.55 45.88 14.05
CA ALA C 452 -1.11 45.73 13.92
C ALA C 452 -0.61 46.32 12.60
N TYR C 453 -1.39 46.14 11.53
CA TYR C 453 -0.93 46.55 10.21
C TYR C 453 -0.63 48.04 10.17
N TYR C 454 -1.50 48.87 10.73
CA TYR C 454 -1.40 50.31 10.64
C TYR C 454 -0.61 50.93 11.79
N ARG C 455 0.24 50.15 12.46
CA ARG C 455 0.97 50.67 13.60
C ARG C 455 1.83 51.86 13.16
N PRO C 456 1.85 52.95 13.90
CA PRO C 456 2.63 54.12 13.48
C PRO C 456 4.13 53.86 13.57
N VAL C 457 4.88 54.64 12.81
CA VAL C 457 6.34 54.53 12.75
C VAL C 457 6.89 55.92 13.08
N GLU C 458 7.14 56.16 14.35
CA GLU C 458 7.80 57.38 14.80
C GLU C 458 8.96 57.10 15.74
N GLY C 459 8.85 56.10 16.59
CA GLY C 459 9.93 55.71 17.48
C GLY C 459 9.59 56.00 18.93
N LEU C 460 10.17 55.20 19.82
CA LEU C 460 10.06 55.40 21.26
C LEU C 460 8.60 55.52 21.68
N PRO C 461 7.85 54.43 21.68
CA PRO C 461 6.46 54.48 22.15
C PRO C 461 6.41 54.80 23.63
N PRO C 462 5.22 55.04 24.20
CA PRO C 462 3.92 55.09 23.51
C PRO C 462 3.78 56.32 22.64
N TYR C 463 2.81 56.31 21.74
CA TYR C 463 2.64 57.36 20.75
C TYR C 463 1.39 58.18 21.05
N LYS C 464 1.49 59.49 20.89
CA LYS C 464 0.38 60.36 21.19
C LYS C 464 -0.78 60.10 20.24
N LEU C 465 -1.99 60.29 20.75
CA LEU C 465 -3.23 59.98 20.03
C LEU C 465 -3.74 61.25 19.37
N LYS C 466 -3.60 61.33 18.05
CA LYS C 466 -4.15 62.47 17.31
C LYS C 466 -5.66 62.37 17.23
N ASN C 467 -6.34 63.51 17.32
CA ASN C 467 -7.79 63.52 17.25
C ASN C 467 -8.25 63.27 15.82
N THR C 468 -8.34 62.00 15.44
CA THR C 468 -8.72 61.63 14.08
C THR C 468 -9.53 60.33 14.13
N VAL C 469 -10.37 60.14 13.12
CA VAL C 469 -11.18 58.93 13.06
C VAL C 469 -10.29 57.70 12.88
N GLY C 470 -9.29 57.79 12.00
CA GLY C 470 -8.43 56.64 11.76
C GLY C 470 -7.61 56.29 13.00
N ASP C 471 -7.04 57.29 13.65
CA ASP C 471 -6.29 57.04 14.88
C ASP C 471 -7.22 56.46 15.95
N TYR C 472 -8.45 56.95 16.02
CA TYR C 472 -9.41 56.42 16.99
C TYR C 472 -9.67 54.94 16.74
N PHE C 473 -9.90 54.57 15.47
CA PHE C 473 -10.09 53.16 15.14
C PHE C 473 -8.87 52.34 15.51
N ARG C 474 -7.67 52.86 15.21
CA ARG C 474 -6.47 52.11 15.53
C ARG C 474 -6.36 51.85 17.03
N VAL C 475 -6.59 52.89 17.83
CA VAL C 475 -6.44 52.73 19.28
C VAL C 475 -7.49 51.79 19.84
N THR C 476 -8.74 51.92 19.38
CA THR C 476 -9.77 51.03 19.91
C THR C 476 -9.51 49.59 19.49
N GLY C 477 -9.01 49.38 18.27
CA GLY C 477 -8.62 48.04 17.88
C GLY C 477 -7.50 47.50 18.76
N GLU C 478 -6.60 48.37 19.10
CA GLU C 478 -5.50 47.94 19.95
C GLU C 478 -6.17 47.46 21.23
N ILE C 479 -6.97 48.29 21.87
CA ILE C 479 -7.58 47.96 23.15
C ILE C 479 -8.30 46.62 23.06
N LEU C 480 -9.06 46.41 21.98
CA LEU C 480 -9.75 45.14 21.82
C LEU C 480 -8.78 43.97 21.78
N SER C 481 -7.68 44.12 21.04
CA SER C 481 -6.71 43.04 20.92
C SER C 481 -6.08 42.72 22.27
N VAL C 482 -5.71 43.76 23.02
CA VAL C 482 -5.11 43.52 24.33
C VAL C 482 -6.11 42.87 25.27
N SER C 483 -7.37 43.28 25.19
CA SER C 483 -8.40 42.66 26.01
C SER C 483 -8.54 41.18 25.68
N GLY C 484 -8.52 40.84 24.39
CA GLY C 484 -8.58 39.44 24.00
C GLY C 484 -7.39 38.66 24.53
N GLY C 485 -6.21 39.26 24.47
CA GLY C 485 -5.04 38.61 25.04
C GLY C 485 -5.19 38.34 26.52
N VAL C 486 -5.70 39.33 27.26
CA VAL C 486 -5.93 39.13 28.70
C VAL C 486 -6.94 38.00 28.93
N TYR C 487 -8.00 37.98 28.13
CA TYR C 487 -9.00 36.94 28.27
C TYR C 487 -8.38 35.56 28.08
N PHE C 488 -7.59 35.40 27.02
CA PHE C 488 -6.97 34.09 26.78
C PHE C 488 -5.99 33.73 27.88
N PHE C 489 -5.25 34.72 28.39
CA PHE C 489 -4.32 34.47 29.49
C PHE C 489 -5.07 33.92 30.70
N PHE C 490 -6.15 34.59 31.09
CA PHE C 490 -6.92 34.14 32.24
C PHE C 490 -7.53 32.77 31.98
N ARG C 491 -7.99 32.52 30.76
CA ARG C 491 -8.54 31.21 30.44
C ARG C 491 -7.50 30.11 30.60
N GLY C 492 -6.28 30.37 30.13
CA GLY C 492 -5.21 29.39 30.31
C GLY C 492 -4.88 29.16 31.77
N ILE C 493 -4.83 30.23 32.55
CA ILE C 493 -4.57 30.08 33.98
C ILE C 493 -5.66 29.23 34.63
N GLN C 494 -6.92 29.50 34.27
CA GLN C 494 -8.02 28.73 34.83
C GLN C 494 -7.91 27.26 34.46
N TYR C 495 -7.56 26.98 33.21
CA TYR C 495 -7.39 25.59 32.80
C TYR C 495 -6.29 24.92 33.62
N PHE C 496 -5.15 25.60 33.76
CA PHE C 496 -4.04 25.01 34.50
C PHE C 496 -4.43 24.71 35.95
N LEU C 497 -5.15 25.63 36.60
CA LEU C 497 -5.49 25.42 37.99
C LEU C 497 -6.60 24.38 38.16
N GLN C 498 -7.59 24.39 37.26
CA GLN C 498 -8.71 23.47 37.42
C GLN C 498 -8.30 22.04 37.13
N ARG C 499 -7.59 21.82 36.02
CA ARG C 499 -7.21 20.45 35.67
C ARG C 499 -6.05 19.95 36.52
N ARG C 500 -5.11 20.83 36.85
CA ARG C 500 -3.94 20.43 37.62
C ARG C 500 -3.19 19.30 36.90
N PRO C 501 -2.57 19.57 35.76
CA PRO C 501 -1.78 18.54 35.09
C PRO C 501 -0.62 18.09 35.96
N SER C 502 -0.22 16.83 35.78
CA SER C 502 0.76 16.20 36.64
C SER C 502 2.20 16.57 36.29
N LEU C 503 2.42 17.66 35.55
CA LEU C 503 3.73 18.18 35.18
C LEU C 503 4.46 17.29 34.19
N LYS C 504 3.91 16.13 33.84
CA LYS C 504 4.43 15.31 32.76
C LYS C 504 3.56 15.38 31.52
N SER C 505 2.26 15.14 31.66
CA SER C 505 1.34 15.33 30.56
C SER C 505 1.18 16.80 30.19
N LEU C 506 1.63 17.70 31.05
CA LEU C 506 1.43 19.13 30.80
C LEU C 506 2.01 19.52 29.45
N PHE C 507 3.25 19.10 29.17
CA PHE C 507 3.90 19.36 27.91
C PHE C 507 3.74 18.22 26.91
N VAL C 508 2.93 17.22 27.22
CA VAL C 508 2.69 16.10 26.31
C VAL C 508 1.26 16.05 25.82
N ASP C 509 0.31 16.62 26.54
CA ASP C 509 -1.08 16.68 26.10
C ASP C 509 -1.56 18.12 26.18
N SER C 510 -2.64 18.42 25.50
CA SER C 510 -3.17 19.78 25.55
C SER C 510 -2.17 20.69 24.90
N TYR C 511 -1.89 20.46 23.63
CA TYR C 511 -1.02 21.39 22.89
C TYR C 511 -1.82 22.68 22.74
N SER C 512 -3.10 22.63 22.41
CA SER C 512 -3.86 23.83 22.10
C SER C 512 -3.82 24.82 23.27
N GLU C 513 -3.98 24.32 24.49
CA GLU C 513 -3.93 25.21 25.64
C GLU C 513 -2.58 25.89 25.74
N ILE C 514 -1.50 25.13 25.53
CA ILE C 514 -0.17 25.72 25.58
C ILE C 514 -0.03 26.79 24.51
N LEU C 515 -0.50 26.50 23.29
CA LEU C 515 -0.32 27.45 22.21
C LEU C 515 -1.09 28.75 22.48
N PHE C 516 -2.33 28.64 22.94
CA PHE C 516 -3.10 29.84 23.25
C PHE C 516 -2.46 30.61 24.39
N PHE C 517 -1.97 29.91 25.41
CA PHE C 517 -1.33 30.58 26.52
C PHE C 517 -0.07 31.30 26.06
N VAL C 518 0.69 30.69 25.15
CA VAL C 518 1.90 31.33 24.65
C VAL C 518 1.55 32.57 23.83
N GLN C 519 0.48 32.49 23.04
CA GLN C 519 0.04 33.68 22.33
C GLN C 519 -0.32 34.79 23.30
N SER C 520 -1.04 34.45 24.38
CA SER C 520 -1.38 35.44 25.38
C SER C 520 -0.13 36.03 26.02
N LEU C 521 0.85 35.18 26.33
CA LEU C 521 2.08 35.67 26.94
C LEU C 521 2.80 36.65 26.01
N PHE C 522 2.87 36.31 24.72
CA PHE C 522 3.51 37.21 23.77
C PHE C 522 2.78 38.55 23.73
N MET C 523 1.45 38.52 23.69
CA MET C 523 0.69 39.77 23.64
C MET C 523 0.95 40.60 24.90
N LEU C 524 0.92 39.97 26.07
CA LEU C 524 1.10 40.71 27.32
C LEU C 524 2.50 41.29 27.40
N VAL C 525 3.52 40.52 27.01
CA VAL C 525 4.88 41.05 26.99
C VAL C 525 4.98 42.20 26.01
N SER C 526 4.27 42.11 24.88
CA SER C 526 4.26 43.20 23.93
C SER C 526 3.70 44.47 24.55
N VAL C 527 2.61 44.34 25.30
CA VAL C 527 2.04 45.51 25.98
C VAL C 527 3.04 46.06 26.99
N VAL C 528 3.66 45.17 27.77
CA VAL C 528 4.61 45.61 28.79
C VAL C 528 5.72 46.42 28.17
N LEU C 529 6.29 45.92 27.07
CA LEU C 529 7.35 46.65 26.39
C LEU C 529 6.81 47.96 25.80
N TYR C 530 5.61 47.91 25.22
CA TYR C 530 5.04 49.11 24.60
C TYR C 530 4.92 50.24 25.61
N PHE C 531 4.58 49.91 26.85
CA PHE C 531 4.51 50.92 27.90
C PHE C 531 5.86 51.17 28.57
N SER C 532 6.90 50.44 28.16
CA SER C 532 8.24 50.62 28.71
C SER C 532 9.16 51.40 27.77
N GLN C 533 8.62 51.94 26.68
CA GLN C 533 9.41 52.73 25.73
C GLN C 533 10.51 51.88 25.09
N ARG C 534 10.09 50.79 24.46
CA ARG C 534 11.01 49.93 23.72
C ARG C 534 10.39 49.56 22.39
N LYS C 535 11.26 49.34 21.40
CA LYS C 535 10.81 48.98 20.06
C LYS C 535 10.55 47.49 19.91
N GLU C 536 10.89 46.71 20.89
CA GLU C 536 10.75 45.28 20.67
C GLU C 536 9.27 44.89 20.75
N TYR C 537 8.38 45.76 21.22
CA TYR C 537 6.97 45.44 21.20
C TYR C 537 6.52 45.04 19.81
N VAL C 538 7.17 45.57 18.77
CA VAL C 538 6.84 45.16 17.41
C VAL C 538 7.16 43.69 17.19
N ALA C 539 8.34 43.27 17.64
CA ALA C 539 8.72 41.87 17.49
C ALA C 539 7.76 40.96 18.25
N SER C 540 7.46 41.33 19.50
CA SER C 540 6.52 40.53 20.27
C SER C 540 5.16 40.49 19.59
N MET C 541 4.71 41.63 19.07
CA MET C 541 3.40 41.70 18.41
C MET C 541 3.35 40.79 17.19
N VAL C 542 4.40 40.79 16.38
CA VAL C 542 4.38 39.95 15.18
C VAL C 542 4.42 38.47 15.57
N PHE C 543 5.22 38.13 16.57
CA PHE C 543 5.21 36.74 17.05
C PHE C 543 3.80 36.34 17.46
N SER C 544 3.16 37.17 18.28
CA SER C 544 1.81 36.85 18.75
C SER C 544 0.84 36.76 17.59
N LEU C 545 0.96 37.67 16.61
CA LEU C 545 0.03 37.69 15.50
C LEU C 545 0.14 36.41 14.69
N ALA C 546 1.36 35.99 14.37
CA ALA C 546 1.54 34.77 13.60
C ALA C 546 1.04 33.56 14.38
N MET C 547 1.36 33.50 15.68
CA MET C 547 0.89 32.36 16.48
C MET C 547 -0.62 32.31 16.52
N GLY C 548 -1.27 33.46 16.70
CA GLY C 548 -2.72 33.49 16.73
C GLY C 548 -3.33 33.06 15.41
N TRP C 549 -2.79 33.56 14.30
CA TRP C 549 -3.35 33.18 13.00
C TRP C 549 -3.19 31.68 12.77
N THR C 550 -2.02 31.12 13.09
CA THR C 550 -1.84 29.70 12.88
C THR C 550 -2.64 28.86 13.87
N ASN C 551 -3.16 29.46 14.91
CA ASN C 551 -3.95 28.71 15.90
C ASN C 551 -5.37 28.58 15.39
N MET C 552 -5.68 29.11 14.22
CA MET C 552 -7.01 28.93 13.68
C MET C 552 -7.31 27.46 13.39
N LEU C 553 -6.29 26.63 13.24
CA LEU C 553 -6.53 25.21 13.00
C LEU C 553 -7.35 24.59 14.13
N TYR C 554 -7.25 25.14 15.34
CA TYR C 554 -7.95 24.55 16.47
C TYR C 554 -9.42 24.33 16.15
N TYR C 555 -10.05 25.29 15.48
CA TYR C 555 -11.47 25.20 15.20
C TYR C 555 -11.79 24.23 14.08
N THR C 556 -10.79 23.69 13.40
CA THR C 556 -11.06 22.70 12.36
C THR C 556 -11.75 21.47 12.93
N ARG C 557 -11.61 21.20 14.21
CA ARG C 557 -12.48 20.23 14.85
C ARG C 557 -13.90 20.77 14.87
N GLY C 558 -14.87 19.86 14.77
CA GLY C 558 -16.22 20.23 14.46
C GLY C 558 -16.58 20.10 13.00
N PHE C 559 -15.60 19.74 12.16
CA PHE C 559 -15.84 19.35 10.78
C PHE C 559 -15.00 18.10 10.54
N GLN C 560 -15.68 16.96 10.38
CA GLN C 560 -14.99 15.67 10.47
C GLN C 560 -13.78 15.61 9.56
N GLN C 561 -13.93 15.97 8.29
CA GLN C 561 -12.83 15.83 7.35
C GLN C 561 -11.64 16.69 7.76
N MET C 562 -11.89 17.97 8.01
CA MET C 562 -10.78 18.86 8.36
C MET C 562 -10.22 18.53 9.74
N GLY C 563 -11.05 18.05 10.66
CA GLY C 563 -10.52 17.62 11.94
C GLY C 563 -9.55 16.48 11.81
N ILE C 564 -9.93 15.46 11.02
CA ILE C 564 -9.03 14.34 10.80
C ILE C 564 -7.77 14.80 10.10
N TYR C 565 -7.91 15.75 9.17
CA TYR C 565 -6.73 16.28 8.50
C TYR C 565 -5.79 16.96 9.49
N ALA C 566 -6.35 17.73 10.43
CA ALA C 566 -5.52 18.39 11.44
C ALA C 566 -4.83 17.36 12.32
N VAL C 567 -5.52 16.28 12.66
CA VAL C 567 -4.88 15.24 13.46
C VAL C 567 -3.75 14.59 12.69
N MET C 568 -3.94 14.35 11.39
CA MET C 568 -2.85 13.87 10.54
C MET C 568 -1.66 14.82 10.64
N ILE C 569 -1.91 16.12 10.52
CA ILE C 569 -0.83 17.09 10.58
C ILE C 569 -0.10 16.98 11.91
N GLU C 570 -0.83 16.80 12.98
CA GLU C 570 -0.19 16.72 14.30
C GLU C 570 0.73 15.55 14.21
N LYS C 571 0.17 14.38 13.98
CA LYS C 571 0.99 13.17 14.06
C LYS C 571 2.24 13.31 13.20
N MET C 572 2.10 13.90 12.02
CA MET C 572 3.25 14.06 11.13
C MET C 572 4.30 14.93 11.78
N ILE C 573 3.91 16.11 12.24
CA ILE C 573 4.85 17.02 12.87
C ILE C 573 5.50 16.33 14.07
N LEU C 574 4.76 15.46 14.76
CA LEU C 574 5.29 14.85 15.96
C LEU C 574 6.36 13.81 15.62
N ARG C 575 6.13 12.98 14.61
CA ARG C 575 7.04 11.88 14.32
C ARG C 575 7.98 12.16 13.16
N ASP C 576 7.43 12.36 11.97
CA ASP C 576 8.26 12.34 10.77
C ASP C 576 9.09 13.62 10.66
N LEU C 577 8.44 14.76 10.86
CA LEU C 577 9.16 16.02 10.79
C LEU C 577 10.26 16.05 11.83
N CYS C 578 9.99 15.52 13.02
CA CYS C 578 11.00 15.52 14.07
C CYS C 578 12.22 14.70 13.66
N ARG C 579 12.00 13.45 13.24
CA ARG C 579 13.13 12.61 12.89
C ARG C 579 13.93 13.23 11.73
N PHE C 580 13.22 13.65 10.69
CA PHE C 580 13.92 14.22 9.54
C PHE C 580 14.69 15.47 9.93
N MET C 581 14.09 16.32 10.76
CA MET C 581 14.76 17.55 11.16
C MET C 581 16.03 17.24 11.93
N PHE C 582 15.99 16.25 12.82
CA PHE C 582 17.20 15.91 13.56
C PHE C 582 18.31 15.47 12.61
N VAL C 583 18.02 14.51 11.75
CA VAL C 583 19.08 13.98 10.88
C VAL C 583 19.58 15.08 9.94
N TYR C 584 18.65 15.82 9.35
CA TYR C 584 19.02 16.84 8.37
C TYR C 584 19.82 17.96 9.01
N LEU C 585 19.46 18.35 10.24
CA LEU C 585 20.22 19.39 10.91
C LEU C 585 21.63 18.92 11.23
N VAL C 586 21.79 17.67 11.65
CA VAL C 586 23.14 17.14 11.84
C VAL C 586 23.94 17.26 10.55
N PHE C 587 23.36 16.77 9.46
CA PHE C 587 24.06 16.82 8.17
C PHE C 587 24.42 18.25 7.80
N LEU C 588 23.45 19.15 7.93
CA LEU C 588 23.63 20.53 7.50
C LEU C 588 24.73 21.20 8.31
N PHE C 589 24.70 21.02 9.63
CA PHE C 589 25.73 21.64 10.45
C PHE C 589 27.10 21.09 10.10
N GLY C 590 27.21 19.78 9.93
CA GLY C 590 28.50 19.21 9.59
C GLY C 590 29.06 19.79 8.31
N PHE C 591 28.30 19.70 7.24
CA PHE C 591 28.81 20.16 5.95
C PHE C 591 29.00 21.67 5.94
N SER C 592 28.17 22.42 6.65
CA SER C 592 28.34 23.87 6.72
C SER C 592 29.64 24.23 7.41
N THR C 593 29.95 23.55 8.53
CA THR C 593 31.21 23.81 9.20
C THR C 593 32.37 23.48 8.28
N ALA C 594 32.31 22.34 7.58
CA ALA C 594 33.38 22.00 6.67
C ALA C 594 33.57 23.08 5.61
N VAL C 595 32.47 23.53 5.01
CA VAL C 595 32.56 24.51 3.93
C VAL C 595 33.15 25.81 4.44
N VAL C 596 32.64 26.32 5.56
CA VAL C 596 33.14 27.59 6.08
C VAL C 596 34.62 27.47 6.41
N THR C 597 35.04 26.33 6.96
CA THR C 597 36.46 26.11 7.18
C THR C 597 37.22 26.23 5.87
N LEU C 598 36.71 25.60 4.80
CA LEU C 598 37.41 25.65 3.53
C LEU C 598 37.51 27.08 3.00
N ILE C 599 36.44 27.85 3.12
CA ILE C 599 36.45 29.20 2.57
C ILE C 599 37.57 30.00 3.24
N GLU C 600 38.31 30.75 2.42
CA GLU C 600 39.48 31.47 2.91
C GLU C 600 39.07 32.73 3.65
N ASP C 601 38.41 33.65 2.98
CA ASP C 601 37.96 34.90 3.58
C ASP C 601 37.05 35.62 2.60
N GLY C 602 36.09 36.35 3.14
CA GLY C 602 35.14 37.07 2.33
C GLY C 602 33.80 37.18 3.05
N LYS C 603 32.77 37.48 2.26
CA LYS C 603 31.44 37.66 2.83
C LYS C 603 30.98 36.40 3.55
N TYR C 604 31.21 35.23 2.94
CA TYR C 604 30.71 33.98 3.46
C TYR C 604 31.68 33.29 4.41
N ASN C 605 32.59 34.05 5.03
CA ASN C 605 33.55 33.49 5.98
C ASN C 605 32.98 33.41 7.39
N SER C 606 31.66 33.39 7.53
CA SER C 606 31.01 33.28 8.83
C SER C 606 30.08 32.08 8.82
N LEU C 607 29.92 31.47 10.00
CA LEU C 607 29.12 30.25 10.09
C LEU C 607 27.68 30.51 9.69
N TYR C 608 27.11 31.64 10.11
CA TYR C 608 25.71 31.93 9.82
C TYR C 608 25.48 32.02 8.31
N SER C 609 26.32 32.77 7.61
CA SER C 609 26.12 32.97 6.18
C SER C 609 26.24 31.65 5.43
N THR C 610 27.27 30.87 5.72
CA THR C 610 27.45 29.61 5.02
C THR C 610 26.32 28.64 5.34
N CYS C 611 25.88 28.60 6.59
CA CYS C 611 24.76 27.73 6.95
C CYS C 611 23.51 28.11 6.18
N LEU C 612 23.23 29.41 6.09
CA LEU C 612 22.07 29.86 5.32
C LEU C 612 22.21 29.47 3.86
N GLU C 613 23.40 29.64 3.30
CA GLU C 613 23.60 29.33 1.88
C GLU C 613 23.41 27.85 1.61
N LEU C 614 23.93 26.99 2.49
CA LEU C 614 23.70 25.56 2.33
C LEU C 614 22.22 25.22 2.49
N PHE C 615 21.54 25.87 3.44
CA PHE C 615 20.12 25.60 3.61
C PHE C 615 19.33 26.00 2.38
N LYS C 616 19.78 27.02 1.66
CA LYS C 616 19.05 27.47 0.48
C LYS C 616 18.86 26.34 -0.52
N PHE C 617 19.75 25.35 -0.51
CA PHE C 617 19.60 24.21 -1.40
C PHE C 617 18.29 23.47 -1.12
N THR C 618 17.95 23.30 0.16
CA THR C 618 16.81 22.47 0.52
C THR C 618 15.52 22.96 -0.12
N ILE C 619 15.42 24.26 -0.37
CA ILE C 619 14.20 24.85 -0.90
C ILE C 619 14.31 25.11 -2.40
N GLY C 620 15.19 24.39 -3.09
CA GLY C 620 15.33 24.56 -4.52
C GLY C 620 15.89 25.91 -4.91
N MET C 621 16.90 26.40 -4.18
CA MET C 621 17.51 27.68 -4.49
C MET C 621 19.03 27.65 -4.36
N GLY C 622 19.63 26.46 -4.35
CA GLY C 622 21.08 26.38 -4.23
C GLY C 622 21.79 27.05 -5.39
N ASP C 623 23.07 27.32 -5.18
CA ASP C 623 23.87 28.08 -6.14
C ASP C 623 25.02 27.27 -6.72
N LEU C 624 25.79 26.57 -5.88
CA LEU C 624 26.94 25.79 -6.31
C LEU C 624 28.09 26.67 -6.77
N GLU C 625 27.89 28.00 -6.78
CA GLU C 625 28.96 28.92 -7.14
C GLU C 625 28.87 30.20 -6.32
N PHE C 626 28.32 30.13 -5.12
CA PHE C 626 28.04 31.34 -4.36
C PHE C 626 29.31 32.06 -3.92
N THR C 627 30.47 31.43 -4.04
CA THR C 627 31.71 32.11 -3.71
C THR C 627 32.87 31.42 -4.42
N GLU C 628 33.96 32.16 -4.55
CA GLU C 628 35.20 31.63 -5.09
C GLU C 628 36.39 31.88 -4.18
N ASN C 629 36.19 32.54 -3.04
CA ASN C 629 37.29 32.90 -2.14
C ASN C 629 37.70 31.64 -1.39
N TYR C 630 38.61 30.88 -2.01
CA TYR C 630 39.14 29.67 -1.40
C TYR C 630 40.30 29.19 -2.27
N ASP C 631 40.83 28.03 -1.91
CA ASP C 631 41.68 27.25 -2.77
C ASP C 631 41.03 25.89 -2.97
N PHE C 632 41.57 25.12 -3.90
CA PHE C 632 41.21 23.71 -4.04
C PHE C 632 39.72 23.58 -4.39
N LYS C 633 39.36 24.15 -5.53
CA LYS C 633 37.97 24.16 -5.96
C LYS C 633 37.39 22.76 -6.01
N ALA C 634 38.23 21.76 -6.30
CA ALA C 634 37.74 20.39 -6.36
C ALA C 634 37.14 19.97 -5.03
N VAL C 635 37.80 20.31 -3.93
CA VAL C 635 37.27 19.94 -2.62
C VAL C 635 35.94 20.62 -2.37
N PHE C 636 35.84 21.91 -2.71
CA PHE C 636 34.61 22.65 -2.50
C PHE C 636 33.45 22.02 -3.26
N ILE C 637 33.67 21.74 -4.55
CA ILE C 637 32.59 21.18 -5.36
C ILE C 637 32.24 19.78 -4.89
N ILE C 638 33.25 18.99 -4.47
CA ILE C 638 32.97 17.67 -3.97
C ILE C 638 32.09 17.75 -2.72
N LEU C 639 32.42 18.66 -1.81
CA LEU C 639 31.64 18.81 -0.59
C LEU C 639 30.21 19.21 -0.92
N LEU C 640 30.04 20.17 -1.83
CA LEU C 640 28.68 20.61 -2.16
C LEU C 640 27.89 19.50 -2.82
N LEU C 641 28.51 18.76 -3.75
CA LEU C 641 27.80 17.67 -4.41
C LEU C 641 27.42 16.59 -3.42
N ALA C 642 28.33 16.25 -2.50
CA ALA C 642 28.00 15.24 -1.50
C ALA C 642 26.83 15.71 -0.64
N TYR C 643 26.85 16.98 -0.21
CA TYR C 643 25.76 17.49 0.60
C TYR C 643 24.45 17.45 -0.16
N VAL C 644 24.47 17.85 -1.43
CA VAL C 644 23.25 17.82 -2.24
C VAL C 644 22.72 16.40 -2.33
N ILE C 645 23.58 15.45 -2.70
CA ILE C 645 23.13 14.08 -2.87
C ILE C 645 22.57 13.55 -1.56
N LEU C 646 23.24 13.81 -0.45
CA LEU C 646 22.82 13.23 0.82
C LEU C 646 21.52 13.83 1.31
N THR C 647 21.37 15.16 1.23
CA THR C 647 20.16 15.78 1.77
C THR C 647 19.06 15.88 0.72
N TYR C 648 19.28 16.66 -0.34
CA TYR C 648 18.18 16.98 -1.25
C TYR C 648 17.65 15.75 -1.95
N ILE C 649 18.55 14.97 -2.57
CA ILE C 649 18.09 13.84 -3.37
C ILE C 649 17.55 12.73 -2.48
N LEU C 650 18.24 12.42 -1.39
CA LEU C 650 17.90 11.26 -0.59
C LEU C 650 16.89 11.57 0.51
N LEU C 651 17.24 12.48 1.42
CA LEU C 651 16.48 12.62 2.64
C LEU C 651 15.09 13.18 2.40
N LEU C 652 14.95 14.14 1.48
CA LEU C 652 13.64 14.70 1.20
C LEU C 652 12.70 13.65 0.62
N ASN C 653 13.25 12.93 -0.32
CA ASN C 653 12.47 11.89 -0.95
C ASN C 653 12.10 10.91 0.16
N MET C 654 13.00 10.47 1.03
CA MET C 654 12.72 9.58 2.14
C MET C 654 11.62 10.15 3.02
N LEU C 655 11.63 11.47 3.23
CA LEU C 655 10.58 12.09 4.02
C LEU C 655 9.23 11.89 3.36
N ILE C 656 9.16 12.07 2.04
CA ILE C 656 7.90 11.86 1.34
C ILE C 656 7.43 10.42 1.53
N ALA C 657 8.34 9.46 1.38
CA ALA C 657 7.95 8.05 1.50
C ALA C 657 7.49 7.71 2.90
N LEU C 658 8.22 8.18 3.92
CA LEU C 658 7.81 7.91 5.30
C LEU C 658 6.47 8.55 5.59
N MET C 659 6.23 9.73 5.09
CA MET C 659 4.95 10.33 5.39
C MET C 659 3.96 9.41 4.71
N GLY C 660 4.11 9.04 3.45
CA GLY C 660 3.12 8.19 2.81
C GLY C 660 2.77 6.99 3.66
N GLU C 661 3.80 6.32 4.18
CA GLU C 661 3.55 5.17 5.05
C GLU C 661 2.73 5.57 6.26
N THR C 662 3.09 6.69 6.88
CA THR C 662 2.33 7.16 8.04
C THR C 662 0.86 7.35 7.70
N VAL C 663 0.59 8.05 6.59
CA VAL C 663 -0.81 8.22 6.18
C VAL C 663 -1.47 6.86 6.06
N ASN C 664 -0.80 5.93 5.40
CA ASN C 664 -1.40 4.62 5.22
C ASN C 664 -1.66 3.93 6.54
N LYS C 665 -0.99 4.34 7.62
CA LYS C 665 -1.05 3.58 8.87
C LYS C 665 -1.99 4.17 9.93
N ILE C 666 -2.35 5.45 9.87
CA ILE C 666 -2.97 6.09 11.03
C ILE C 666 -4.36 6.65 10.73
N ALA C 667 -5.10 6.02 9.83
CA ALA C 667 -6.46 6.49 9.54
C ALA C 667 -7.36 6.38 10.76
N GLN C 668 -7.58 5.15 11.23
CA GLN C 668 -8.55 4.93 12.30
C GLN C 668 -8.13 5.66 13.58
N GLU C 669 -6.85 5.64 13.89
CA GLU C 669 -6.39 6.34 15.09
C GLU C 669 -6.66 7.83 14.97
N SER C 670 -6.44 8.39 13.78
CA SER C 670 -6.72 9.81 13.59
C SER C 670 -8.20 10.10 13.79
N LYS C 671 -9.08 9.27 13.23
CA LYS C 671 -10.50 9.50 13.41
C LYS C 671 -10.89 9.44 14.88
N ASN C 672 -10.35 8.46 15.61
CA ASN C 672 -10.67 8.34 17.03
C ASN C 672 -10.17 9.54 17.81
N ILE C 673 -8.96 10.01 17.49
CA ILE C 673 -8.44 11.19 18.18
C ILE C 673 -9.32 12.40 17.91
N TRP C 674 -9.79 12.55 16.66
CA TRP C 674 -10.69 13.66 16.38
C TRP C 674 -11.96 13.55 17.20
N LYS C 675 -12.51 12.34 17.32
CA LYS C 675 -13.72 12.16 18.11
C LYS C 675 -13.48 12.54 19.56
N LEU C 676 -12.32 12.14 20.10
CA LEU C 676 -12.00 12.51 21.47
C LEU C 676 -11.89 14.02 21.63
N GLN C 677 -11.26 14.69 20.66
CA GLN C 677 -11.14 16.14 20.72
C GLN C 677 -12.52 16.79 20.75
N ARG C 678 -13.42 16.33 19.88
CA ARG C 678 -14.76 16.90 19.87
C ARG C 678 -15.47 16.64 21.21
N ALA C 679 -15.27 15.45 21.77
CA ALA C 679 -15.87 15.15 23.07
C ALA C 679 -15.38 16.11 24.14
N ILE C 680 -14.07 16.37 24.17
CA ILE C 680 -13.53 17.30 25.14
C ILE C 680 -14.13 18.68 24.93
N THR C 681 -14.29 19.09 23.67
CA THR C 681 -14.89 20.38 23.40
C THR C 681 -16.31 20.45 23.95
N ILE C 682 -17.10 19.43 23.73
CA ILE C 682 -18.49 19.37 24.23
C ILE C 682 -18.46 19.46 25.74
N LEU C 683 -17.61 18.70 26.43
CA LEU C 683 -17.59 18.71 27.88
C LEU C 683 -17.21 20.10 28.41
N ASP C 684 -16.18 20.68 27.88
CA ASP C 684 -15.82 22.04 28.32
C ASP C 684 -17.03 22.92 28.11
N THR C 685 -17.55 23.00 26.89
CA THR C 685 -18.64 23.94 26.64
C THR C 685 -19.76 23.77 27.66
N GLU C 686 -20.15 22.52 27.92
CA GLU C 686 -21.25 22.30 28.85
C GLU C 686 -20.88 22.78 30.25
N LYS C 687 -19.67 22.47 30.71
CA LYS C 687 -19.23 22.94 32.02
C LYS C 687 -19.00 24.44 32.05
N SER C 688 -18.98 25.11 30.92
CA SER C 688 -18.60 26.54 30.86
C SER C 688 -19.74 27.44 31.31
N PHE C 689 -20.97 26.94 31.29
CA PHE C 689 -22.13 27.77 31.62
C PHE C 689 -22.29 28.95 30.66
N LEU C 690 -21.74 28.84 29.44
CA LEU C 690 -21.77 29.96 28.52
C LEU C 690 -23.21 30.34 28.16
N LYS C 691 -24.03 29.34 27.84
CA LYS C 691 -25.44 29.59 27.56
C LYS C 691 -26.38 28.49 28.08
N CYS C 692 -25.82 27.56 28.84
CA CYS C 692 -26.57 26.39 29.36
C CYS C 692 -27.39 26.81 30.56
N MET C 693 -26.73 27.07 31.66
CA MET C 693 -27.32 27.36 32.96
C MET C 693 -28.27 26.25 33.37
N ARG C 694 -27.83 25.00 33.19
CA ARG C 694 -28.61 23.80 33.44
C ARG C 694 -29.81 23.68 32.50
N LYS C 695 -29.91 24.54 31.50
CA LYS C 695 -30.84 24.35 30.40
C LYS C 695 -30.13 23.51 29.34
N ALA C 696 -30.71 23.43 28.14
CA ALA C 696 -30.17 22.56 27.10
C ALA C 696 -30.10 21.12 27.61
N PHE C 697 -31.27 20.56 27.85
CA PHE C 697 -31.39 19.31 28.59
C PHE C 697 -30.67 18.18 27.86
N ARG C 698 -30.64 17.03 28.53
CA ARG C 698 -29.74 15.94 28.15
C ARG C 698 -30.44 14.84 27.34
N SER C 699 -31.58 14.35 27.81
CA SER C 699 -32.30 13.30 27.10
C SER C 699 -33.67 13.13 27.77
N GLY C 700 -34.43 12.14 27.30
CA GLY C 700 -35.76 11.91 27.81
C GLY C 700 -35.80 10.94 28.97
N LYS C 701 -36.90 11.01 29.72
CA LYS C 701 -37.10 10.19 30.91
C LYS C 701 -38.28 9.26 30.70
N LEU C 702 -38.20 8.07 31.28
CA LEU C 702 -39.22 7.05 31.07
C LEU C 702 -39.32 6.15 32.30
N LEU C 703 -40.45 5.46 32.41
CA LEU C 703 -40.66 4.40 33.39
C LEU C 703 -40.61 3.09 32.61
N GLN C 704 -39.50 2.37 32.74
CA GLN C 704 -39.21 1.24 31.87
C GLN C 704 -39.48 -0.11 32.49
N VAL C 705 -39.32 -0.25 33.81
CA VAL C 705 -39.51 -1.56 34.43
C VAL C 705 -40.98 -1.86 34.70
N GLY C 706 -41.79 -0.83 34.94
CA GLY C 706 -43.16 -1.06 35.38
C GLY C 706 -43.21 -1.19 36.88
N PHE C 707 -42.45 -2.14 37.41
CA PHE C 707 -42.31 -2.31 38.85
C PHE C 707 -40.96 -2.93 39.15
N THR C 708 -40.27 -2.37 40.13
CA THR C 708 -39.02 -2.94 40.63
C THR C 708 -39.38 -4.08 41.58
N PRO C 709 -38.38 -4.79 42.12
CA PRO C 709 -38.71 -5.85 43.09
C PRO C 709 -39.54 -5.34 44.24
N ASP C 710 -39.26 -4.13 44.72
CA ASP C 710 -40.15 -3.46 45.65
C ASP C 710 -41.39 -2.98 44.91
N GLY C 711 -42.48 -2.78 45.67
CA GLY C 711 -43.72 -2.34 45.06
C GLY C 711 -43.60 -1.03 44.31
N LYS C 712 -42.59 -0.23 44.62
CA LYS C 712 -42.40 1.04 43.94
C LYS C 712 -41.89 0.83 42.52
N ASP C 713 -42.20 1.79 41.66
CA ASP C 713 -41.69 1.81 40.29
C ASP C 713 -40.41 2.62 40.25
N ASP C 714 -39.90 2.90 39.05
CA ASP C 714 -38.69 3.71 38.94
C ASP C 714 -38.62 4.34 37.55
N TYR C 715 -37.83 5.40 37.46
CA TYR C 715 -37.49 6.05 36.20
C TYR C 715 -35.97 6.05 36.08
N ARG C 716 -35.45 5.66 34.92
CA ARG C 716 -34.03 5.41 34.76
C ARG C 716 -33.37 6.32 33.74
N TRP C 717 -33.98 7.46 33.42
CA TRP C 717 -33.31 8.52 32.66
C TRP C 717 -32.76 7.96 31.35
N CYS C 718 -33.57 7.14 30.69
CA CYS C 718 -33.08 6.32 29.58
C CYS C 718 -32.72 7.17 28.38
N PHE C 719 -32.26 6.50 27.32
CA PHE C 719 -31.87 7.12 26.07
C PHE C 719 -32.27 6.19 24.94
N ARG C 720 -32.99 6.72 23.95
CA ARG C 720 -33.57 5.86 22.90
C ARG C 720 -32.74 5.84 21.64
N VAL C 721 -32.59 4.67 21.06
CA VAL C 721 -31.92 4.49 19.78
C VAL C 721 -32.67 3.38 19.04
N ASP C 722 -33.38 3.75 17.98
CA ASP C 722 -34.15 2.77 17.21
C ASP C 722 -33.21 1.90 16.38
N GLU C 723 -33.59 0.63 16.22
CA GLU C 723 -32.82 -0.33 15.46
C GLU C 723 -33.75 -1.19 14.62
N VAL C 724 -33.25 -1.64 13.47
CA VAL C 724 -34.00 -2.47 12.55
C VAL C 724 -33.13 -3.67 12.17
N ASN C 725 -33.73 -4.85 12.14
CA ASN C 725 -33.00 -6.07 11.78
C ASN C 725 -33.98 -7.02 11.11
N TRP C 726 -33.53 -7.76 10.11
CA TRP C 726 -34.33 -8.74 9.39
C TRP C 726 -34.10 -10.15 9.95
N THR C 727 -32.85 -10.55 9.98
CA THR C 727 -32.48 -11.87 10.54
C THR C 727 -32.87 -11.89 12.01
N THR C 728 -32.88 -13.05 12.65
CA THR C 728 -33.11 -13.17 14.10
C THR C 728 -34.47 -12.54 14.39
N TRP C 729 -35.53 -13.17 13.91
CA TRP C 729 -36.88 -12.71 14.20
C TRP C 729 -37.23 -12.88 15.68
N TYR D 199 31.07 -42.68 -3.47
CA TYR D 199 30.57 -43.58 -2.39
C TYR D 199 31.60 -44.62 -2.02
N LYS D 200 31.75 -44.86 -0.70
CA LYS D 200 32.77 -45.79 -0.17
C LYS D 200 32.22 -46.74 0.91
N GLY D 201 31.07 -46.47 1.54
CA GLY D 201 30.59 -47.29 2.64
C GLY D 201 29.14 -47.71 2.52
N GLN D 202 28.69 -48.00 1.30
CA GLN D 202 27.32 -48.41 1.05
C GLN D 202 27.12 -49.88 1.45
N THR D 203 27.37 -50.16 2.72
CA THR D 203 27.29 -51.52 3.23
C THR D 203 25.85 -52.01 3.20
N ALA D 204 25.69 -53.32 3.41
CA ALA D 204 24.38 -53.94 3.31
C ALA D 204 23.38 -53.26 4.24
N LEU D 205 23.75 -53.06 5.51
CA LEU D 205 22.85 -52.41 6.45
C LEU D 205 22.59 -50.96 6.04
N HIS D 206 23.62 -50.34 5.48
CA HIS D 206 23.48 -48.95 5.03
C HIS D 206 22.32 -48.98 4.04
N ILE D 207 22.40 -49.78 2.97
CA ILE D 207 21.39 -49.84 1.92
C ILE D 207 20.04 -50.18 2.51
N ALA D 208 20.00 -51.13 3.44
CA ALA D 208 18.73 -51.53 4.03
C ALA D 208 18.06 -50.35 4.74
N ILE D 209 18.84 -49.59 5.50
CA ILE D 209 18.29 -48.41 6.17
C ILE D 209 17.82 -47.39 5.15
N GLU D 210 18.64 -47.15 4.12
CA GLU D 210 18.23 -46.23 3.07
C GLU D 210 16.96 -46.73 2.37
N ARG D 211 16.77 -48.04 2.32
CA ARG D 211 15.57 -48.60 1.70
C ARG D 211 14.36 -48.56 2.62
N ARG D 212 14.59 -48.33 3.92
CA ARG D 212 13.50 -48.16 4.92
C ARG D 212 12.63 -49.40 4.98
N ASN D 213 13.18 -50.57 5.30
CA ASN D 213 12.45 -51.80 5.53
C ASN D 213 12.79 -52.35 6.91
N MET D 214 11.77 -52.81 7.62
CA MET D 214 11.94 -53.30 8.98
C MET D 214 12.44 -54.74 9.04
N THR D 215 12.41 -55.47 7.94
CA THR D 215 12.78 -56.88 7.92
C THR D 215 14.25 -57.09 7.58
N LEU D 216 14.75 -56.46 6.51
CA LEU D 216 16.16 -56.59 6.16
C LEU D 216 17.05 -56.07 7.27
N VAL D 217 16.64 -54.98 7.92
CA VAL D 217 17.43 -54.42 9.01
C VAL D 217 17.58 -55.44 10.13
N THR D 218 16.48 -56.10 10.51
CA THR D 218 16.56 -57.11 11.55
C THR D 218 17.39 -58.31 11.10
N LEU D 219 17.21 -58.73 9.86
CA LEU D 219 17.98 -59.88 9.35
C LEU D 219 19.47 -59.58 9.35
N LEU D 220 19.85 -58.32 9.15
CA LEU D 220 21.26 -57.96 9.30
C LEU D 220 21.65 -57.84 10.77
N VAL D 221 20.71 -57.40 11.61
CA VAL D 221 20.99 -57.25 13.04
C VAL D 221 21.39 -58.59 13.64
N GLU D 222 20.62 -59.63 13.33
CA GLU D 222 21.04 -60.97 13.74
C GLU D 222 22.41 -61.28 13.15
N ASN D 223 23.05 -62.31 13.71
CA ASN D 223 24.41 -62.71 13.34
C ASN D 223 25.40 -61.55 13.40
N GLY D 224 25.07 -60.50 14.15
CA GLY D 224 26.01 -59.44 14.45
C GLY D 224 26.62 -58.68 13.29
N ALA D 225 25.79 -58.01 12.49
CA ALA D 225 26.31 -57.11 11.48
C ALA D 225 27.07 -55.94 12.09
N ASP D 226 28.20 -55.59 11.47
CA ASP D 226 29.00 -54.48 11.97
C ASP D 226 28.21 -53.18 11.92
N VAL D 227 28.37 -52.35 12.95
CA VAL D 227 27.57 -51.13 13.07
C VAL D 227 28.47 -49.92 13.33
N GLN D 228 29.73 -49.96 12.93
CA GLN D 228 30.65 -48.80 13.12
C GLN D 228 31.43 -48.58 11.85
N ALA D 229 30.77 -48.62 10.70
CA ALA D 229 31.38 -48.39 9.39
C ALA D 229 31.13 -46.95 8.96
N ALA D 230 32.18 -46.28 8.51
CA ALA D 230 32.11 -44.89 8.10
C ALA D 230 32.24 -44.79 6.59
N ALA D 231 31.25 -44.18 5.94
CA ALA D 231 31.21 -44.04 4.49
C ALA D 231 31.88 -42.72 4.10
N ASN D 232 33.19 -42.71 3.96
CA ASN D 232 33.90 -41.47 3.61
C ASN D 232 33.97 -41.34 2.09
N GLY D 233 33.07 -42.00 1.34
CA GLY D 233 33.05 -41.82 -0.10
C GLY D 233 32.76 -40.37 -0.47
N ASP D 234 33.38 -39.92 -1.56
CA ASP D 234 33.20 -38.54 -2.00
C ASP D 234 31.72 -38.21 -2.20
N PHE D 235 30.92 -39.20 -2.59
CA PHE D 235 29.48 -38.99 -2.68
C PHE D 235 28.82 -38.84 -1.31
N PHE D 236 29.52 -39.22 -0.25
CA PHE D 236 28.96 -39.17 1.10
C PHE D 236 29.54 -38.03 1.94
N LYS D 237 30.35 -37.16 1.34
CA LYS D 237 30.90 -36.02 2.05
C LYS D 237 30.03 -34.79 1.78
N LYS D 238 30.46 -33.66 2.33
CA LYS D 238 29.73 -32.38 2.18
C LYS D 238 30.42 -31.49 1.17
N THR D 239 29.75 -31.16 0.07
CA THR D 239 30.28 -30.22 -0.94
C THR D 239 29.25 -30.19 -2.06
N LYS D 240 29.25 -29.15 -2.88
CA LYS D 240 28.27 -29.01 -3.95
C LYS D 240 28.52 -30.04 -5.06
N GLY D 241 29.78 -30.26 -5.42
CA GLY D 241 30.10 -31.18 -6.49
C GLY D 241 29.53 -32.56 -6.28
N ARG D 242 28.93 -33.13 -7.31
CA ARG D 242 28.25 -34.42 -7.22
C ARG D 242 27.30 -34.43 -6.03
N PRO D 243 26.26 -33.59 -6.06
CA PRO D 243 25.38 -33.47 -4.89
C PRO D 243 24.90 -34.80 -4.36
N GLY D 244 25.35 -35.17 -3.16
CA GLY D 244 24.93 -36.39 -2.52
C GLY D 244 24.00 -36.12 -1.35
N PHE D 245 24.25 -36.76 -0.22
CA PHE D 245 23.44 -36.55 0.97
C PHE D 245 24.29 -36.84 2.20
N TYR D 246 24.83 -35.78 2.80
CA TYR D 246 25.57 -35.94 4.04
C TYR D 246 24.60 -36.23 5.19
N PHE D 247 24.94 -37.22 6.01
CA PHE D 247 24.08 -37.65 7.09
C PHE D 247 24.78 -37.85 8.41
N GLY D 248 26.11 -37.84 8.45
CA GLY D 248 26.83 -38.07 9.69
C GLY D 248 27.85 -39.19 9.58
N GLU D 249 27.62 -39.97 8.52
CA GLU D 249 28.54 -41.05 8.09
C GLU D 249 28.46 -42.33 8.88
N LEU D 250 27.56 -42.39 9.82
CA LEU D 250 27.40 -43.56 10.67
C LEU D 250 26.01 -44.14 10.51
N PRO D 251 25.85 -45.46 10.67
CA PRO D 251 24.51 -46.05 10.48
C PRO D 251 23.46 -45.44 11.38
N LEU D 252 23.80 -45.17 12.65
CA LEU D 252 22.86 -44.50 13.54
C LEU D 252 22.52 -43.12 13.01
N SER D 253 23.53 -42.37 12.61
CA SER D 253 23.28 -41.04 12.06
C SER D 253 22.43 -41.13 10.80
N LEU D 254 22.73 -42.08 9.92
CA LEU D 254 21.92 -42.24 8.71
C LEU D 254 20.47 -42.51 9.06
N ALA D 255 20.23 -43.48 9.94
CA ALA D 255 18.86 -43.77 10.34
C ALA D 255 18.19 -42.54 10.91
N ALA D 256 18.94 -41.71 11.62
CA ALA D 256 18.37 -40.49 12.18
C ALA D 256 17.96 -39.51 11.09
N CYS D 257 18.88 -39.23 10.16
CA CYS D 257 18.58 -38.28 9.10
C CYS D 257 17.37 -38.71 8.28
N THR D 258 17.11 -40.01 8.20
CA THR D 258 16.00 -40.54 7.43
C THR D 258 14.68 -40.50 8.21
N ASN D 259 14.69 -40.06 9.46
CA ASN D 259 13.47 -39.98 10.27
C ASN D 259 12.92 -41.38 10.56
N GLN D 260 13.82 -42.31 10.81
CA GLN D 260 13.43 -43.71 11.12
C GLN D 260 13.42 -43.90 12.62
N LEU D 261 12.43 -43.36 13.31
CA LEU D 261 12.29 -43.59 14.74
C LEU D 261 12.03 -45.06 15.04
N ALA D 262 11.20 -45.70 14.22
CA ALA D 262 10.87 -47.11 14.45
C ALA D 262 12.14 -47.95 14.53
N ILE D 263 13.02 -47.81 13.55
CA ILE D 263 14.31 -48.51 13.60
C ILE D 263 15.05 -48.11 14.87
N VAL D 264 15.14 -46.81 15.13
CA VAL D 264 15.78 -46.35 16.35
C VAL D 264 15.06 -46.96 17.56
N LYS D 265 15.78 -47.01 18.68
CA LYS D 265 15.48 -47.76 19.89
C LYS D 265 15.93 -49.21 19.72
N PHE D 266 16.44 -49.59 18.53
CA PHE D 266 17.16 -50.84 18.41
C PHE D 266 18.43 -50.83 19.26
N LEU D 267 18.86 -49.64 19.69
CA LEU D 267 20.11 -49.52 20.42
C LEU D 267 20.04 -50.31 21.73
N LEU D 268 21.22 -50.66 22.22
CA LEU D 268 21.39 -51.36 23.50
C LEU D 268 20.45 -52.57 23.57
N GLN D 269 20.70 -53.52 22.66
CA GLN D 269 19.97 -54.79 22.63
C GLN D 269 20.99 -55.92 22.43
N ASN D 270 20.48 -57.14 22.32
CA ASN D 270 21.31 -58.33 22.21
C ASN D 270 21.44 -58.76 20.76
N SER D 271 22.33 -59.73 20.52
CA SER D 271 22.71 -60.12 19.16
C SER D 271 23.10 -58.88 18.37
N TRP D 272 23.81 -57.99 19.08
CA TRP D 272 24.08 -56.64 18.53
C TRP D 272 25.47 -56.16 18.94
N GLN D 273 25.91 -55.07 18.33
CA GLN D 273 27.20 -54.45 18.59
C GLN D 273 27.01 -52.99 18.94
N PRO D 274 27.95 -52.40 19.69
CA PRO D 274 27.73 -51.06 20.26
C PRO D 274 27.30 -50.01 19.23
N ALA D 275 26.38 -49.14 19.66
CA ALA D 275 25.97 -47.96 18.90
C ALA D 275 26.11 -46.72 19.77
N ASP D 276 27.29 -46.57 20.35
CA ASP D 276 27.62 -45.42 21.23
C ASP D 276 27.04 -44.11 20.71
N ILE D 277 26.22 -43.45 21.53
CA ILE D 277 25.73 -42.15 21.10
C ILE D 277 26.88 -41.17 20.94
N SER D 278 28.01 -41.41 21.60
CA SER D 278 29.17 -40.53 21.55
C SER D 278 30.11 -40.88 20.39
N ALA D 279 29.58 -41.50 19.34
CA ALA D 279 30.42 -41.83 18.19
C ALA D 279 30.93 -40.56 17.53
N ARG D 280 31.80 -40.73 16.54
CA ARG D 280 32.40 -39.60 15.86
C ARG D 280 32.75 -40.00 14.43
N ASP D 281 32.51 -39.12 13.47
CA ASP D 281 32.83 -39.42 12.05
C ASP D 281 34.17 -38.78 11.73
N SER D 282 34.49 -38.66 10.45
CA SER D 282 35.75 -38.08 10.02
C SER D 282 35.86 -36.61 10.43
N VAL D 283 34.73 -35.94 10.66
CA VAL D 283 34.72 -34.55 11.09
C VAL D 283 34.27 -34.42 12.54
N GLY D 284 34.09 -35.53 13.24
CA GLY D 284 33.76 -35.52 14.65
C GLY D 284 32.30 -35.27 14.97
N ASN D 285 31.44 -35.12 13.97
CA ASN D 285 30.03 -34.86 14.23
C ASN D 285 29.38 -36.10 14.84
N THR D 286 28.49 -35.86 15.81
CA THR D 286 27.72 -36.91 16.45
C THR D 286 26.37 -37.03 15.76
N VAL D 287 25.49 -37.85 16.33
CA VAL D 287 24.12 -37.93 15.82
C VAL D 287 23.44 -36.58 15.96
N LEU D 288 23.63 -35.91 17.09
CA LEU D 288 23.00 -34.61 17.30
C LEU D 288 23.52 -33.60 16.28
N HIS D 289 24.83 -33.64 16.01
CA HIS D 289 25.39 -32.77 14.99
C HIS D 289 24.75 -33.04 13.64
N ALA D 290 24.56 -34.31 13.29
CA ALA D 290 23.91 -34.63 12.03
C ALA D 290 22.48 -34.07 11.99
N LEU D 291 21.75 -34.21 13.10
CA LEU D 291 20.39 -33.70 13.14
C LEU D 291 20.37 -32.20 12.89
N VAL D 292 21.26 -31.46 13.55
CA VAL D 292 21.27 -30.01 13.35
C VAL D 292 21.68 -29.67 11.93
N GLU D 293 22.60 -30.46 11.35
CA GLU D 293 23.05 -30.18 9.99
C GLU D 293 21.92 -30.36 8.98
N VAL D 294 21.17 -31.46 9.09
CA VAL D 294 20.18 -31.77 8.07
C VAL D 294 19.07 -30.72 8.02
N ALA D 295 18.71 -30.16 9.17
CA ALA D 295 17.59 -29.22 9.21
C ALA D 295 17.81 -28.07 8.24
N ASP D 296 16.73 -27.65 7.58
CA ASP D 296 16.77 -26.57 6.60
C ASP D 296 15.79 -25.46 6.95
N ASN D 297 15.38 -25.37 8.22
CA ASN D 297 14.53 -24.31 8.73
C ASN D 297 13.15 -24.30 8.08
N THR D 298 12.73 -25.42 7.49
CA THR D 298 11.37 -25.53 6.97
C THR D 298 10.43 -25.86 8.13
N VAL D 299 9.18 -26.20 7.83
CA VAL D 299 8.19 -26.44 8.87
C VAL D 299 8.24 -27.89 9.35
N ASP D 300 8.01 -28.81 8.42
CA ASP D 300 7.98 -30.25 8.75
C ASP D 300 9.36 -30.63 9.19
N ASN D 301 10.37 -30.22 8.45
CA ASN D 301 11.74 -30.57 8.76
C ASN D 301 12.09 -30.16 10.18
N THR D 302 11.80 -28.93 10.50
CA THR D 302 11.98 -28.49 11.88
C THR D 302 11.28 -29.50 12.75
N LYS D 303 9.98 -29.66 12.56
CA LYS D 303 9.13 -30.47 13.46
C LYS D 303 9.75 -31.83 13.74
N PHE D 304 10.07 -32.54 12.68
CA PHE D 304 10.58 -33.91 12.81
C PHE D 304 11.90 -33.84 13.52
N VAL D 305 12.82 -33.07 13.01
CA VAL D 305 14.19 -33.01 13.50
C VAL D 305 14.21 -32.71 15.00
N THR D 306 13.41 -31.73 15.43
CA THR D 306 13.33 -31.46 16.86
C THR D 306 12.80 -32.66 17.62
N SER D 307 11.78 -33.32 17.07
CA SER D 307 11.16 -34.44 17.78
C SER D 307 12.16 -35.57 17.99
N MET D 308 12.88 -35.90 16.93
CA MET D 308 13.90 -36.95 17.02
C MET D 308 14.91 -36.46 18.02
N TYR D 309 15.51 -35.31 17.79
CA TYR D 309 16.56 -34.82 18.66
C TYR D 309 16.17 -35.07 20.11
N ASN D 310 14.94 -34.69 20.45
CA ASN D 310 14.39 -35.01 21.76
C ASN D 310 14.51 -36.51 22.05
N GLU D 311 13.87 -37.32 21.23
CA GLU D 311 13.78 -38.76 21.50
C GLU D 311 15.16 -39.35 21.76
N ILE D 312 16.14 -39.02 20.92
CA ILE D 312 17.50 -39.48 21.14
C ILE D 312 18.01 -38.98 22.48
N LEU D 313 17.72 -37.72 22.82
CA LEU D 313 18.16 -37.20 24.11
C LEU D 313 17.63 -38.05 25.26
N ILE D 314 16.33 -38.33 25.24
CA ILE D 314 15.70 -39.09 26.33
C ILE D 314 16.28 -40.50 26.39
N LEU D 315 16.39 -41.17 25.23
CA LEU D 315 16.90 -42.54 25.25
C LEU D 315 18.35 -42.58 25.74
N GLY D 316 19.18 -41.64 25.28
CA GLY D 316 20.55 -41.60 25.77
C GLY D 316 20.62 -41.38 27.26
N ALA D 317 19.79 -40.47 27.78
CA ALA D 317 19.75 -40.28 29.22
C ALA D 317 19.33 -41.56 29.93
N LYS D 318 18.35 -42.26 29.39
CA LYS D 318 17.88 -43.50 30.01
C LYS D 318 19.01 -44.53 30.08
N LEU D 319 19.69 -44.76 28.97
CA LEU D 319 20.67 -45.84 28.93
C LEU D 319 21.94 -45.48 29.69
N HIS D 320 22.42 -44.25 29.53
CA HIS D 320 23.64 -43.78 30.20
C HIS D 320 23.36 -42.45 30.86
N PRO D 321 22.69 -42.46 32.02
CA PRO D 321 22.41 -41.19 32.71
C PRO D 321 23.65 -40.45 33.15
N THR D 322 24.79 -41.13 33.25
CA THR D 322 26.04 -40.51 33.68
C THR D 322 26.79 -39.83 32.55
N LEU D 323 26.28 -39.90 31.32
CA LEU D 323 26.91 -39.28 30.16
C LEU D 323 26.26 -37.94 29.86
N LYS D 324 27.05 -37.02 29.34
CA LYS D 324 26.61 -35.65 29.02
C LYS D 324 26.86 -35.41 27.54
N LEU D 325 25.78 -35.46 26.76
CA LEU D 325 25.92 -35.41 25.30
C LEU D 325 26.32 -34.02 24.82
N GLU D 326 25.45 -33.05 25.09
CA GLU D 326 25.57 -31.70 24.48
C GLU D 326 26.88 -30.96 24.72
N GLU D 327 27.77 -31.39 25.59
CA GLU D 327 29.09 -30.78 25.68
C GLU D 327 30.11 -31.46 24.77
N ILE D 328 29.71 -32.52 24.07
CA ILE D 328 30.57 -33.09 23.05
C ILE D 328 30.83 -32.05 21.97
N THR D 329 32.04 -32.07 21.40
CA THR D 329 32.43 -31.11 20.38
C THR D 329 33.09 -31.83 19.23
N ASN D 330 32.99 -31.24 18.05
CA ASN D 330 33.55 -31.82 16.84
C ASN D 330 34.99 -31.36 16.64
N ARG D 331 35.54 -31.61 15.47
CA ARG D 331 36.90 -31.15 15.15
C ARG D 331 36.91 -29.63 15.28
N LYS D 332 35.89 -28.94 14.77
CA LYS D 332 35.79 -27.49 14.94
C LYS D 332 35.65 -27.08 16.40
N GLY D 333 35.36 -28.02 17.29
CA GLY D 333 35.17 -27.68 18.68
C GLY D 333 33.86 -27.01 18.98
N LEU D 334 32.84 -27.21 18.14
CA LEU D 334 31.54 -26.56 18.29
C LEU D 334 30.53 -27.58 18.82
N THR D 335 29.85 -27.21 19.90
CA THR D 335 28.77 -28.03 20.42
C THR D 335 27.59 -27.99 19.46
N PRO D 336 26.72 -29.01 19.48
CA PRO D 336 25.58 -29.00 18.57
C PRO D 336 24.75 -27.74 18.67
N LEU D 337 24.52 -27.24 19.89
CA LEU D 337 23.88 -25.93 20.03
C LEU D 337 24.74 -24.85 19.41
N ALA D 338 26.05 -24.90 19.65
CA ALA D 338 26.95 -23.91 19.05
C ALA D 338 26.93 -24.03 17.53
N LEU D 339 26.94 -25.26 17.01
CA LEU D 339 26.89 -25.44 15.56
C LEU D 339 25.63 -24.85 14.97
N ALA D 340 24.49 -25.11 15.60
CA ALA D 340 23.24 -24.54 15.11
C ALA D 340 23.29 -23.02 15.16
N ALA D 341 23.82 -22.46 16.25
CA ALA D 341 23.89 -21.01 16.36
C ALA D 341 24.77 -20.41 15.26
N SER D 342 25.88 -21.07 14.94
CA SER D 342 26.82 -20.57 13.96
C SER D 342 26.44 -20.96 12.53
N SER D 343 25.38 -21.74 12.35
CA SER D 343 25.05 -22.29 11.05
C SER D 343 23.74 -21.79 10.45
N GLY D 344 22.93 -21.06 11.21
CA GLY D 344 21.72 -20.47 10.67
C GLY D 344 20.44 -21.25 10.88
N LYS D 345 20.44 -22.26 11.74
CA LYS D 345 19.27 -23.11 11.95
C LYS D 345 18.46 -22.53 13.10
N ILE D 346 17.49 -21.67 12.76
CA ILE D 346 16.72 -20.97 13.78
C ILE D 346 15.77 -21.94 14.49
N GLY D 347 15.16 -22.87 13.76
CA GLY D 347 14.18 -23.74 14.37
C GLY D 347 14.74 -24.55 15.53
N VAL D 348 15.90 -25.17 15.31
CA VAL D 348 16.51 -25.95 16.38
C VAL D 348 16.96 -25.05 17.51
N LEU D 349 17.47 -23.86 17.19
CA LEU D 349 17.85 -22.93 18.24
C LEU D 349 16.67 -22.66 19.16
N ALA D 350 15.51 -22.35 18.57
CA ALA D 350 14.32 -22.11 19.36
C ALA D 350 13.93 -23.36 20.15
N TYR D 351 14.06 -24.53 19.53
CA TYR D 351 13.67 -25.76 20.22
C TYR D 351 14.52 -25.97 21.47
N ILE D 352 15.82 -26.13 21.28
CA ILE D 352 16.77 -26.36 22.40
C ILE D 352 16.59 -25.28 23.44
N LEU D 353 16.60 -24.02 23.06
CA LEU D 353 16.58 -22.95 24.05
C LEU D 353 15.28 -22.90 24.84
N GLN D 354 14.24 -23.61 24.38
CA GLN D 354 12.97 -23.70 25.10
C GLN D 354 12.61 -25.15 25.40
N ARG D 355 13.61 -26.00 25.56
CA ARG D 355 13.36 -27.45 25.76
C ARG D 355 12.69 -27.71 27.10
N GLU D 356 11.63 -28.49 27.11
CA GLU D 356 10.99 -28.97 28.33
C GLU D 356 10.74 -30.47 28.20
N ILE D 357 11.13 -31.21 29.23
CA ILE D 357 10.92 -32.65 29.30
C ILE D 357 10.40 -32.94 30.71
N HIS D 358 9.09 -33.08 30.84
CA HIS D 358 8.47 -33.41 32.13
C HIS D 358 8.47 -34.93 32.29
N GLU D 359 9.67 -35.46 32.53
CA GLU D 359 9.92 -36.89 32.56
C GLU D 359 10.46 -37.25 33.94
N PRO D 360 9.80 -38.10 34.72
CA PRO D 360 10.08 -38.14 36.17
C PRO D 360 11.52 -38.43 36.54
N GLU D 361 12.22 -39.30 35.82
CA GLU D 361 13.51 -39.81 36.28
C GLU D 361 14.71 -39.12 35.64
N CYS D 362 14.57 -38.57 34.43
CA CYS D 362 15.69 -37.88 33.78
C CYS D 362 15.22 -36.58 33.14
N ARG D 363 14.35 -35.85 33.83
CA ARG D 363 13.92 -34.54 33.33
C ARG D 363 15.01 -33.49 33.43
N HIS D 364 16.12 -33.79 34.12
CA HIS D 364 17.15 -32.78 34.34
C HIS D 364 17.73 -32.23 33.04
N LEU D 365 17.61 -32.96 31.93
CA LEU D 365 18.15 -32.48 30.67
C LEU D 365 17.39 -31.27 30.13
N SER D 366 16.17 -31.03 30.61
CA SER D 366 15.40 -29.91 30.12
C SER D 366 16.12 -28.60 30.38
N ARG D 367 15.76 -27.57 29.61
CA ARG D 367 16.39 -26.26 29.70
C ARG D 367 15.46 -25.18 30.24
N LYS D 368 14.15 -25.37 30.19
CA LYS D 368 13.19 -24.42 30.69
C LYS D 368 12.46 -25.01 31.90
N PHE D 369 12.32 -24.21 32.96
CA PHE D 369 11.74 -24.68 34.20
C PHE D 369 10.65 -23.72 34.66
N THR D 370 9.72 -24.24 35.45
CA THR D 370 8.67 -23.47 36.08
C THR D 370 8.88 -23.53 37.59
N GLU D 371 8.99 -22.37 38.22
CA GLU D 371 9.29 -22.31 39.67
C GLU D 371 8.00 -22.40 40.45
N TRP D 372 7.16 -21.38 40.38
CA TRP D 372 5.98 -21.31 41.22
C TRP D 372 4.82 -20.73 40.43
N ALA D 373 3.62 -21.22 40.72
CA ALA D 373 2.39 -20.75 40.08
C ALA D 373 1.38 -20.46 41.20
N TYR D 374 1.41 -19.25 41.72
CA TYR D 374 0.47 -18.83 42.77
C TYR D 374 -0.81 -18.35 42.08
N GLY D 375 -1.43 -19.25 41.33
CA GLY D 375 -2.65 -18.94 40.61
C GLY D 375 -2.42 -18.80 39.12
N PRO D 376 -2.92 -17.71 38.52
CA PRO D 376 -2.79 -17.56 37.06
C PRO D 376 -1.43 -17.09 36.61
N VAL D 377 -0.64 -16.46 37.48
CA VAL D 377 0.68 -15.95 37.15
C VAL D 377 1.72 -16.91 37.71
N HIS D 378 2.69 -17.29 36.87
CA HIS D 378 3.74 -18.19 37.29
C HIS D 378 5.07 -17.71 36.71
N SER D 379 6.16 -18.08 37.37
CA SER D 379 7.50 -17.64 37.01
C SER D 379 8.30 -18.82 36.49
N SER D 380 9.08 -18.58 35.43
CA SER D 380 9.89 -19.60 34.80
C SER D 380 11.35 -19.20 34.82
N LEU D 381 12.22 -20.19 34.60
CA LEU D 381 13.66 -19.99 34.58
C LEU D 381 14.23 -20.49 33.26
N TYR D 382 15.17 -19.73 32.71
CA TYR D 382 15.88 -20.10 31.48
C TYR D 382 17.36 -20.23 31.80
N ASP D 383 17.94 -21.35 31.37
CA ASP D 383 19.37 -21.57 31.62
C ASP D 383 20.21 -20.61 30.79
N LEU D 384 21.25 -20.07 31.42
CA LEU D 384 22.16 -19.15 30.75
C LEU D 384 23.50 -19.78 30.40
N SER D 385 23.79 -20.98 30.89
CA SER D 385 25.07 -21.61 30.62
C SER D 385 25.29 -21.75 29.11
N CYS D 386 26.41 -21.23 28.63
CA CYS D 386 26.79 -21.31 27.23
C CYS D 386 25.89 -20.45 26.35
N ILE D 387 25.54 -19.26 26.82
CA ILE D 387 24.85 -18.25 26.02
C ILE D 387 25.58 -16.91 26.06
N ASP D 388 25.84 -16.43 27.27
CA ASP D 388 26.45 -15.09 27.48
C ASP D 388 27.94 -15.10 27.81
N THR D 389 28.43 -16.11 28.51
CA THR D 389 29.82 -16.17 28.93
C THR D 389 30.30 -17.62 28.87
N CYS D 390 31.22 -17.90 27.97
CA CYS D 390 31.89 -19.20 27.89
C CYS D 390 33.40 -19.10 27.74
N GLU D 391 33.93 -17.99 27.24
CA GLU D 391 35.36 -17.75 27.10
C GLU D 391 35.96 -18.58 25.95
N LYS D 392 35.19 -19.48 25.38
CA LYS D 392 35.57 -20.18 24.15
C LYS D 392 34.54 -20.00 23.04
N ASN D 393 33.27 -20.19 23.35
CA ASN D 393 32.21 -20.02 22.35
C ASN D 393 30.91 -19.77 23.09
N SER D 394 30.26 -18.65 22.79
CA SER D 394 28.98 -18.31 23.37
C SER D 394 27.99 -18.03 22.26
N VAL D 395 26.74 -18.44 22.48
CA VAL D 395 25.71 -18.24 21.45
C VAL D 395 25.62 -16.77 21.07
N LEU D 396 25.60 -15.89 22.08
CA LEU D 396 25.48 -14.47 21.81
C LEU D 396 26.66 -13.97 20.96
N GLU D 397 27.88 -14.24 21.40
CA GLU D 397 29.04 -13.74 20.69
C GLU D 397 29.11 -14.33 19.29
N VAL D 398 28.80 -15.62 19.17
CA VAL D 398 28.84 -16.27 17.86
C VAL D 398 27.85 -15.61 16.91
N ILE D 399 26.60 -15.44 17.36
CA ILE D 399 25.59 -14.86 16.49
C ILE D 399 25.96 -13.44 16.11
N ALA D 400 26.39 -12.64 17.10
CA ALA D 400 26.72 -11.25 16.82
C ALA D 400 27.82 -11.14 15.78
N TYR D 401 28.93 -11.86 15.98
CA TYR D 401 30.08 -11.79 15.09
C TYR D 401 30.00 -12.80 13.96
N SER D 402 28.86 -13.45 13.77
CA SER D 402 28.71 -14.38 12.65
C SER D 402 28.87 -13.64 11.33
N SER D 403 29.46 -14.33 10.36
CA SER D 403 29.69 -13.73 9.05
C SER D 403 28.36 -13.29 8.44
N SER D 404 28.46 -12.51 7.37
CA SER D 404 27.29 -12.01 6.67
C SER D 404 26.58 -13.10 5.88
N GLU D 405 27.22 -14.24 5.65
CA GLU D 405 26.64 -15.30 4.83
C GLU D 405 25.62 -16.14 5.59
N THR D 406 25.47 -15.94 6.89
CA THR D 406 24.54 -16.77 7.66
C THR D 406 23.11 -16.52 7.17
N PRO D 407 22.32 -17.56 6.91
CA PRO D 407 20.98 -17.33 6.35
C PRO D 407 20.07 -16.47 7.21
N ASN D 408 20.11 -16.61 8.53
CA ASN D 408 19.14 -15.98 9.42
C ASN D 408 19.83 -15.31 10.59
N ARG D 409 20.89 -14.54 10.31
CA ARG D 409 21.60 -13.88 11.41
C ARG D 409 20.72 -12.88 12.12
N HIS D 410 19.92 -12.11 11.38
CA HIS D 410 19.07 -11.10 12.02
C HIS D 410 18.00 -11.74 12.87
N ASP D 411 17.26 -12.71 12.32
CA ASP D 411 16.10 -13.24 13.00
C ASP D 411 16.46 -14.11 14.20
N MET D 412 17.74 -14.45 14.39
CA MET D 412 18.11 -15.33 15.49
C MET D 412 17.81 -14.70 16.84
N LEU D 413 18.11 -13.41 16.98
CA LEU D 413 17.97 -12.78 18.28
C LEU D 413 16.52 -12.66 18.74
N LEU D 414 15.55 -12.91 17.86
CA LEU D 414 14.15 -12.82 18.24
C LEU D 414 13.73 -13.91 19.21
N VAL D 415 14.56 -14.94 19.41
CA VAL D 415 14.23 -15.97 20.38
C VAL D 415 14.15 -15.33 21.77
N GLU D 416 13.23 -15.89 22.52
CA GLU D 416 12.86 -15.34 23.83
C GLU D 416 14.04 -15.02 24.70
N PRO D 417 14.82 -16.00 25.11
CA PRO D 417 15.79 -15.83 26.16
C PRO D 417 16.75 -14.74 25.69
N LEU D 418 17.24 -14.83 24.47
CA LEU D 418 18.27 -13.94 23.95
C LEU D 418 17.82 -12.49 24.02
N ASN D 419 16.60 -12.21 23.58
CA ASN D 419 16.10 -10.85 23.58
C ASN D 419 16.01 -10.31 25.00
N ARG D 420 15.46 -11.12 25.91
CA ARG D 420 15.34 -10.66 27.30
C ARG D 420 16.72 -10.39 27.90
N LEU D 421 17.68 -11.27 27.63
CA LEU D 421 19.02 -11.09 28.17
C LEU D 421 19.66 -9.81 27.65
N LEU D 422 19.53 -9.56 26.34
CA LEU D 422 20.14 -8.36 25.78
C LEU D 422 19.50 -7.10 26.36
N GLN D 423 18.17 -7.09 26.45
CA GLN D 423 17.50 -5.93 27.03
C GLN D 423 17.94 -5.73 28.48
N ASP D 424 18.07 -6.82 29.22
CA ASP D 424 18.47 -6.72 30.62
C ASP D 424 19.86 -6.12 30.75
N LYS D 425 20.82 -6.65 29.99
CA LYS D 425 22.17 -6.09 30.07
C LYS D 425 22.17 -4.62 29.70
N TRP D 426 21.44 -4.27 28.64
CA TRP D 426 21.30 -2.88 28.25
C TRP D 426 20.90 -2.04 29.46
N ASP D 427 19.68 -2.29 29.97
CA ASP D 427 19.15 -1.47 31.05
C ASP D 427 20.04 -1.48 32.27
N ARG D 428 20.75 -2.59 32.52
CA ARG D 428 21.60 -2.66 33.70
C ARG D 428 22.74 -1.66 33.62
N PHE D 429 23.59 -1.80 32.59
CA PHE D 429 24.75 -0.90 32.52
C PHE D 429 25.09 -0.35 31.14
N VAL D 430 24.63 -0.98 30.06
CA VAL D 430 25.14 -0.57 28.76
C VAL D 430 24.51 0.76 28.37
N LYS D 431 23.27 1.02 28.81
CA LYS D 431 22.65 2.30 28.49
C LYS D 431 23.52 3.45 28.98
N ARG D 432 23.91 3.41 30.26
CA ARG D 432 24.70 4.50 30.81
C ARG D 432 26.09 4.56 30.17
N ILE D 433 26.72 3.41 29.95
CA ILE D 433 28.05 3.46 29.34
C ILE D 433 27.96 4.07 27.94
N PHE D 434 26.96 3.66 27.17
CA PHE D 434 26.80 4.17 25.81
C PHE D 434 26.51 5.65 25.81
N TYR D 435 25.66 6.12 26.73
CA TYR D 435 25.39 7.55 26.79
C TYR D 435 26.66 8.33 27.10
N PHE D 436 27.47 7.82 28.03
CA PHE D 436 28.73 8.50 28.32
C PHE D 436 29.62 8.56 27.09
N ASN D 437 29.73 7.46 26.36
CA ASN D 437 30.55 7.46 25.16
C ASN D 437 30.02 8.46 24.13
N PHE D 438 28.69 8.52 23.99
CA PHE D 438 28.09 9.47 23.05
C PHE D 438 28.43 10.90 23.43
N PHE D 439 28.34 11.23 24.72
CA PHE D 439 28.67 12.57 25.16
C PHE D 439 30.14 12.89 24.90
N VAL D 440 31.03 11.93 25.17
CA VAL D 440 32.45 12.17 24.93
C VAL D 440 32.69 12.45 23.45
N TYR D 441 32.07 11.65 22.57
CA TYR D 441 32.26 11.89 21.14
C TYR D 441 31.73 13.25 20.73
N CYS D 442 30.58 13.64 21.26
CA CYS D 442 30.03 14.96 20.94
C CYS D 442 31.00 16.05 21.35
N LEU D 443 31.54 15.96 22.56
CA LEU D 443 32.48 16.97 23.04
C LEU D 443 33.71 17.02 22.15
N TYR D 444 34.24 15.86 21.78
CA TYR D 444 35.40 15.83 20.90
C TYR D 444 35.09 16.50 19.57
N MET D 445 33.91 16.23 19.01
CA MET D 445 33.55 16.84 17.74
C MET D 445 33.44 18.35 17.87
N ILE D 446 32.85 18.82 18.97
CA ILE D 446 32.73 20.27 19.17
C ILE D 446 34.10 20.91 19.23
N ILE D 447 35.02 20.30 19.99
CA ILE D 447 36.36 20.87 20.10
C ILE D 447 37.05 20.86 18.74
N PHE D 448 36.92 19.77 17.98
CA PHE D 448 37.54 19.71 16.67
C PHE D 448 37.00 20.80 15.76
N THR D 449 35.68 20.99 15.74
CA THR D 449 35.09 22.03 14.91
C THR D 449 35.59 23.40 15.31
N ALA D 450 35.63 23.67 16.62
CA ALA D 450 36.09 24.98 17.07
C ALA D 450 37.53 25.22 16.67
N ALA D 451 38.39 24.22 16.83
CA ALA D 451 39.79 24.38 16.47
C ALA D 451 39.94 24.63 14.98
N ALA D 452 39.23 23.86 14.15
CA ALA D 452 39.33 24.03 12.72
C ALA D 452 38.83 25.40 12.29
N TYR D 453 37.76 25.88 12.93
CA TYR D 453 37.14 27.13 12.49
C TYR D 453 38.13 28.29 12.55
N TYR D 454 38.89 28.39 13.63
CA TYR D 454 39.77 29.54 13.86
C TYR D 454 41.18 29.32 13.32
N ARG D 455 41.35 28.43 12.35
CA ARG D 455 42.68 28.15 11.84
C ARG D 455 43.28 29.42 11.25
N PRO D 456 44.54 29.73 11.54
CA PRO D 456 45.13 30.97 11.02
C PRO D 456 45.34 30.92 9.52
N VAL D 457 45.42 32.10 8.92
CA VAL D 457 45.61 32.25 7.48
C VAL D 457 46.86 33.12 7.29
N GLU D 458 48.01 32.48 7.18
CA GLU D 458 49.25 33.16 6.86
C GLU D 458 50.01 32.48 5.73
N GLY D 459 49.98 31.16 5.67
CA GLY D 459 50.60 30.43 4.58
C GLY D 459 51.80 29.63 5.06
N LEU D 460 52.06 28.52 4.37
CA LEU D 460 53.24 27.70 4.62
C LEU D 460 53.32 27.31 6.09
N PRO D 461 52.48 26.41 6.56
CA PRO D 461 52.57 25.95 7.96
C PRO D 461 53.87 25.19 8.17
N PRO D 462 54.20 24.83 9.43
CA PRO D 462 53.45 25.15 10.65
C PRO D 462 53.57 26.61 11.02
N TYR D 463 52.69 27.08 11.90
CA TYR D 463 52.58 28.49 12.25
C TYR D 463 53.08 28.70 13.67
N LYS D 464 53.82 29.79 13.86
CA LYS D 464 54.38 30.09 15.17
C LYS D 464 53.26 30.38 16.18
N LEU D 465 53.53 30.01 17.42
CA LEU D 465 52.54 30.10 18.50
C LEU D 465 52.75 31.41 19.26
N LYS D 466 51.86 32.37 19.07
CA LYS D 466 51.93 33.61 19.81
C LYS D 466 51.49 33.40 21.25
N ASN D 467 52.14 34.09 22.18
CA ASN D 467 51.82 33.94 23.59
C ASN D 467 50.50 34.64 23.88
N THR D 468 49.38 33.96 23.65
CA THR D 468 48.07 34.55 23.85
C THR D 468 47.11 33.46 24.32
N VAL D 469 46.06 33.89 25.03
CA VAL D 469 45.07 32.93 25.52
C VAL D 469 44.35 32.27 24.36
N GLY D 470 43.95 33.06 23.37
CA GLY D 470 43.22 32.49 22.23
C GLY D 470 44.07 31.51 21.44
N ASP D 471 45.32 31.88 21.17
CA ASP D 471 46.22 30.98 20.47
C ASP D 471 46.45 29.72 21.28
N TYR D 472 46.56 29.87 22.60
CA TYR D 472 46.75 28.70 23.47
C TYR D 472 45.56 27.75 23.37
N PHE D 473 44.34 28.30 23.42
CA PHE D 473 43.16 27.46 23.26
C PHE D 473 43.16 26.77 21.89
N ARG D 474 43.51 27.51 20.84
CA ARG D 474 43.51 26.91 19.51
C ARG D 474 44.48 25.74 19.44
N VAL D 475 45.69 25.93 19.96
CA VAL D 475 46.70 24.87 19.87
C VAL D 475 46.30 23.67 20.70
N THR D 476 45.79 23.90 21.92
CA THR D 476 45.39 22.76 22.74
C THR D 476 44.22 22.02 22.12
N GLY D 477 43.28 22.74 21.51
CA GLY D 477 42.21 22.07 20.79
C GLY D 477 42.73 21.24 19.64
N GLU D 478 43.75 21.77 18.99
CA GLU D 478 44.33 21.04 17.89
C GLU D 478 44.83 19.75 18.49
N ILE D 479 45.67 19.82 19.51
CA ILE D 479 46.28 18.64 20.10
C ILE D 479 45.21 17.62 20.48
N LEU D 480 44.12 18.08 21.09
CA LEU D 480 43.05 17.17 21.46
C LEU D 480 42.47 16.47 20.24
N SER D 481 42.24 17.22 19.16
CA SER D 481 41.65 16.63 17.96
C SER D 481 42.58 15.58 17.36
N VAL D 482 43.88 15.89 17.29
CA VAL D 482 44.82 14.93 16.74
C VAL D 482 44.89 13.69 17.62
N SER D 483 44.84 13.88 18.94
CA SER D 483 44.84 12.73 19.84
C SER D 483 43.63 11.85 19.60
N GLY D 484 42.45 12.46 19.43
CA GLY D 484 41.26 11.69 19.13
C GLY D 484 41.40 10.92 17.83
N GLY D 485 41.98 11.57 16.81
CA GLY D 485 42.23 10.87 15.56
C GLY D 485 43.12 9.66 15.74
N VAL D 486 44.19 9.82 16.51
CA VAL D 486 45.08 8.68 16.79
C VAL D 486 44.32 7.58 17.51
N TYR D 487 43.51 7.95 18.48
CA TYR D 487 42.74 6.95 19.22
C TYR D 487 41.85 6.16 18.28
N PHE D 488 41.12 6.85 17.41
CA PHE D 488 40.23 6.14 16.49
C PHE D 488 41.02 5.28 15.52
N PHE D 489 42.18 5.76 15.07
CA PHE D 489 43.02 4.96 14.18
C PHE D 489 43.41 3.65 14.85
N PHE D 490 43.91 3.74 16.08
CA PHE D 490 44.32 2.53 16.79
C PHE D 490 43.13 1.62 17.05
N ARG D 491 41.97 2.20 17.35
CA ARG D 491 40.78 1.37 17.57
C ARG D 491 40.42 0.60 16.31
N GLY D 492 40.48 1.27 15.15
CA GLY D 492 40.20 0.58 13.90
C GLY D 492 41.19 -0.52 13.62
N ILE D 493 42.47 -0.26 13.87
CA ILE D 493 43.49 -1.28 13.68
C ILE D 493 43.20 -2.48 14.58
N GLN D 494 42.86 -2.22 15.84
CA GLN D 494 42.55 -3.30 16.76
C GLN D 494 41.36 -4.11 16.28
N TYR D 495 40.33 -3.44 15.80
CA TYR D 495 39.17 -4.17 15.28
C TYR D 495 39.58 -5.05 14.11
N PHE D 496 40.35 -4.50 13.17
CA PHE D 496 40.75 -5.28 12.00
C PHE D 496 41.55 -6.51 12.41
N LEU D 497 42.47 -6.37 13.36
CA LEU D 497 43.30 -7.50 13.73
C LEU D 497 42.53 -8.52 14.57
N GLN D 498 41.67 -8.05 15.48
CA GLN D 498 40.97 -8.98 16.36
C GLN D 498 39.92 -9.77 15.60
N ARG D 499 39.11 -9.10 14.79
CA ARG D 499 38.05 -9.82 14.08
C ARG D 499 38.60 -10.60 12.89
N ARG D 500 39.59 -10.06 12.21
CA ARG D 500 40.15 -10.70 11.03
C ARG D 500 39.05 -10.95 10.00
N PRO D 501 38.50 -9.90 9.38
CA PRO D 501 37.50 -10.12 8.34
C PRO D 501 38.10 -10.87 7.15
N SER D 502 37.24 -11.61 6.46
CA SER D 502 37.68 -12.52 5.41
C SER D 502 37.95 -11.82 4.08
N LEU D 503 38.14 -10.50 4.08
CA LEU D 503 38.47 -9.70 2.91
C LEU D 503 37.31 -9.59 1.93
N LYS D 504 36.20 -10.27 2.17
CA LYS D 504 34.98 -10.10 1.40
C LYS D 504 33.93 -9.32 2.18
N SER D 505 33.61 -9.77 3.39
CA SER D 505 32.73 -9.02 4.26
C SER D 505 33.36 -7.71 4.73
N LEU D 506 34.67 -7.57 4.57
CA LEU D 506 35.35 -6.38 5.08
C LEU D 506 34.73 -5.12 4.52
N PHE D 507 34.50 -5.07 3.21
CA PHE D 507 33.86 -3.95 2.55
C PHE D 507 32.37 -4.14 2.38
N VAL D 508 31.79 -5.19 2.95
CA VAL D 508 30.35 -5.43 2.86
C VAL D 508 29.66 -5.33 4.20
N ASP D 509 30.36 -5.52 5.31
CA ASP D 509 29.80 -5.37 6.64
C ASP D 509 30.68 -4.43 7.45
N SER D 510 30.15 -3.91 8.52
CA SER D 510 30.94 -3.01 9.36
C SER D 510 31.24 -1.77 8.56
N TYR D 511 30.22 -1.06 8.16
CA TYR D 511 30.44 0.23 7.48
C TYR D 511 30.99 1.16 8.55
N SER D 512 30.45 1.19 9.75
CA SER D 512 30.84 2.17 10.76
C SER D 512 32.33 2.12 11.02
N GLU D 513 32.90 0.91 11.14
CA GLU D 513 34.33 0.80 11.38
C GLU D 513 35.11 1.41 10.23
N ILE D 514 34.69 1.14 9.00
CA ILE D 514 35.37 1.72 7.85
C ILE D 514 35.29 3.24 7.89
N LEU D 515 34.11 3.77 8.20
CA LEU D 515 33.95 5.22 8.18
C LEU D 515 34.82 5.88 9.25
N PHE D 516 34.84 5.33 10.46
CA PHE D 516 35.68 5.90 11.51
C PHE D 516 37.15 5.79 11.15
N PHE D 517 37.56 4.66 10.57
CA PHE D 517 38.95 4.49 10.17
C PHE D 517 39.32 5.49 9.09
N VAL D 518 38.40 5.76 8.15
CA VAL D 518 38.69 6.72 7.10
C VAL D 518 38.81 8.12 7.68
N GLN D 519 37.95 8.46 8.64
CA GLN D 519 38.09 9.75 9.30
C GLN D 519 39.46 9.86 9.98
N SER D 520 39.89 8.79 10.66
CA SER D 520 41.20 8.80 11.29
C SER D 520 42.31 8.98 10.26
N LEU D 521 42.19 8.28 9.13
CA LEU D 521 43.20 8.40 8.09
C LEU D 521 43.28 9.82 7.56
N PHE D 522 42.12 10.45 7.33
CA PHE D 522 42.13 11.83 6.87
C PHE D 522 42.80 12.73 7.88
N MET D 523 42.48 12.57 9.17
CA MET D 523 43.10 13.41 10.19
C MET D 523 44.62 13.21 10.22
N LEU D 524 45.07 11.96 10.17
CA LEU D 524 46.49 11.70 10.25
C LEU D 524 47.22 12.26 9.03
N VAL D 525 46.65 12.09 7.84
CA VAL D 525 47.25 12.67 6.65
C VAL D 525 47.28 14.19 6.76
N SER D 526 46.24 14.78 7.34
CA SER D 526 46.23 16.21 7.55
C SER D 526 47.39 16.65 8.43
N VAL D 527 47.64 15.90 9.51
CA VAL D 527 48.77 16.24 10.37
C VAL D 527 50.07 16.10 9.60
N VAL D 528 50.22 15.01 8.84
CA VAL D 528 51.45 14.77 8.10
C VAL D 528 51.73 15.93 7.16
N LEU D 529 50.71 16.37 6.42
CA LEU D 529 50.89 17.50 5.53
C LEU D 529 51.18 18.78 6.32
N TYR D 530 50.48 18.97 7.43
CA TYR D 530 50.66 20.19 8.23
C TYR D 530 52.11 20.33 8.67
N PHE D 531 52.76 19.21 9.00
CA PHE D 531 54.16 19.24 9.38
C PHE D 531 55.09 19.16 8.17
N SER D 532 54.54 19.03 6.97
CA SER D 532 55.33 18.98 5.75
C SER D 532 55.32 20.30 4.98
N GLN D 533 54.74 21.36 5.55
CA GLN D 533 54.71 22.67 4.91
C GLN D 533 53.92 22.62 3.60
N ARG D 534 52.67 22.19 3.71
CA ARG D 534 51.75 22.16 2.58
C ARG D 534 50.40 22.71 3.00
N LYS D 535 49.70 23.33 2.05
CA LYS D 535 48.39 23.90 2.31
C LYS D 535 47.28 22.87 2.21
N GLU D 536 47.57 21.69 1.75
CA GLU D 536 46.47 20.76 1.54
C GLU D 536 45.97 20.24 2.88
N TYR D 537 46.70 20.43 3.99
CA TYR D 537 46.19 20.02 5.29
C TYR D 537 44.81 20.61 5.53
N VAL D 538 44.51 21.77 4.95
CA VAL D 538 43.17 22.35 5.09
C VAL D 538 42.14 21.45 4.42
N ALA D 539 42.44 21.00 3.20
CA ALA D 539 41.51 20.13 2.49
C ALA D 539 41.30 18.83 3.27
N SER D 540 42.40 18.23 3.74
CA SER D 540 42.27 16.99 4.50
C SER D 540 41.46 17.24 5.77
N MET D 541 41.70 18.37 6.44
CA MET D 541 41.00 18.68 7.67
C MET D 541 39.51 18.82 7.43
N VAL D 542 39.12 19.50 6.36
CA VAL D 542 37.69 19.68 6.11
C VAL D 542 37.04 18.36 5.75
N PHE D 543 37.73 17.53 4.95
CA PHE D 543 37.20 16.20 4.67
C PHE D 543 36.95 15.44 5.97
N SER D 544 37.96 15.41 6.84
CA SER D 544 37.83 14.70 8.10
C SER D 544 36.71 15.27 8.95
N LEU D 545 36.60 16.60 8.98
CA LEU D 545 35.60 17.24 9.82
C LEU D 545 34.20 16.86 9.37
N ALA D 546 33.94 16.93 8.05
CA ALA D 546 32.62 16.57 7.55
C ALA D 546 32.33 15.10 7.80
N MET D 547 33.32 14.23 7.56
CA MET D 547 33.09 12.81 7.79
C MET D 547 32.78 12.54 9.25
N GLY D 548 33.52 13.17 10.16
CA GLY D 548 33.27 12.98 11.58
C GLY D 548 31.89 13.47 11.98
N TRP D 549 31.49 14.64 11.51
CA TRP D 549 30.17 15.16 11.88
C TRP D 549 29.07 14.23 11.36
N THR D 550 29.19 13.77 10.11
CA THR D 550 28.16 12.89 9.59
C THR D 550 28.20 11.51 10.23
N ASN D 551 29.24 11.19 10.94
CA ASN D 551 29.34 9.86 11.59
C ASN D 551 28.58 9.93 12.91
N MET D 552 28.00 11.05 13.26
CA MET D 552 27.20 11.10 14.48
C MET D 552 26.00 10.18 14.40
N LEU D 553 25.56 9.81 13.21
CA LEU D 553 24.43 8.89 13.09
C LEU D 553 24.70 7.58 13.81
N TYR D 554 25.97 7.19 13.92
CA TYR D 554 26.28 5.90 14.54
C TYR D 554 25.60 5.76 15.89
N TYR D 555 25.60 6.82 16.68
CA TYR D 555 25.04 6.77 18.02
C TYR D 555 23.52 6.77 18.03
N THR D 556 22.88 6.95 16.89
CA THR D 556 21.42 6.88 16.85
C THR D 556 20.92 5.52 17.27
N ARG D 557 21.73 4.47 17.15
CA ARG D 557 21.40 3.22 17.81
C ARG D 557 21.47 3.41 19.31
N GLY D 558 20.62 2.69 20.03
CA GLY D 558 20.35 2.99 21.41
C GLY D 558 19.11 3.82 21.63
N PHE D 559 18.45 4.25 20.55
CA PHE D 559 17.13 4.84 20.60
C PHE D 559 16.33 4.20 19.48
N GLN D 560 15.34 3.39 19.85
CA GLN D 560 14.72 2.48 18.89
C GLN D 560 14.26 3.20 17.64
N GLN D 561 13.51 4.30 17.79
CA GLN D 561 12.95 4.97 16.63
C GLN D 561 14.05 5.48 15.71
N MET D 562 15.01 6.22 16.26
CA MET D 562 16.06 6.79 15.43
C MET D 562 16.98 5.70 14.89
N GLY D 563 17.19 4.62 15.64
CA GLY D 563 17.98 3.52 15.11
C GLY D 563 17.34 2.89 13.90
N ILE D 564 16.03 2.63 13.97
CA ILE D 564 15.33 2.07 12.81
C ILE D 564 15.37 3.06 11.66
N TYR D 565 15.25 4.35 11.96
CA TYR D 565 15.34 5.35 10.89
C TYR D 565 16.70 5.29 10.21
N ALA D 566 17.78 5.17 11.00
CA ALA D 566 19.11 5.08 10.40
C ALA D 566 19.25 3.84 9.55
N VAL D 567 18.66 2.72 10.00
CA VAL D 567 18.71 1.51 9.18
C VAL D 567 17.97 1.71 7.86
N MET D 568 16.81 2.37 7.92
CA MET D 568 16.11 2.73 6.70
C MET D 568 17.03 3.52 5.77
N ILE D 569 17.71 4.51 6.31
CA ILE D 569 18.60 5.33 5.50
C ILE D 569 19.67 4.47 4.85
N GLU D 570 20.20 3.52 5.58
CA GLU D 570 21.25 2.67 5.02
C GLU D 570 20.63 1.98 3.86
N LYS D 571 19.60 1.21 4.11
CA LYS D 571 19.05 0.38 3.04
C LYS D 571 18.75 1.22 1.80
N MET D 572 18.23 2.42 2.00
CA MET D 572 17.90 3.28 0.87
C MET D 572 19.16 3.63 0.09
N ILE D 573 20.17 4.14 0.78
CA ILE D 573 21.41 4.50 0.12
C ILE D 573 22.00 3.29 -0.59
N LEU D 574 21.80 2.10 -0.04
CA LEU D 574 22.40 0.91 -0.62
C LEU D 574 21.71 0.52 -1.92
N ARG D 575 20.38 0.56 -1.96
CA ARG D 575 19.65 0.05 -3.12
C ARG D 575 19.15 1.17 -4.04
N ASP D 576 18.29 2.05 -3.54
CA ASP D 576 17.56 2.94 -4.42
C ASP D 576 18.46 4.06 -4.93
N LEU D 577 19.21 4.68 -4.02
CA LEU D 577 20.11 5.74 -4.43
C LEU D 577 21.13 5.22 -5.42
N CYS D 578 21.63 3.99 -5.20
CA CYS D 578 22.59 3.42 -6.12
C CYS D 578 22.01 3.26 -7.52
N ARG D 579 20.86 2.60 -7.63
CA ARG D 579 20.29 2.37 -8.95
C ARG D 579 20.00 3.70 -9.65
N PHE D 580 19.35 4.62 -8.93
CA PHE D 580 19.00 5.89 -9.55
C PHE D 580 20.25 6.64 -9.97
N MET D 581 21.29 6.64 -9.14
CA MET D 581 22.50 7.36 -9.48
C MET D 581 23.13 6.79 -10.73
N PHE D 582 23.15 5.46 -10.87
CA PHE D 582 23.73 4.88 -12.07
C PHE D 582 22.97 5.34 -13.31
N VAL D 583 21.66 5.17 -13.32
CA VAL D 583 20.89 5.51 -14.53
C VAL D 583 21.00 7.01 -14.81
N TYR D 584 20.85 7.83 -13.77
CA TYR D 584 20.85 9.27 -13.96
C TYR D 584 22.20 9.77 -14.43
N LEU D 585 23.29 9.18 -13.91
CA LEU D 585 24.61 9.60 -14.36
C LEU D 585 24.84 9.23 -15.81
N VAL D 586 24.38 8.05 -16.23
CA VAL D 586 24.46 7.72 -17.65
C VAL D 586 23.74 8.78 -18.49
N PHE D 587 22.50 9.07 -18.11
CA PHE D 587 21.71 10.06 -18.86
C PHE D 587 22.43 11.40 -18.90
N LEU D 588 22.90 11.85 -17.73
CA LEU D 588 23.50 13.17 -17.62
C LEU D 588 24.76 13.27 -18.47
N PHE D 589 25.62 12.25 -18.40
CA PHE D 589 26.83 12.28 -19.20
C PHE D 589 26.50 12.30 -20.68
N GLY D 590 25.55 11.47 -21.11
CA GLY D 590 25.20 11.45 -22.51
C GLY D 590 24.75 12.81 -23.01
N PHE D 591 23.73 13.36 -22.35
CA PHE D 591 23.18 14.62 -22.83
C PHE D 591 24.17 15.76 -22.66
N SER D 592 25.01 15.72 -21.63
CA SER D 592 26.02 16.75 -21.45
C SER D 592 27.02 16.73 -22.58
N THR D 593 27.49 15.53 -22.96
CA THR D 593 28.41 15.44 -24.09
C THR D 593 27.76 15.97 -25.35
N ALA D 594 26.49 15.59 -25.60
CA ALA D 594 25.81 16.10 -26.78
C ALA D 594 25.76 17.62 -26.77
N VAL D 595 25.38 18.20 -25.64
CA VAL D 595 25.22 19.66 -25.56
C VAL D 595 26.55 20.34 -25.81
N VAL D 596 27.61 19.90 -25.12
CA VAL D 596 28.91 20.55 -25.27
C VAL D 596 29.37 20.44 -26.71
N THR D 597 29.13 19.29 -27.35
CA THR D 597 29.44 19.18 -28.76
C THR D 597 28.71 20.24 -29.57
N LEU D 598 27.42 20.42 -29.28
CA LEU D 598 26.64 21.41 -30.03
C LEU D 598 27.18 22.82 -29.83
N ILE D 599 27.54 23.17 -28.60
CA ILE D 599 28.01 24.52 -28.33
C ILE D 599 29.24 24.81 -29.17
N GLU D 600 29.26 26.00 -29.78
CA GLU D 600 30.33 26.36 -30.71
C GLU D 600 31.60 26.73 -29.97
N ASP D 601 31.55 27.77 -29.15
CA ASP D 601 32.71 28.21 -28.39
C ASP D 601 32.26 29.27 -27.40
N GLY D 602 32.93 29.32 -26.27
CA GLY D 602 32.60 30.26 -25.22
C GLY D 602 32.93 29.69 -23.85
N LYS D 603 32.32 30.30 -22.83
CA LYS D 603 32.59 29.87 -21.46
C LYS D 603 32.22 28.41 -21.27
N TYR D 604 31.08 27.99 -21.81
CA TYR D 604 30.54 26.66 -21.58
C TYR D 604 31.01 25.65 -22.63
N ASN D 605 32.15 25.91 -23.29
CA ASN D 605 32.67 24.99 -24.29
C ASN D 605 33.56 23.91 -23.67
N SER D 606 33.38 23.63 -22.38
CA SER D 606 34.15 22.60 -21.69
C SER D 606 33.19 21.60 -21.06
N LEU D 607 33.63 20.35 -20.99
CA LEU D 607 32.76 19.28 -20.49
C LEU D 607 32.32 19.55 -19.06
N TYR D 608 33.25 20.02 -18.22
CA TYR D 608 32.94 20.24 -16.81
C TYR D 608 31.83 21.28 -16.65
N SER D 609 31.96 22.41 -17.34
CA SER D 609 30.98 23.49 -17.19
C SER D 609 29.61 23.03 -17.66
N THR D 610 29.54 22.41 -18.83
CA THR D 610 28.25 21.98 -19.34
C THR D 610 27.63 20.91 -18.45
N CYS D 611 28.45 19.98 -17.95
CA CYS D 611 27.92 18.96 -17.06
C CYS D 611 27.35 19.58 -15.81
N LEU D 612 28.06 20.56 -15.23
CA LEU D 612 27.54 21.24 -14.05
C LEU D 612 26.23 21.96 -14.37
N GLU D 613 26.16 22.62 -15.52
CA GLU D 613 24.96 23.36 -15.87
C GLU D 613 23.77 22.44 -16.05
N LEU D 614 23.98 21.28 -16.71
CA LEU D 614 22.91 20.32 -16.83
C LEU D 614 22.51 19.76 -15.47
N PHE D 615 23.48 19.51 -14.59
CA PHE D 615 23.15 19.01 -13.27
C PHE D 615 22.33 20.01 -12.49
N LYS D 616 22.54 21.31 -12.73
CA LYS D 616 21.81 22.33 -11.99
C LYS D 616 20.30 22.15 -12.14
N PHE D 617 19.86 21.53 -13.24
CA PHE D 617 18.44 21.27 -13.41
C PHE D 617 17.91 20.37 -12.30
N THR D 618 18.68 19.34 -11.93
CA THR D 618 18.18 18.34 -10.99
C THR D 618 17.76 18.96 -9.67
N ILE D 619 18.38 20.06 -9.28
CA ILE D 619 18.12 20.69 -7.99
C ILE D 619 17.19 21.89 -8.13
N GLY D 620 16.40 21.93 -9.20
CA GLY D 620 15.48 23.04 -9.38
C GLY D 620 16.16 24.36 -9.64
N MET D 621 17.22 24.36 -10.46
CA MET D 621 17.93 25.60 -10.77
C MET D 621 18.32 25.68 -12.24
N GLY D 622 17.69 24.89 -13.10
CA GLY D 622 18.03 24.94 -14.51
C GLY D 622 17.74 26.30 -15.12
N ASP D 623 18.33 26.54 -16.29
CA ASP D 623 18.26 27.84 -16.95
C ASP D 623 17.56 27.79 -18.29
N LEU D 624 17.89 26.82 -19.14
CA LEU D 624 17.30 26.68 -20.47
C LEU D 624 17.76 27.79 -21.41
N GLU D 625 18.56 28.74 -20.91
CA GLU D 625 19.10 29.80 -21.75
C GLU D 625 20.51 30.18 -21.31
N PHE D 626 21.24 29.25 -20.71
CA PHE D 626 22.52 29.60 -20.10
C PHE D 626 23.57 30.00 -21.14
N THR D 627 23.32 29.77 -22.42
CA THR D 627 24.25 30.21 -23.45
C THR D 627 23.51 30.34 -24.78
N GLU D 628 24.11 31.11 -25.67
CA GLU D 628 23.62 31.25 -27.04
C GLU D 628 24.71 30.98 -28.08
N ASN D 629 25.93 30.68 -27.65
CA ASN D 629 27.05 30.47 -28.57
C ASN D 629 26.88 29.11 -29.22
N TYR D 630 26.13 29.09 -30.32
CA TYR D 630 25.91 27.87 -31.08
C TYR D 630 25.20 28.25 -32.37
N ASP D 631 24.83 27.24 -33.14
CA ASP D 631 23.85 27.36 -34.20
C ASP D 631 22.72 26.40 -33.91
N PHE D 632 21.63 26.53 -34.66
CA PHE D 632 20.56 25.55 -34.66
C PHE D 632 19.92 25.48 -33.27
N LYS D 633 19.37 26.62 -32.85
CA LYS D 633 18.77 26.73 -31.53
C LYS D 633 17.72 25.66 -31.31
N ALA D 634 17.03 25.23 -32.36
CA ALA D 634 16.02 24.20 -32.22
C ALA D 634 16.60 22.93 -31.65
N VAL D 635 17.78 22.51 -32.14
CA VAL D 635 18.41 21.31 -31.63
C VAL D 635 18.76 21.47 -30.17
N PHE D 636 19.31 22.62 -29.79
CA PHE D 636 19.69 22.86 -28.40
C PHE D 636 18.48 22.75 -27.48
N ILE D 637 17.39 23.43 -27.84
CA ILE D 637 16.23 23.43 -26.97
C ILE D 637 15.59 22.04 -26.94
N ILE D 638 15.61 21.32 -28.06
CA ILE D 638 15.07 19.97 -28.08
C ILE D 638 15.88 19.09 -27.13
N LEU D 639 17.20 19.19 -27.18
CA LEU D 639 18.04 18.38 -26.30
C LEU D 639 17.76 18.70 -24.84
N LEU D 640 17.67 19.99 -24.51
CA LEU D 640 17.42 20.36 -23.12
C LEU D 640 16.06 19.88 -22.65
N LEU D 641 15.03 20.03 -23.49
CA LEU D 641 13.71 19.58 -23.09
C LEU D 641 13.67 18.07 -22.91
N ALA D 642 14.31 17.34 -23.82
CA ALA D 642 14.34 15.89 -23.67
C ALA D 642 15.04 15.50 -22.38
N TYR D 643 16.17 16.15 -22.07
CA TYR D 643 16.88 15.84 -20.84
C TYR D 643 16.02 16.14 -19.63
N VAL D 644 15.34 17.28 -19.63
CA VAL D 644 14.48 17.64 -18.51
C VAL D 644 13.39 16.59 -18.33
N ILE D 645 12.68 16.26 -19.41
CA ILE D 645 11.59 15.30 -19.31
C ILE D 645 12.11 13.97 -18.81
N LEU D 646 13.24 13.51 -19.33
CA LEU D 646 13.72 12.18 -18.98
C LEU D 646 14.20 12.12 -17.54
N THR D 647 14.96 13.12 -17.09
CA THR D 647 15.51 13.06 -15.73
C THR D 647 14.57 13.68 -14.71
N TYR D 648 14.32 14.99 -14.80
CA TYR D 648 13.64 15.69 -13.73
C TYR D 648 12.22 15.18 -13.55
N ILE D 649 11.45 15.15 -14.64
CA ILE D 649 10.04 14.80 -14.51
C ILE D 649 9.87 13.32 -14.19
N LEU D 650 10.62 12.46 -14.86
CA LEU D 650 10.41 11.02 -14.76
C LEU D 650 11.22 10.38 -13.63
N LEU D 651 12.55 10.49 -13.69
CA LEU D 651 13.39 9.66 -12.85
C LEU D 651 13.29 10.06 -11.39
N LEU D 652 13.18 11.36 -11.09
CA LEU D 652 13.07 11.78 -9.70
C LEU D 652 11.78 11.27 -9.07
N ASN D 653 10.73 11.44 -9.83
CA ASN D 653 9.44 11.00 -9.37
C ASN D 653 9.55 9.49 -9.16
N MET D 654 10.11 8.70 -10.09
CA MET D 654 10.30 7.28 -9.95
C MET D 654 11.10 6.96 -8.70
N LEU D 655 12.09 7.79 -8.38
CA LEU D 655 12.86 7.58 -7.16
C LEU D 655 11.98 7.69 -5.94
N ILE D 656 11.10 8.69 -5.92
CA ILE D 656 10.19 8.84 -4.79
C ILE D 656 9.31 7.60 -4.66
N ALA D 657 8.77 7.12 -5.78
CA ALA D 657 7.88 5.96 -5.73
C ALA D 657 8.61 4.70 -5.27
N LEU D 658 9.80 4.45 -5.80
CA LEU D 658 10.58 3.29 -5.38
C LEU D 658 10.94 3.39 -3.91
N MET D 659 11.26 4.56 -3.43
CA MET D 659 11.61 4.62 -2.03
C MET D 659 10.31 4.26 -1.33
N GLY D 660 9.18 4.86 -1.64
CA GLY D 660 7.96 4.53 -0.92
C GLY D 660 7.74 3.04 -0.81
N GLU D 661 7.91 2.33 -1.93
CA GLU D 661 7.77 0.88 -1.90
C GLU D 661 8.76 0.26 -0.93
N THR D 662 10.01 0.71 -0.98
CA THR D 662 11.02 0.18 -0.08
C THR D 662 10.58 0.35 1.37
N VAL D 663 10.15 1.57 1.74
CA VAL D 663 9.67 1.78 3.10
C VAL D 663 8.58 0.78 3.43
N ASN D 664 7.63 0.63 2.52
CA ASN D 664 6.53 -0.29 2.78
C ASN D 664 7.02 -1.72 2.96
N LYS D 665 8.22 -2.05 2.47
CA LYS D 665 8.65 -3.44 2.43
C LYS D 665 9.62 -3.85 3.54
N ILE D 666 10.33 -2.92 4.19
CA ILE D 666 11.47 -3.31 5.02
C ILE D 666 11.32 -2.88 6.47
N ALA D 667 10.09 -2.85 7.00
CA ALA D 667 9.91 -2.48 8.40
C ALA D 667 10.55 -3.50 9.33
N GLN D 668 10.07 -4.75 9.28
CA GLN D 668 10.53 -5.75 10.24
C GLN D 668 12.02 -6.02 10.09
N GLU D 669 12.51 -6.07 8.85
CA GLU D 669 13.93 -6.29 8.65
C GLU D 669 14.75 -5.16 9.25
N SER D 670 14.27 -3.92 9.10
CA SER D 670 14.98 -2.79 9.69
C SER D 670 15.01 -2.91 11.21
N LYS D 671 13.88 -3.26 11.82
CA LYS D 671 13.87 -3.40 13.27
C LYS D 671 14.85 -4.48 13.73
N ASN D 672 14.87 -5.61 13.02
CA ASN D 672 15.78 -6.69 13.40
C ASN D 672 17.23 -6.28 13.24
N ILE D 673 17.54 -5.55 12.16
CA ILE D 673 18.91 -5.07 11.98
C ILE D 673 19.30 -4.13 13.10
N TRP D 674 18.39 -3.25 13.51
CA TRP D 674 18.70 -2.37 14.63
C TRP D 674 18.98 -3.17 15.89
N LYS D 675 18.18 -4.20 16.14
CA LYS D 675 18.40 -5.02 17.32
C LYS D 675 19.77 -5.68 17.27
N LEU D 676 20.15 -6.18 16.09
CA LEU D 676 21.48 -6.80 15.96
C LEU D 676 22.58 -5.77 16.21
N GLN D 677 22.41 -4.55 15.70
CA GLN D 677 23.41 -3.51 15.92
C GLN D 677 23.57 -3.24 17.41
N ARG D 678 22.45 -3.11 18.12
CA ARG D 678 22.54 -2.88 19.56
C ARG D 678 23.21 -4.05 20.27
N ALA D 679 22.91 -5.27 19.83
CA ALA D 679 23.55 -6.43 20.43
C ALA D 679 25.06 -6.39 20.25
N ILE D 680 25.51 -6.05 19.04
CA ILE D 680 26.94 -5.93 18.79
C ILE D 680 27.54 -4.86 19.69
N THR D 681 26.84 -3.74 19.86
CA THR D 681 27.34 -2.69 20.73
C THR D 681 27.51 -3.20 22.15
N ILE D 682 26.53 -3.91 22.67
CA ILE D 682 26.58 -4.47 24.04
C ILE D 682 27.77 -5.41 24.12
N LEU D 683 27.96 -6.31 23.17
CA LEU D 683 29.05 -7.27 23.24
C LEU D 683 30.41 -6.56 23.23
N ASP D 684 30.60 -5.64 22.33
CA ASP D 684 31.87 -4.90 22.33
C ASP D 684 32.03 -4.27 23.71
N THR D 685 31.06 -3.48 24.15
CA THR D 685 31.25 -2.75 25.41
C THR D 685 31.67 -3.71 26.52
N GLU D 686 30.99 -4.85 26.62
CA GLU D 686 31.32 -5.78 27.69
C GLU D 686 32.74 -6.32 27.54
N LYS D 687 33.13 -6.69 26.32
CA LYS D 687 34.48 -7.16 26.10
C LYS D 687 35.52 -6.05 26.22
N SER D 688 35.10 -4.80 26.29
CA SER D 688 36.05 -3.67 26.26
C SER D 688 36.73 -3.46 27.60
N PHE D 689 36.15 -3.97 28.67
CA PHE D 689 36.69 -3.74 30.01
C PHE D 689 36.70 -2.26 30.38
N LEU D 690 35.84 -1.46 29.75
CA LEU D 690 35.86 -0.02 29.98
C LEU D 690 35.54 0.30 31.44
N LYS D 691 34.50 -0.32 31.99
CA LYS D 691 34.16 -0.14 33.39
C LYS D 691 33.66 -1.41 34.08
N CYS D 692 33.73 -2.54 33.36
CA CYS D 692 33.23 -3.83 33.85
C CYS D 692 34.21 -4.44 34.82
N MET D 693 35.34 -4.89 34.31
CA MET D 693 36.36 -5.63 35.04
C MET D 693 35.75 -6.85 35.73
N ARG D 694 34.92 -7.58 35.00
CA ARG D 694 34.16 -8.73 35.48
C ARG D 694 33.15 -8.36 36.56
N LYS D 695 32.95 -7.06 36.79
CA LYS D 695 31.82 -6.59 37.58
C LYS D 695 30.64 -6.41 36.63
N ALA D 696 29.58 -5.75 37.10
CA ALA D 696 28.36 -5.61 36.30
C ALA D 696 27.84 -6.99 35.92
N PHE D 697 27.42 -7.72 36.95
CA PHE D 697 27.15 -9.15 36.82
C PHE D 697 26.02 -9.40 35.81
N ARG D 698 25.79 -10.68 35.54
CA ARG D 698 25.01 -11.10 34.39
C ARG D 698 23.56 -11.46 34.76
N SER D 699 23.35 -12.28 35.78
CA SER D 699 22.01 -12.67 36.19
C SER D 699 22.12 -13.42 37.52
N GLY D 700 20.98 -13.94 37.99
CA GLY D 700 20.94 -14.62 39.27
C GLY D 700 21.17 -16.11 39.15
N LYS D 701 21.54 -16.72 40.28
CA LYS D 701 21.86 -18.14 40.36
C LYS D 701 20.87 -18.83 41.27
N LEU D 702 20.56 -20.09 40.96
CA LEU D 702 19.55 -20.83 41.69
C LEU D 702 19.87 -22.32 41.65
N LEU D 703 19.27 -23.04 42.59
CA LEU D 703 19.28 -24.50 42.61
C LEU D 703 17.88 -24.94 42.20
N GLN D 704 17.73 -25.41 40.97
CA GLN D 704 16.43 -25.60 40.36
C GLN D 704 15.97 -27.05 40.34
N VAL D 705 16.88 -28.02 40.25
CA VAL D 705 16.48 -29.41 40.16
C VAL D 705 16.18 -30.00 41.53
N GLY D 706 16.85 -29.52 42.58
CA GLY D 706 16.76 -30.16 43.88
C GLY D 706 17.78 -31.27 44.00
N PHE D 707 17.71 -32.22 43.07
CA PHE D 707 18.70 -33.28 42.99
C PHE D 707 18.80 -33.75 41.54
N THR D 708 20.03 -33.91 41.07
CA THR D 708 20.30 -34.50 39.76
C THR D 708 20.19 -36.01 39.90
N PRO D 709 20.34 -36.76 38.79
CA PRO D 709 20.31 -38.22 38.92
C PRO D 709 21.32 -38.74 39.93
N ASP D 710 22.51 -38.13 39.96
CA ASP D 710 23.44 -38.39 41.05
C ASP D 710 22.95 -37.70 42.32
N GLY D 711 23.42 -38.20 43.47
CA GLY D 711 23.00 -37.65 44.74
C GLY D 711 23.30 -36.17 44.89
N LYS D 712 24.25 -35.66 44.11
CA LYS D 712 24.60 -34.24 44.18
C LYS D 712 23.51 -33.38 43.55
N ASP D 713 23.43 -32.14 44.02
CA ASP D 713 22.52 -31.15 43.45
C ASP D 713 23.28 -30.35 42.39
N ASP D 714 22.67 -29.28 41.88
CA ASP D 714 23.35 -28.45 40.89
C ASP D 714 22.74 -27.06 40.89
N TYR D 715 23.51 -26.11 40.36
CA TYR D 715 23.06 -24.75 40.10
C TYR D 715 23.28 -24.46 38.62
N ARG D 716 22.27 -23.92 37.95
CA ARG D 716 22.29 -23.80 36.49
C ARG D 716 22.25 -22.35 36.02
N TRP D 717 22.62 -21.39 36.85
CA TRP D 717 22.86 -20.03 36.40
C TRP D 717 21.65 -19.48 35.65
N CYS D 718 20.47 -19.75 36.20
CA CYS D 718 19.23 -19.55 35.47
C CYS D 718 18.96 -18.06 35.24
N PHE D 719 17.85 -17.79 34.56
CA PHE D 719 17.38 -16.45 34.26
C PHE D 719 15.86 -16.42 34.35
N ARG D 720 15.32 -15.48 35.12
CA ARG D 720 13.88 -15.48 35.40
C ARG D 720 13.10 -14.54 34.51
N VAL D 721 11.96 -14.99 34.06
CA VAL D 721 11.02 -14.18 33.28
C VAL D 721 9.62 -14.60 33.70
N ASP D 722 8.92 -13.71 34.41
CA ASP D 722 7.57 -14.02 34.86
C ASP D 722 6.58 -13.98 33.71
N GLU D 723 5.58 -14.85 33.77
CA GLU D 723 4.56 -14.95 32.74
C GLU D 723 3.20 -15.14 33.39
N VAL D 724 2.17 -14.64 32.72
CA VAL D 724 0.79 -14.74 33.20
C VAL D 724 -0.08 -15.22 32.05
N ASN D 725 -0.98 -16.16 32.35
CA ASN D 725 -1.88 -16.71 31.33
C ASN D 725 -3.18 -17.09 32.02
N TRP D 726 -4.30 -16.90 31.34
CA TRP D 726 -5.63 -17.24 31.85
C TRP D 726 -6.07 -18.62 31.33
N THR D 727 -6.04 -18.77 30.02
CA THR D 727 -6.40 -20.05 29.39
C THR D 727 -5.40 -21.11 29.85
N THR D 728 -5.67 -22.39 29.64
CA THR D 728 -4.72 -23.48 29.92
C THR D 728 -4.38 -23.40 31.41
N TRP D 729 -5.35 -23.67 32.26
CA TRP D 729 -5.12 -23.71 33.70
C TRP D 729 -4.20 -24.86 34.07
#